data_2VIL
#
_entry.id   2VIL
#
_cell.length_a   1.000
_cell.length_b   1.000
_cell.length_c   1.000
_cell.angle_alpha   90.00
_cell.angle_beta   90.00
_cell.angle_gamma   90.00
#
_symmetry.space_group_name_H-M   'P 1'
#
_entity_poly.entity_id   1
_entity_poly.type   'polypeptide(L)'
_entity_poly.pdbx_seq_one_letter_code
;VELSKKVTGKLDKTTPGIQIWRIENMEMVPVPTKSYGNFYEGDCYVLLSTRKTGSGFSYNIHYWLGKNSSQDEQGAAAIY
TTQMDEYLGSVAVQHREVQGHESETFRAYFKQGLIYKQGGVASGMK
;
_entity_poly.pdbx_strand_id   A
#
# COMPACT_ATOMS: atom_id res chain seq x y z
N VAL A 1 -11.07 -0.46 -6.68
CA VAL A 1 -11.71 -0.40 -5.33
C VAL A 1 -11.91 -1.82 -4.81
N GLU A 2 -11.77 -2.01 -3.53
CA GLU A 2 -11.96 -3.37 -2.95
C GLU A 2 -10.87 -4.30 -3.48
N LEU A 3 -9.63 -4.06 -3.14
CA LEU A 3 -8.53 -4.94 -3.63
C LEU A 3 -8.95 -6.40 -3.48
N SER A 4 -9.58 -6.75 -2.40
CA SER A 4 -10.01 -8.16 -2.20
C SER A 4 -10.59 -8.71 -3.50
N LYS A 5 -10.47 -10.00 -3.72
CA LYS A 5 -11.01 -10.60 -4.97
C LYS A 5 -10.03 -10.38 -6.13
N LYS A 6 -9.93 -9.17 -6.61
CA LYS A 6 -9.00 -8.89 -7.74
C LYS A 6 -7.61 -8.55 -7.19
N VAL A 7 -7.36 -8.82 -5.94
CA VAL A 7 -6.03 -8.50 -5.36
C VAL A 7 -5.78 -9.38 -4.13
N THR A 8 -6.42 -9.09 -3.04
CA THR A 8 -6.22 -9.91 -1.81
C THR A 8 -6.35 -11.39 -2.16
N GLY A 9 -7.04 -11.70 -3.23
CA GLY A 9 -7.21 -13.13 -3.62
C GLY A 9 -6.06 -13.54 -4.55
N LYS A 10 -4.90 -12.99 -4.35
CA LYS A 10 -3.74 -13.36 -5.21
C LYS A 10 -2.63 -12.32 -5.04
N LEU A 11 -2.31 -11.97 -3.82
CA LEU A 11 -1.23 -10.97 -3.60
C LEU A 11 0.12 -11.58 -3.99
N ASP A 12 1.17 -11.19 -3.34
CA ASP A 12 2.51 -11.75 -3.68
C ASP A 12 2.70 -13.10 -2.98
N LYS A 13 2.89 -14.15 -3.72
CA LYS A 13 3.07 -15.48 -3.08
C LYS A 13 4.40 -16.09 -3.53
N THR A 14 5.03 -15.52 -4.52
CA THR A 14 6.33 -16.06 -4.99
C THR A 14 7.07 -14.99 -5.80
N THR A 15 7.54 -13.96 -5.15
CA THR A 15 8.27 -12.89 -5.86
C THR A 15 8.82 -11.88 -4.85
N PRO A 16 10.11 -11.65 -4.88
CA PRO A 16 10.76 -10.72 -3.95
C PRO A 16 10.54 -9.27 -4.41
N GLY A 17 9.69 -8.56 -3.73
CA GLY A 17 9.41 -7.14 -4.12
C GLY A 17 8.27 -6.59 -3.26
N ILE A 18 7.94 -5.34 -3.43
CA ILE A 18 6.83 -4.76 -2.61
C ILE A 18 5.77 -4.15 -3.54
N GLN A 19 4.53 -4.43 -3.27
CA GLN A 19 3.44 -3.86 -4.11
C GLN A 19 2.63 -2.86 -3.28
N ILE A 20 2.23 -1.77 -3.85
CA ILE A 20 1.45 -0.78 -3.05
C ILE A 20 0.03 -0.67 -3.62
N TRP A 21 -0.76 0.18 -3.03
CA TRP A 21 -2.15 0.38 -3.53
C TRP A 21 -2.48 1.85 -3.42
N ARG A 22 -2.77 2.50 -4.52
CA ARG A 22 -3.07 3.94 -4.46
C ARG A 22 -4.50 4.17 -3.96
N ILE A 23 -4.64 5.00 -2.97
CA ILE A 23 -5.99 5.31 -2.41
C ILE A 23 -6.47 6.60 -3.06
N GLU A 24 -6.28 6.71 -4.35
CA GLU A 24 -6.70 7.94 -5.08
C GLU A 24 -8.23 8.02 -5.15
N ASN A 25 -8.74 9.16 -5.55
CA ASN A 25 -10.22 9.32 -5.63
C ASN A 25 -10.86 8.80 -4.35
N MET A 26 -10.11 8.79 -3.27
CA MET A 26 -10.67 8.30 -1.99
C MET A 26 -11.16 6.87 -2.16
N GLU A 27 -10.34 6.01 -2.70
CA GLU A 27 -10.77 4.58 -2.89
C GLU A 27 -9.54 3.68 -2.76
N MET A 28 -9.11 3.06 -3.83
CA MET A 28 -7.92 2.16 -3.74
C MET A 28 -7.62 1.54 -5.10
N VAL A 29 -6.39 1.19 -5.34
CA VAL A 29 -6.02 0.58 -6.65
C VAL A 29 -4.70 -0.17 -6.48
N PRO A 30 -4.54 -1.24 -7.21
CA PRO A 30 -3.33 -2.09 -7.14
C PRO A 30 -2.13 -1.41 -7.83
N VAL A 31 -1.33 -0.72 -7.07
CA VAL A 31 -0.12 -0.06 -7.67
C VAL A 31 0.96 -1.13 -7.92
N PRO A 32 1.25 -1.36 -9.18
CA PRO A 32 2.26 -2.35 -9.58
C PRO A 32 3.67 -1.78 -9.42
N THR A 33 4.64 -2.39 -10.07
CA THR A 33 6.04 -1.87 -9.97
C THR A 33 6.27 -0.82 -11.04
N LYS A 34 5.30 -0.59 -11.88
CA LYS A 34 5.48 0.42 -12.95
C LYS A 34 5.08 1.80 -12.42
N SER A 35 4.82 1.93 -11.15
CA SER A 35 4.42 3.25 -10.59
C SER A 35 4.66 3.28 -9.08
N TYR A 36 5.50 2.41 -8.58
CA TYR A 36 5.76 2.40 -7.11
C TYR A 36 6.93 3.35 -6.79
N GLY A 37 7.07 4.41 -7.55
CA GLY A 37 8.18 5.36 -7.29
C GLY A 37 7.62 6.76 -7.06
N ASN A 38 6.35 6.96 -7.30
CA ASN A 38 5.75 8.30 -7.09
C ASN A 38 4.29 8.15 -6.66
N PHE A 39 4.01 8.30 -5.40
CA PHE A 39 2.60 8.17 -4.93
C PHE A 39 2.14 9.52 -4.35
N TYR A 40 0.99 9.98 -4.76
CA TYR A 40 0.49 11.30 -4.27
C TYR A 40 0.82 11.47 -2.78
N GLU A 41 0.92 12.69 -2.32
CA GLU A 41 1.24 12.92 -0.89
C GLU A 41 -0.04 13.02 -0.07
N GLY A 42 -0.99 13.77 -0.54
CA GLY A 42 -2.25 13.91 0.24
C GLY A 42 -3.18 12.73 -0.05
N ASP A 43 -2.82 11.55 0.38
CA ASP A 43 -3.70 10.37 0.13
C ASP A 43 -3.31 9.20 1.05
N CYS A 44 -3.50 8.00 0.58
CA CYS A 44 -3.16 6.79 1.38
C CYS A 44 -2.63 5.71 0.42
N TYR A 45 -1.61 5.00 0.82
CA TYR A 45 -1.05 3.96 -0.09
C TYR A 45 -0.74 2.69 0.70
N VAL A 46 -1.51 1.65 0.49
CA VAL A 46 -1.24 0.38 1.23
C VAL A 46 -0.06 -0.32 0.57
N LEU A 47 0.90 -0.75 1.33
CA LEU A 47 2.08 -1.42 0.73
C LEU A 47 2.09 -2.89 1.13
N LEU A 48 2.84 -3.71 0.45
CA LEU A 48 2.87 -5.17 0.79
C LEU A 48 4.21 -5.76 0.35
N SER A 49 5.17 -5.77 1.24
CA SER A 49 6.51 -6.32 0.88
C SER A 49 6.48 -7.85 0.98
N THR A 50 7.26 -8.50 0.17
CA THR A 50 7.28 -9.99 0.20
C THR A 50 8.73 -10.46 0.01
N ARG A 51 9.27 -11.13 1.00
CA ARG A 51 10.68 -11.62 0.87
C ARG A 51 10.68 -13.14 0.83
N LYS A 52 11.83 -13.74 0.62
CA LYS A 52 11.90 -15.23 0.56
C LYS A 52 12.59 -15.75 1.82
N THR A 53 12.36 -16.99 2.17
CA THR A 53 13.01 -17.55 3.39
C THR A 53 13.28 -19.05 3.17
N GLY A 54 13.67 -19.74 4.19
CA GLY A 54 13.95 -21.19 4.05
C GLY A 54 12.64 -21.99 4.16
N SER A 55 11.54 -21.31 4.16
CA SER A 55 10.23 -22.03 4.27
C SER A 55 9.26 -21.47 3.22
N GLY A 56 9.05 -20.18 3.21
CA GLY A 56 8.12 -19.58 2.22
C GLY A 56 8.45 -18.10 2.04
N PHE A 57 7.45 -17.26 2.01
CA PHE A 57 7.71 -15.80 1.84
C PHE A 57 7.18 -15.04 3.05
N SER A 58 7.86 -14.00 3.45
CA SER A 58 7.40 -13.20 4.61
C SER A 58 6.70 -11.94 4.09
N TYR A 59 5.40 -11.87 4.18
CA TYR A 59 4.69 -10.68 3.67
C TYR A 59 4.67 -9.58 4.75
N ASN A 60 4.51 -8.35 4.31
CA ASN A 60 4.47 -7.21 5.26
C ASN A 60 3.47 -6.19 4.73
N ILE A 61 2.30 -6.15 5.30
CA ILE A 61 1.27 -5.20 4.81
C ILE A 61 1.34 -3.89 5.59
N HIS A 62 1.73 -2.83 4.93
CA HIS A 62 1.83 -1.52 5.60
C HIS A 62 0.67 -0.64 5.16
N TYR A 63 0.46 0.44 5.84
CA TYR A 63 -0.64 1.34 5.40
C TYR A 63 -0.18 2.80 5.49
N TRP A 64 0.09 3.39 4.36
CA TRP A 64 0.55 4.80 4.32
C TRP A 64 -0.65 5.72 4.41
N LEU A 65 -0.60 6.70 5.26
CA LEU A 65 -1.77 7.61 5.41
C LEU A 65 -1.37 9.05 5.07
N GLY A 66 -1.03 9.33 3.84
CA GLY A 66 -0.67 10.73 3.48
C GLY A 66 -1.78 11.66 3.99
N LYS A 67 -1.61 12.15 5.20
CA LYS A 67 -2.63 13.02 5.86
C LYS A 67 -3.30 13.97 4.89
N ASN A 68 -4.34 13.51 4.28
CA ASN A 68 -5.10 14.36 3.33
C ASN A 68 -6.48 13.75 3.12
N SER A 69 -6.52 12.45 2.94
CA SER A 69 -7.82 11.76 2.72
C SER A 69 -8.74 11.99 3.92
N SER A 70 -9.98 11.66 3.81
CA SER A 70 -10.92 11.86 4.96
C SER A 70 -10.63 10.81 6.03
N GLN A 71 -11.21 10.97 7.19
CA GLN A 71 -10.97 9.98 8.28
C GLN A 71 -11.29 8.56 7.77
N ASP A 72 -12.44 8.38 7.19
CA ASP A 72 -12.79 7.03 6.68
C ASP A 72 -11.72 6.55 5.72
N GLU A 73 -11.20 7.42 4.89
CA GLU A 73 -10.14 6.99 3.94
C GLU A 73 -8.99 6.37 4.74
N GLN A 74 -8.67 6.93 5.88
CA GLN A 74 -7.59 6.34 6.70
C GLN A 74 -8.03 4.94 7.13
N GLY A 75 -9.31 4.77 7.36
CA GLY A 75 -9.82 3.43 7.76
C GLY A 75 -10.02 2.56 6.52
N ALA A 76 -9.94 3.15 5.36
CA ALA A 76 -10.12 2.35 4.12
C ALA A 76 -8.78 1.71 3.74
N ALA A 77 -7.72 2.47 3.80
CA ALA A 77 -6.40 1.90 3.46
C ALA A 77 -5.95 0.95 4.57
N ALA A 78 -6.09 1.37 5.81
CA ALA A 78 -5.68 0.49 6.94
C ALA A 78 -6.56 -0.76 6.95
N ILE A 79 -7.82 -0.61 6.67
CA ILE A 79 -8.73 -1.80 6.65
C ILE A 79 -8.31 -2.73 5.53
N TYR A 80 -7.97 -2.20 4.38
CA TYR A 80 -7.54 -3.09 3.27
C TYR A 80 -6.29 -3.84 3.70
N THR A 81 -5.51 -3.25 4.56
CA THR A 81 -4.27 -3.93 5.04
C THR A 81 -4.67 -5.01 6.05
N THR A 82 -5.79 -4.84 6.68
CA THR A 82 -6.25 -5.83 7.68
C THR A 82 -6.92 -7.00 6.95
N GLN A 83 -7.47 -6.76 5.79
CA GLN A 83 -8.14 -7.85 5.03
C GLN A 83 -7.08 -8.72 4.36
N MET A 84 -6.02 -8.12 3.88
CA MET A 84 -4.96 -8.93 3.21
C MET A 84 -4.03 -9.55 4.25
N ASP A 85 -4.19 -9.16 5.50
CA ASP A 85 -3.33 -9.74 6.56
C ASP A 85 -3.78 -11.17 6.88
N GLU A 86 -5.07 -11.39 6.94
CA GLU A 86 -5.57 -12.76 7.23
C GLU A 86 -5.76 -13.53 5.92
N TYR A 87 -6.04 -12.83 4.86
CA TYR A 87 -6.24 -13.52 3.55
C TYR A 87 -4.90 -14.05 3.04
N LEU A 88 -3.83 -13.37 3.35
CA LEU A 88 -2.49 -13.83 2.88
C LEU A 88 -2.14 -15.16 3.56
N GLY A 89 -2.74 -15.44 4.69
CA GLY A 89 -2.44 -16.71 5.39
C GLY A 89 -1.91 -16.42 6.80
N SER A 90 -2.08 -15.21 7.26
CA SER A 90 -1.58 -14.85 8.62
C SER A 90 -0.05 -14.78 8.61
N VAL A 91 0.55 -14.94 7.46
CA VAL A 91 2.04 -14.88 7.39
C VAL A 91 2.47 -13.42 7.18
N ALA A 92 1.59 -12.59 6.72
CA ALA A 92 1.95 -11.17 6.49
C ALA A 92 1.97 -10.42 7.83
N VAL A 93 2.48 -9.22 7.83
CA VAL A 93 2.53 -8.44 9.10
C VAL A 93 1.75 -7.13 8.92
N GLN A 94 1.74 -6.28 9.91
CA GLN A 94 1.01 -5.00 9.77
C GLN A 94 1.95 -3.86 10.15
N HIS A 95 1.90 -2.77 9.44
CA HIS A 95 2.80 -1.63 9.76
C HIS A 95 2.06 -0.30 9.57
N ARG A 96 2.43 0.70 10.31
CA ARG A 96 1.73 2.01 10.18
C ARG A 96 2.65 3.04 9.53
N GLU A 97 2.11 3.87 8.68
CA GLU A 97 2.94 4.91 8.01
C GLU A 97 2.07 6.15 7.74
N VAL A 98 2.70 7.26 7.46
CA VAL A 98 1.92 8.51 7.21
C VAL A 98 2.76 9.46 6.35
N GLN A 99 2.29 10.65 6.10
CA GLN A 99 3.08 11.61 5.27
C GLN A 99 4.32 12.07 6.03
N GLY A 100 4.46 11.63 7.24
CA GLY A 100 5.65 12.01 8.06
C GLY A 100 6.05 10.82 8.91
N HIS A 101 5.56 9.65 8.58
CA HIS A 101 5.89 8.43 9.38
C HIS A 101 6.54 7.38 8.47
N GLU A 102 6.40 7.54 7.17
CA GLU A 102 7.00 6.56 6.23
C GLU A 102 8.42 7.00 5.86
N SER A 103 9.04 7.77 6.72
CA SER A 103 10.41 8.27 6.44
C SER A 103 11.35 7.13 5.99
N GLU A 104 12.27 6.73 6.83
CA GLU A 104 13.22 5.65 6.42
C GLU A 104 12.50 4.31 6.24
N THR A 105 11.32 4.18 6.76
CA THR A 105 10.59 2.89 6.62
C THR A 105 10.11 2.73 5.17
N PHE A 106 9.38 3.69 4.66
CA PHE A 106 8.90 3.57 3.27
C PHE A 106 10.13 3.57 2.36
N ARG A 107 10.93 4.59 2.42
CA ARG A 107 12.15 4.63 1.58
C ARG A 107 12.95 3.35 1.80
N ALA A 108 12.86 2.78 2.97
CA ALA A 108 13.61 1.52 3.24
C ALA A 108 13.17 0.46 2.23
N TYR A 109 11.88 0.35 2.00
CA TYR A 109 11.39 -0.65 1.02
C TYR A 109 11.62 -0.14 -0.40
N PHE A 110 11.92 1.13 -0.55
CA PHE A 110 12.16 1.70 -1.90
C PHE A 110 13.61 2.19 -2.00
N LYS A 111 14.49 1.40 -2.54
CA LYS A 111 15.90 1.84 -2.66
C LYS A 111 16.07 2.69 -3.92
N GLN A 112 15.58 3.89 -3.90
CA GLN A 112 15.71 4.77 -5.10
C GLN A 112 15.25 6.19 -4.76
N GLY A 113 13.96 6.43 -4.75
CA GLY A 113 13.46 7.79 -4.43
C GLY A 113 11.93 7.79 -4.50
N LEU A 114 11.29 8.32 -3.50
CA LEU A 114 9.80 8.34 -3.50
C LEU A 114 9.29 9.74 -3.84
N ILE A 115 8.31 9.83 -4.70
CA ILE A 115 7.76 11.16 -5.07
C ILE A 115 6.39 11.34 -4.43
N TYR A 116 5.89 12.54 -4.40
CA TYR A 116 4.54 12.75 -3.80
C TYR A 116 3.78 13.80 -4.62
N LYS A 117 2.86 13.35 -5.43
CA LYS A 117 2.09 14.31 -6.28
C LYS A 117 0.94 14.90 -5.46
N GLN A 118 -0.09 15.35 -6.12
CA GLN A 118 -1.24 15.95 -5.38
C GLN A 118 -2.28 14.86 -5.09
N GLY A 119 -3.36 15.21 -4.44
CA GLY A 119 -4.40 14.19 -4.13
C GLY A 119 -5.68 14.51 -4.92
N GLY A 120 -6.77 13.85 -4.61
CA GLY A 120 -8.03 14.12 -5.35
C GLY A 120 -7.73 14.24 -6.85
N VAL A 121 -7.68 13.14 -7.54
CA VAL A 121 -7.40 13.20 -9.01
C VAL A 121 -8.71 13.36 -9.78
N ALA A 122 -9.77 13.68 -9.08
CA ALA A 122 -11.08 13.85 -9.75
C ALA A 122 -11.15 15.24 -10.38
N SER A 123 -10.37 16.17 -9.89
CA SER A 123 -10.39 17.54 -10.46
C SER A 123 -11.83 18.00 -10.65
N GLY A 124 -12.74 17.46 -9.88
CA GLY A 124 -14.17 17.86 -10.01
C GLY A 124 -14.67 18.41 -8.68
N MET A 125 -13.78 18.68 -7.76
CA MET A 125 -14.20 19.22 -6.44
C MET A 125 -13.72 20.65 -6.30
N LYS A 126 -13.54 21.12 -5.09
CA LYS A 126 -13.06 22.51 -4.88
C LYS A 126 -11.56 22.50 -4.58
N VAL A 1 -12.34 -0.13 -5.76
CA VAL A 1 -13.52 -0.31 -4.86
C VAL A 1 -13.68 -1.78 -4.51
N GLU A 2 -12.60 -2.51 -4.47
CA GLU A 2 -12.70 -3.97 -4.14
C GLU A 2 -11.32 -4.62 -4.31
N LEU A 3 -10.34 -4.16 -3.58
CA LEU A 3 -8.98 -4.76 -3.70
C LEU A 3 -9.03 -6.23 -3.26
N SER A 4 -10.11 -6.65 -2.67
CA SER A 4 -10.21 -8.07 -2.22
C SER A 4 -10.43 -8.97 -3.44
N LYS A 5 -9.98 -10.20 -3.36
CA LYS A 5 -10.17 -11.15 -4.51
C LYS A 5 -9.10 -10.88 -5.58
N LYS A 6 -9.22 -9.79 -6.29
CA LYS A 6 -8.22 -9.48 -7.35
C LYS A 6 -6.86 -9.23 -6.71
N VAL A 7 -6.81 -9.11 -5.42
CA VAL A 7 -5.50 -8.86 -4.74
C VAL A 7 -5.25 -9.95 -3.69
N THR A 8 -5.99 -9.92 -2.61
CA THR A 8 -5.80 -10.94 -1.54
C THR A 8 -5.82 -12.34 -2.17
N GLY A 9 -6.40 -12.47 -3.33
CA GLY A 9 -6.46 -13.81 -3.99
C GLY A 9 -5.11 -14.52 -3.86
N LYS A 10 -4.03 -13.79 -4.04
CA LYS A 10 -2.69 -14.42 -3.92
C LYS A 10 -1.65 -13.36 -3.56
N LEU A 11 -1.77 -12.18 -4.11
CA LEU A 11 -0.78 -11.12 -3.80
C LEU A 11 0.60 -11.54 -4.32
N ASP A 12 1.65 -11.19 -3.62
CA ASP A 12 3.02 -11.58 -4.09
C ASP A 12 3.37 -12.96 -3.53
N LYS A 13 3.19 -14.00 -4.32
CA LYS A 13 3.53 -15.36 -3.83
C LYS A 13 4.88 -15.80 -4.39
N THR A 14 5.46 -14.99 -5.24
CA THR A 14 6.78 -15.37 -5.82
C THR A 14 7.47 -14.11 -6.36
N THR A 15 7.54 -13.08 -5.57
CA THR A 15 8.20 -11.83 -6.03
C THR A 15 8.77 -11.09 -4.82
N PRO A 16 10.07 -11.15 -4.67
CA PRO A 16 10.77 -10.49 -3.55
C PRO A 16 10.86 -8.98 -3.79
N GLY A 17 9.85 -8.26 -3.39
CA GLY A 17 9.87 -6.78 -3.60
C GLY A 17 8.69 -6.16 -2.84
N ILE A 18 7.95 -5.29 -3.47
CA ILE A 18 6.80 -4.66 -2.77
C ILE A 18 5.77 -4.16 -3.78
N GLN A 19 4.52 -4.38 -3.51
CA GLN A 19 3.45 -3.90 -4.43
C GLN A 19 2.57 -2.93 -3.64
N ILE A 20 2.55 -1.68 -3.99
CA ILE A 20 1.72 -0.72 -3.22
C ILE A 20 0.33 -0.64 -3.82
N TRP A 21 -0.54 0.10 -3.20
CA TRP A 21 -1.91 0.27 -3.74
C TRP A 21 -2.27 1.74 -3.60
N ARG A 22 -2.54 2.41 -4.68
CA ARG A 22 -2.84 3.86 -4.59
C ARG A 22 -4.28 4.09 -4.15
N ILE A 23 -4.46 4.92 -3.16
CA ILE A 23 -5.82 5.24 -2.66
C ILE A 23 -6.30 6.51 -3.36
N GLU A 24 -5.95 6.64 -4.62
CA GLU A 24 -6.34 7.84 -5.43
C GLU A 24 -7.82 8.16 -5.25
N ASN A 25 -8.17 9.42 -5.33
CA ASN A 25 -9.61 9.81 -5.17
C ASN A 25 -10.18 9.07 -3.97
N MET A 26 -9.35 8.72 -3.02
CA MET A 26 -9.84 8.01 -1.82
C MET A 26 -10.40 6.65 -2.23
N GLU A 27 -9.62 5.89 -2.96
CA GLU A 27 -10.07 4.54 -3.40
C GLU A 27 -8.84 3.68 -3.64
N MET A 28 -8.75 2.56 -2.97
CA MET A 28 -7.56 1.69 -3.14
C MET A 28 -7.39 1.31 -4.61
N VAL A 29 -6.17 1.19 -5.04
CA VAL A 29 -5.89 0.82 -6.46
C VAL A 29 -4.57 0.04 -6.49
N PRO A 30 -4.45 -0.85 -7.44
CA PRO A 30 -3.24 -1.68 -7.60
C PRO A 30 -2.05 -0.87 -8.13
N VAL A 31 -1.04 -0.71 -7.33
CA VAL A 31 0.18 0.04 -7.76
C VAL A 31 1.36 -0.94 -7.88
N PRO A 32 1.53 -1.46 -9.07
CA PRO A 32 2.61 -2.42 -9.37
C PRO A 32 3.94 -1.68 -9.51
N THR A 33 4.89 -2.26 -10.20
CA THR A 33 6.21 -1.59 -10.36
C THR A 33 6.07 -0.45 -11.38
N LYS A 34 5.09 -0.54 -12.24
CA LYS A 34 4.91 0.53 -13.26
C LYS A 34 4.16 1.70 -12.64
N SER A 35 3.95 1.68 -11.36
CA SER A 35 3.21 2.80 -10.70
C SER A 35 4.02 3.31 -9.51
N TYR A 36 4.55 2.44 -8.69
CA TYR A 36 5.34 2.90 -7.51
C TYR A 36 6.30 4.01 -7.95
N GLY A 37 6.75 4.81 -7.02
CA GLY A 37 7.69 5.91 -7.39
C GLY A 37 7.01 7.26 -7.18
N ASN A 38 5.81 7.41 -7.68
CA ASN A 38 5.10 8.71 -7.50
C ASN A 38 3.76 8.49 -6.81
N PHE A 39 3.72 8.62 -5.51
CA PHE A 39 2.44 8.43 -4.77
C PHE A 39 1.98 9.76 -4.17
N TYR A 40 0.81 10.20 -4.55
CA TYR A 40 0.28 11.49 -4.04
C TYR A 40 0.62 11.67 -2.56
N GLU A 41 1.13 12.82 -2.19
CA GLU A 41 1.47 13.07 -0.76
C GLU A 41 0.26 13.68 -0.06
N GLY A 42 -0.85 13.02 -0.12
CA GLY A 42 -2.08 13.56 0.53
C GLY A 42 -3.20 12.53 0.37
N ASP A 43 -2.93 11.29 0.67
CA ASP A 43 -4.00 10.25 0.55
C ASP A 43 -3.58 9.01 1.35
N CYS A 44 -3.62 7.84 0.74
CA CYS A 44 -3.24 6.59 1.45
C CYS A 44 -2.64 5.60 0.44
N TYR A 45 -1.67 4.83 0.85
CA TYR A 45 -1.05 3.86 -0.09
C TYR A 45 -0.70 2.56 0.65
N VAL A 46 -1.38 1.49 0.36
CA VAL A 46 -1.07 0.20 1.05
C VAL A 46 0.16 -0.42 0.40
N LEU A 47 1.20 -0.69 1.15
CA LEU A 47 2.42 -1.29 0.54
C LEU A 47 2.63 -2.71 1.06
N LEU A 48 2.68 -3.69 0.19
CA LEU A 48 2.87 -5.10 0.64
C LEU A 48 4.29 -5.56 0.31
N SER A 49 5.12 -5.73 1.30
CA SER A 49 6.51 -6.18 1.02
C SER A 49 6.60 -7.69 1.25
N THR A 50 7.21 -8.38 0.33
CA THR A 50 7.33 -9.86 0.46
C THR A 50 8.78 -10.27 0.28
N ARG A 51 9.23 -11.25 1.01
CA ARG A 51 10.66 -11.69 0.88
C ARG A 51 10.72 -13.22 0.97
N LYS A 52 11.76 -13.81 0.43
CA LYS A 52 11.87 -15.30 0.49
C LYS A 52 12.25 -15.72 1.90
N THR A 53 12.01 -16.96 2.25
CA THR A 53 12.36 -17.44 3.61
C THR A 53 12.60 -18.95 3.58
N GLY A 54 12.77 -19.56 4.73
CA GLY A 54 13.01 -21.02 4.76
C GLY A 54 11.66 -21.76 4.84
N SER A 55 10.72 -21.21 5.54
CA SER A 55 9.39 -21.87 5.65
C SER A 55 8.55 -21.54 4.42
N GLY A 56 8.82 -20.43 3.79
CA GLY A 56 8.03 -20.04 2.59
C GLY A 56 8.29 -18.58 2.25
N PHE A 57 7.28 -17.76 2.30
CA PHE A 57 7.46 -16.31 1.98
C PHE A 57 7.19 -15.48 3.23
N SER A 58 7.53 -14.22 3.19
CA SER A 58 7.28 -13.33 4.36
C SER A 58 6.65 -12.03 3.87
N TYR A 59 5.38 -11.83 4.14
CA TYR A 59 4.71 -10.59 3.68
C TYR A 59 4.78 -9.51 4.75
N ASN A 60 4.43 -8.32 4.38
CA ASN A 60 4.46 -7.18 5.34
C ASN A 60 3.54 -6.09 4.82
N ILE A 61 2.27 -6.14 5.15
CA ILE A 61 1.32 -5.12 4.64
C ILE A 61 1.50 -3.81 5.40
N HIS A 62 1.49 -2.72 4.69
CA HIS A 62 1.66 -1.39 5.33
C HIS A 62 0.48 -0.51 4.97
N TYR A 63 0.23 0.51 5.72
CA TYR A 63 -0.86 1.42 5.34
C TYR A 63 -0.38 2.86 5.46
N TRP A 64 0.00 3.41 4.33
CA TRP A 64 0.49 4.81 4.29
C TRP A 64 -0.69 5.77 4.38
N LEU A 65 -0.59 6.76 5.23
CA LEU A 65 -1.72 7.71 5.39
C LEU A 65 -1.32 9.12 4.97
N GLY A 66 -1.01 9.33 3.72
CA GLY A 66 -0.64 10.71 3.27
C GLY A 66 -1.62 11.71 3.88
N LYS A 67 -1.30 12.23 5.03
CA LYS A 67 -2.18 13.17 5.79
C LYS A 67 -2.89 14.18 4.89
N ASN A 68 -4.06 13.82 4.46
CA ASN A 68 -4.87 14.74 3.62
C ASN A 68 -6.32 14.25 3.64
N SER A 69 -6.51 12.97 3.49
CA SER A 69 -7.90 12.42 3.50
C SER A 69 -8.54 12.65 4.87
N SER A 70 -9.47 11.82 5.24
CA SER A 70 -10.13 12.00 6.57
C SER A 70 -9.97 10.72 7.39
N GLN A 71 -10.59 10.65 8.53
CA GLN A 71 -10.47 9.44 9.39
C GLN A 71 -11.01 8.22 8.62
N ASP A 72 -11.99 8.42 7.78
CA ASP A 72 -12.56 7.28 7.02
C ASP A 72 -11.53 6.77 6.02
N GLU A 73 -10.86 7.66 5.32
CA GLU A 73 -9.83 7.19 4.35
C GLU A 73 -8.80 6.36 5.10
N GLN A 74 -8.48 6.74 6.30
CA GLN A 74 -7.50 5.95 7.09
C GLN A 74 -8.12 4.58 7.36
N GLY A 75 -9.41 4.53 7.50
CA GLY A 75 -10.09 3.23 7.75
C GLY A 75 -10.32 2.52 6.41
N ALA A 76 -10.13 3.21 5.31
CA ALA A 76 -10.34 2.56 3.99
C ALA A 76 -9.06 1.83 3.57
N ALA A 77 -7.95 2.51 3.58
CA ALA A 77 -6.68 1.85 3.20
C ALA A 77 -6.27 0.89 4.30
N ALA A 78 -6.51 1.25 5.52
CA ALA A 78 -6.13 0.36 6.66
C ALA A 78 -7.05 -0.86 6.66
N ILE A 79 -8.31 -0.68 6.36
CA ILE A 79 -9.25 -1.84 6.35
C ILE A 79 -8.87 -2.78 5.21
N TYR A 80 -8.59 -2.25 4.04
CA TYR A 80 -8.21 -3.14 2.91
C TYR A 80 -6.94 -3.90 3.31
N THR A 81 -6.11 -3.29 4.10
CA THR A 81 -4.86 -3.97 4.55
C THR A 81 -5.22 -5.02 5.60
N THR A 82 -6.31 -4.81 6.30
CA THR A 82 -6.74 -5.78 7.35
C THR A 82 -7.08 -7.11 6.67
N GLN A 83 -7.91 -7.08 5.66
CA GLN A 83 -8.27 -8.35 4.96
C GLN A 83 -7.03 -8.95 4.30
N MET A 84 -6.20 -8.13 3.73
CA MET A 84 -4.97 -8.66 3.06
C MET A 84 -4.15 -9.47 4.06
N ASP A 85 -4.26 -9.16 5.33
CA ASP A 85 -3.48 -9.92 6.35
C ASP A 85 -4.21 -11.22 6.68
N GLU A 86 -5.52 -11.19 6.71
CA GLU A 86 -6.28 -12.42 7.03
C GLU A 86 -6.43 -13.28 5.77
N TYR A 87 -5.92 -12.83 4.66
CA TYR A 87 -6.03 -13.62 3.40
C TYR A 87 -4.66 -14.19 3.03
N LEU A 88 -3.60 -13.50 3.39
CA LEU A 88 -2.24 -14.00 3.05
C LEU A 88 -1.90 -15.21 3.92
N GLY A 89 -2.77 -15.56 4.83
CA GLY A 89 -2.50 -16.73 5.71
C GLY A 89 -1.95 -16.25 7.05
N SER A 90 -2.22 -15.02 7.40
CA SER A 90 -1.72 -14.50 8.71
C SER A 90 -0.19 -14.46 8.69
N VAL A 91 0.41 -14.67 7.54
CA VAL A 91 1.90 -14.64 7.47
C VAL A 91 2.37 -13.20 7.27
N ALA A 92 1.55 -12.38 6.66
CA ALA A 92 1.95 -10.96 6.43
C ALA A 92 1.90 -10.20 7.75
N VAL A 93 2.37 -8.98 7.75
CA VAL A 93 2.34 -8.18 9.01
C VAL A 93 1.62 -6.86 8.75
N GLN A 94 1.47 -6.03 9.75
CA GLN A 94 0.77 -4.75 9.53
C GLN A 94 1.68 -3.61 9.99
N HIS A 95 1.84 -2.59 9.18
CA HIS A 95 2.73 -1.46 9.56
C HIS A 95 1.96 -0.14 9.46
N ARG A 96 2.35 0.83 10.25
CA ARG A 96 1.64 2.15 10.22
C ARG A 96 2.54 3.22 9.58
N GLU A 97 2.03 3.96 8.64
CA GLU A 97 2.85 5.03 8.01
C GLU A 97 1.96 6.25 7.73
N VAL A 98 2.57 7.38 7.48
CA VAL A 98 1.78 8.62 7.22
C VAL A 98 2.61 9.56 6.34
N GLN A 99 2.27 10.84 6.31
CA GLN A 99 3.06 11.79 5.48
C GLN A 99 4.35 12.16 6.21
N GLY A 100 4.59 11.55 7.33
CA GLY A 100 5.83 11.83 8.11
C GLY A 100 6.13 10.61 8.96
N HIS A 101 5.63 9.47 8.57
CA HIS A 101 5.86 8.23 9.35
C HIS A 101 6.47 7.16 8.44
N GLU A 102 6.36 7.33 7.15
CA GLU A 102 6.93 6.33 6.20
C GLU A 102 8.39 6.69 5.88
N SER A 103 9.07 7.30 6.81
CA SER A 103 10.49 7.71 6.56
C SER A 103 11.35 6.49 6.19
N GLU A 104 12.46 6.30 6.88
CA GLU A 104 13.37 5.15 6.55
C GLU A 104 12.58 3.89 6.21
N THR A 105 11.37 3.76 6.68
CA THR A 105 10.58 2.53 6.38
C THR A 105 10.15 2.52 4.92
N PHE A 106 9.31 3.44 4.52
CA PHE A 106 8.84 3.46 3.10
C PHE A 106 10.07 3.54 2.20
N ARG A 107 10.95 4.47 2.47
CA ARG A 107 12.17 4.58 1.64
C ARG A 107 12.99 3.29 1.74
N ALA A 108 12.90 2.62 2.86
CA ALA A 108 13.65 1.34 3.01
C ALA A 108 13.20 0.38 1.92
N TYR A 109 11.95 0.42 1.58
CA TYR A 109 11.44 -0.48 0.51
C TYR A 109 11.60 0.20 -0.85
N PHE A 110 11.89 1.49 -0.84
CA PHE A 110 12.07 2.21 -2.13
C PHE A 110 13.52 2.66 -2.26
N LYS A 111 14.31 1.92 -2.97
CA LYS A 111 15.74 2.30 -3.14
C LYS A 111 15.85 3.48 -4.11
N GLN A 112 15.65 4.68 -3.64
CA GLN A 112 15.73 5.87 -4.53
C GLN A 112 14.45 6.00 -5.34
N GLY A 113 13.41 6.51 -4.74
CA GLY A 113 12.12 6.66 -5.49
C GLY A 113 11.00 7.00 -4.51
N LEU A 114 11.01 8.20 -3.97
CA LEU A 114 9.94 8.58 -3.01
C LEU A 114 9.28 9.89 -3.46
N ILE A 115 8.78 9.93 -4.66
CA ILE A 115 8.13 11.18 -5.15
C ILE A 115 6.70 11.24 -4.61
N TYR A 116 6.07 12.37 -4.69
CA TYR A 116 4.67 12.49 -4.20
C TYR A 116 3.91 13.47 -5.09
N LYS A 117 3.02 12.99 -5.91
CA LYS A 117 2.25 13.90 -6.79
C LYS A 117 1.12 14.54 -5.98
N GLN A 118 0.17 15.16 -6.63
CA GLN A 118 -0.95 15.80 -5.88
C GLN A 118 -2.05 14.77 -5.61
N GLY A 119 -2.87 15.01 -4.62
CA GLY A 119 -3.97 14.05 -4.30
C GLY A 119 -5.26 14.51 -4.99
N GLY A 120 -6.38 13.96 -4.59
CA GLY A 120 -7.67 14.37 -5.23
C GLY A 120 -7.49 14.47 -6.74
N VAL A 121 -7.40 13.34 -7.41
CA VAL A 121 -7.22 13.37 -8.89
C VAL A 121 -8.58 13.53 -9.58
N ALA A 122 -9.59 13.76 -8.80
CA ALA A 122 -10.95 13.93 -9.38
C ALA A 122 -11.06 15.29 -10.06
N SER A 123 -11.10 16.35 -9.29
CA SER A 123 -11.20 17.71 -9.88
C SER A 123 -12.58 17.88 -10.53
N GLY A 124 -13.47 16.95 -10.29
CA GLY A 124 -14.84 17.06 -10.87
C GLY A 124 -15.76 16.04 -10.21
N MET A 125 -15.47 15.66 -9.00
CA MET A 125 -16.35 14.68 -8.28
C MET A 125 -16.30 14.94 -6.78
N LYS A 126 -15.17 14.72 -6.17
CA LYS A 126 -15.07 14.96 -4.69
C LYS A 126 -13.66 14.61 -4.21
N VAL A 1 -12.52 -1.27 -7.36
CA VAL A 1 -12.57 -1.26 -5.87
C VAL A 1 -12.54 -2.70 -5.35
N GLU A 2 -12.41 -2.88 -4.07
CA GLU A 2 -12.36 -4.26 -3.50
C GLU A 2 -10.95 -4.83 -3.68
N LEU A 3 -10.28 -5.14 -2.60
CA LEU A 3 -8.90 -5.70 -2.71
C LEU A 3 -8.98 -7.22 -2.79
N SER A 4 -10.06 -7.79 -2.33
CA SER A 4 -10.20 -9.28 -2.36
C SER A 4 -10.10 -9.78 -3.80
N LYS A 5 -10.19 -8.90 -4.76
CA LYS A 5 -10.12 -9.35 -6.18
C LYS A 5 -8.79 -8.89 -6.80
N LYS A 6 -8.44 -7.65 -6.62
CA LYS A 6 -7.16 -7.15 -7.20
C LYS A 6 -6.02 -7.34 -6.20
N VAL A 7 -6.16 -8.24 -5.27
CA VAL A 7 -5.07 -8.47 -4.28
C VAL A 7 -5.01 -9.94 -3.90
N THR A 8 -6.04 -10.46 -3.30
CA THR A 8 -6.02 -11.89 -2.90
C THR A 8 -6.03 -12.77 -4.15
N GLY A 9 -6.31 -12.20 -5.29
CA GLY A 9 -6.33 -13.00 -6.55
C GLY A 9 -4.89 -13.32 -6.95
N LYS A 10 -3.94 -12.57 -6.45
CA LYS A 10 -2.52 -12.83 -6.81
C LYS A 10 -1.64 -11.74 -6.18
N LEU A 11 -1.73 -11.56 -4.89
CA LEU A 11 -0.90 -10.51 -4.22
C LEU A 11 0.52 -10.56 -4.77
N ASP A 12 1.18 -11.67 -4.60
CA ASP A 12 2.58 -11.78 -5.12
C ASP A 12 2.96 -13.27 -5.23
N LYS A 13 3.54 -13.82 -4.20
CA LYS A 13 3.93 -15.26 -4.24
C LYS A 13 5.17 -15.42 -5.11
N THR A 14 6.20 -16.03 -4.60
CA THR A 14 7.44 -16.21 -5.40
C THR A 14 7.83 -14.90 -6.07
N THR A 15 7.96 -13.86 -5.29
CA THR A 15 8.35 -12.54 -5.89
C THR A 15 8.72 -11.58 -4.76
N PRO A 16 10.00 -11.39 -4.56
CA PRO A 16 10.52 -10.49 -3.52
C PRO A 16 10.39 -9.03 -3.95
N GLY A 17 9.49 -8.30 -3.34
CA GLY A 17 9.31 -6.86 -3.72
C GLY A 17 8.20 -6.25 -2.87
N ILE A 18 7.42 -5.37 -3.43
CA ILE A 18 6.31 -4.76 -2.64
C ILE A 18 5.24 -4.24 -3.59
N GLN A 19 4.00 -4.39 -3.23
CA GLN A 19 2.89 -3.89 -4.09
C GLN A 19 2.05 -2.91 -3.26
N ILE A 20 2.13 -1.64 -3.57
CA ILE A 20 1.34 -0.65 -2.79
C ILE A 20 -0.07 -0.55 -3.35
N TRP A 21 -0.97 0.06 -2.63
CA TRP A 21 -2.35 0.21 -3.15
C TRP A 21 -2.76 1.68 -3.00
N ARG A 22 -3.11 2.32 -4.08
CA ARG A 22 -3.49 3.76 -3.99
C ARG A 22 -4.92 3.91 -3.47
N ILE A 23 -5.10 4.78 -2.52
CA ILE A 23 -6.45 5.04 -1.95
C ILE A 23 -6.79 6.51 -2.27
N GLU A 24 -6.16 7.04 -3.27
CA GLU A 24 -6.40 8.47 -3.67
C GLU A 24 -7.89 8.69 -3.93
N ASN A 25 -8.28 9.93 -4.11
CA ASN A 25 -9.71 10.23 -4.36
C ASN A 25 -10.58 9.39 -3.41
N MET A 26 -10.04 9.02 -2.28
CA MET A 26 -10.81 8.21 -1.30
C MET A 26 -11.26 6.90 -1.94
N GLU A 27 -10.34 6.11 -2.44
CA GLU A 27 -10.75 4.81 -3.06
C GLU A 27 -9.66 3.77 -2.83
N MET A 28 -9.43 2.90 -3.77
CA MET A 28 -8.38 1.85 -3.60
C MET A 28 -7.90 1.39 -4.97
N VAL A 29 -6.65 1.05 -5.10
CA VAL A 29 -6.14 0.60 -6.43
C VAL A 29 -4.85 -0.19 -6.24
N PRO A 30 -4.62 -1.13 -7.12
CA PRO A 30 -3.43 -1.98 -7.08
C PRO A 30 -2.21 -1.25 -7.65
N VAL A 31 -1.15 -1.18 -6.88
CA VAL A 31 0.10 -0.51 -7.35
C VAL A 31 1.22 -1.54 -7.47
N PRO A 32 1.38 -2.07 -8.66
CA PRO A 32 2.41 -3.08 -8.94
C PRO A 32 3.79 -2.44 -9.04
N THR A 33 4.73 -3.11 -9.68
CA THR A 33 6.10 -2.54 -9.80
C THR A 33 6.14 -1.43 -10.85
N LYS A 34 5.36 -1.55 -11.88
CA LYS A 34 5.38 -0.50 -12.94
C LYS A 34 4.39 0.61 -12.59
N SER A 35 4.19 0.87 -11.32
CA SER A 35 3.24 1.95 -10.94
C SER A 35 3.81 2.76 -9.77
N TYR A 36 4.49 2.11 -8.86
CA TYR A 36 5.06 2.85 -7.70
C TYR A 36 5.97 3.97 -8.20
N GLY A 37 6.45 4.80 -7.32
CA GLY A 37 7.33 5.92 -7.75
C GLY A 37 6.66 7.26 -7.44
N ASN A 38 5.98 7.82 -8.39
CA ASN A 38 5.29 9.12 -8.16
C ASN A 38 3.87 8.86 -7.66
N PHE A 39 3.58 9.20 -6.43
CA PHE A 39 2.21 8.97 -5.90
C PHE A 39 1.78 10.14 -5.02
N TYR A 40 0.52 10.51 -5.08
CA TYR A 40 0.02 11.65 -4.26
C TYR A 40 0.61 11.60 -2.86
N GLU A 41 0.87 12.74 -2.28
CA GLU A 41 1.46 12.76 -0.91
C GLU A 41 0.33 12.83 0.12
N GLY A 42 -0.62 13.69 -0.09
CA GLY A 42 -1.74 13.80 0.88
C GLY A 42 -2.77 12.72 0.59
N ASP A 43 -2.46 11.49 0.91
CA ASP A 43 -3.44 10.39 0.65
C ASP A 43 -3.08 9.16 1.49
N CYS A 44 -3.29 7.98 0.96
CA CYS A 44 -2.96 6.74 1.72
C CYS A 44 -2.32 5.73 0.75
N TYR A 45 -1.64 4.74 1.25
CA TYR A 45 -0.99 3.75 0.34
C TYR A 45 -0.68 2.45 1.10
N VAL A 46 -1.45 1.41 0.86
CA VAL A 46 -1.16 0.13 1.55
C VAL A 46 0.02 -0.56 0.85
N LEU A 47 1.13 -0.71 1.51
CA LEU A 47 2.32 -1.35 0.86
C LEU A 47 2.51 -2.79 1.35
N LEU A 48 2.38 -3.75 0.48
CA LEU A 48 2.56 -5.17 0.91
C LEU A 48 3.98 -5.62 0.54
N SER A 49 4.83 -5.80 1.52
CA SER A 49 6.21 -6.26 1.23
C SER A 49 6.33 -7.75 1.48
N THR A 50 6.85 -8.46 0.52
CA THR A 50 6.99 -9.93 0.66
C THR A 50 8.49 -10.29 0.70
N ARG A 51 8.83 -11.34 1.38
CA ARG A 51 10.27 -11.74 1.46
C ARG A 51 10.39 -13.24 1.25
N LYS A 52 11.59 -13.72 1.01
CA LYS A 52 11.77 -15.18 0.80
C LYS A 52 12.40 -15.81 2.05
N THR A 53 12.07 -17.03 2.34
CA THR A 53 12.65 -17.68 3.56
C THR A 53 12.94 -19.16 3.25
N GLY A 54 13.31 -19.92 4.24
CA GLY A 54 13.60 -21.37 4.01
C GLY A 54 12.32 -22.17 4.14
N SER A 55 11.26 -21.56 4.62
CA SER A 55 9.97 -22.29 4.76
C SER A 55 8.99 -21.82 3.70
N GLY A 56 8.76 -20.53 3.62
CA GLY A 56 7.81 -20.01 2.61
C GLY A 56 8.12 -18.53 2.33
N PHE A 57 7.16 -17.67 2.51
CA PHE A 57 7.41 -16.22 2.26
C PHE A 57 6.96 -15.40 3.47
N SER A 58 7.51 -14.23 3.63
CA SER A 58 7.12 -13.38 4.80
C SER A 58 6.48 -12.09 4.27
N TYR A 59 5.23 -11.86 4.58
CA TYR A 59 4.56 -10.63 4.08
C TYR A 59 4.58 -9.54 5.16
N ASN A 60 4.41 -8.32 4.75
CA ASN A 60 4.42 -7.19 5.71
C ASN A 60 3.52 -6.08 5.15
N ILE A 61 2.26 -6.10 5.50
CA ILE A 61 1.33 -5.07 4.98
C ILE A 61 1.51 -3.75 5.72
N HIS A 62 1.56 -2.68 4.99
CA HIS A 62 1.73 -1.34 5.62
C HIS A 62 0.56 -0.45 5.24
N TYR A 63 0.35 0.61 5.94
CA TYR A 63 -0.74 1.52 5.53
C TYR A 63 -0.28 2.96 5.71
N TRP A 64 0.20 3.54 4.63
CA TRP A 64 0.69 4.93 4.66
C TRP A 64 -0.50 5.87 4.86
N LEU A 65 -0.34 6.90 5.64
CA LEU A 65 -1.49 7.82 5.89
C LEU A 65 -1.12 9.26 5.53
N GLY A 66 -0.79 9.53 4.28
CA GLY A 66 -0.47 10.93 3.87
C GLY A 66 -1.61 11.83 4.33
N LYS A 67 -1.52 12.34 5.53
CA LYS A 67 -2.58 13.19 6.15
C LYS A 67 -3.06 14.32 5.25
N ASN A 68 -4.08 14.07 4.50
CA ASN A 68 -4.67 15.11 3.63
C ASN A 68 -6.09 14.67 3.23
N SER A 69 -6.25 13.41 2.91
CA SER A 69 -7.59 12.92 2.52
C SER A 69 -8.53 13.00 3.73
N SER A 70 -9.43 12.06 3.85
CA SER A 70 -10.37 12.09 5.01
C SER A 70 -10.14 10.87 5.91
N GLN A 71 -10.76 10.84 7.05
CA GLN A 71 -10.58 9.70 7.98
C GLN A 71 -11.26 8.45 7.43
N ASP A 72 -12.07 8.59 6.42
CA ASP A 72 -12.76 7.38 5.86
C ASP A 72 -11.82 6.65 4.90
N GLU A 73 -11.25 7.34 3.96
CA GLU A 73 -10.32 6.65 3.02
C GLU A 73 -9.13 6.15 3.84
N GLN A 74 -8.79 6.84 4.90
CA GLN A 74 -7.67 6.38 5.75
C GLN A 74 -8.13 5.10 6.47
N GLY A 75 -9.40 5.03 6.80
CA GLY A 75 -9.92 3.81 7.48
C GLY A 75 -10.15 2.72 6.43
N ALA A 76 -10.21 3.10 5.18
CA ALA A 76 -10.40 2.09 4.11
C ALA A 76 -9.06 1.45 3.78
N ALA A 77 -8.01 2.22 3.81
CA ALA A 77 -6.66 1.65 3.51
C ALA A 77 -6.25 0.72 4.65
N ALA A 78 -6.32 1.19 5.86
CA ALA A 78 -5.94 0.31 7.01
C ALA A 78 -6.80 -0.94 7.00
N ILE A 79 -8.09 -0.79 6.86
CA ILE A 79 -8.97 -1.98 6.84
C ILE A 79 -8.52 -2.93 5.73
N TYR A 80 -8.19 -2.40 4.58
CA TYR A 80 -7.73 -3.27 3.47
C TYR A 80 -6.43 -3.96 3.89
N THR A 81 -5.66 -3.32 4.72
CA THR A 81 -4.39 -3.94 5.19
C THR A 81 -4.72 -5.09 6.14
N THR A 82 -5.88 -5.04 6.74
CA THR A 82 -6.29 -6.11 7.68
C THR A 82 -6.96 -7.25 6.89
N GLN A 83 -7.57 -6.93 5.79
CA GLN A 83 -8.24 -7.99 4.97
C GLN A 83 -7.19 -8.83 4.26
N MET A 84 -6.16 -8.20 3.77
CA MET A 84 -5.09 -8.97 3.06
C MET A 84 -4.21 -9.68 4.08
N ASP A 85 -4.09 -9.14 5.27
CA ASP A 85 -3.24 -9.78 6.31
C ASP A 85 -3.86 -11.12 6.71
N GLU A 86 -5.17 -11.20 6.74
CA GLU A 86 -5.84 -12.47 7.12
C GLU A 86 -5.99 -13.36 5.88
N TYR A 87 -5.99 -12.77 4.71
CA TYR A 87 -6.13 -13.57 3.47
C TYR A 87 -4.76 -14.05 3.01
N LEU A 88 -3.71 -13.50 3.56
CA LEU A 88 -2.34 -13.92 3.16
C LEU A 88 -1.88 -15.08 4.03
N GLY A 89 -2.77 -15.65 4.80
CA GLY A 89 -2.38 -16.80 5.68
C GLY A 89 -2.10 -16.28 7.09
N SER A 90 -2.25 -15.00 7.32
CA SER A 90 -1.99 -14.46 8.67
C SER A 90 -0.48 -14.36 8.90
N VAL A 91 0.31 -14.69 7.91
CA VAL A 91 1.78 -14.61 8.09
C VAL A 91 2.26 -13.18 7.82
N ALA A 92 1.44 -12.40 7.19
CA ALA A 92 1.83 -10.99 6.90
C ALA A 92 1.87 -10.18 8.19
N VAL A 93 2.34 -8.96 8.13
CA VAL A 93 2.41 -8.13 9.36
C VAL A 93 1.66 -6.82 9.11
N GLN A 94 1.57 -5.98 10.10
CA GLN A 94 0.86 -4.68 9.91
C GLN A 94 1.80 -3.54 10.30
N HIS A 95 1.90 -2.53 9.48
CA HIS A 95 2.79 -1.39 9.82
C HIS A 95 2.04 -0.07 9.65
N ARG A 96 2.44 0.95 10.36
CA ARG A 96 1.73 2.25 10.25
C ARG A 96 2.68 3.33 9.74
N GLU A 97 2.29 4.06 8.73
CA GLU A 97 3.18 5.13 8.19
C GLU A 97 2.35 6.40 7.99
N VAL A 98 3.00 7.52 7.83
CA VAL A 98 2.25 8.80 7.65
C VAL A 98 3.15 9.82 6.95
N GLN A 99 2.71 11.05 6.85
CA GLN A 99 3.57 12.09 6.21
C GLN A 99 4.66 12.49 7.19
N GLY A 100 5.68 11.68 7.29
CA GLY A 100 6.78 11.95 8.24
C GLY A 100 7.10 10.65 8.98
N HIS A 101 6.20 9.71 8.91
CA HIS A 101 6.41 8.40 9.57
C HIS A 101 6.87 7.38 8.53
N GLU A 102 6.68 7.69 7.28
CA GLU A 102 7.09 6.75 6.19
C GLU A 102 8.54 7.06 5.78
N SER A 103 9.29 7.67 6.66
CA SER A 103 10.70 8.02 6.34
C SER A 103 11.51 6.77 5.96
N GLU A 104 12.67 6.59 6.56
CA GLU A 104 13.52 5.41 6.23
C GLU A 104 12.68 4.15 6.03
N THR A 105 11.51 4.08 6.60
CA THR A 105 10.68 2.85 6.43
C THR A 105 10.15 2.75 4.99
N PHE A 106 9.38 3.71 4.57
CA PHE A 106 8.84 3.66 3.19
C PHE A 106 10.01 3.67 2.20
N ARG A 107 10.91 4.60 2.36
CA ARG A 107 12.08 4.67 1.46
C ARG A 107 12.89 3.39 1.60
N ALA A 108 12.81 2.75 2.75
CA ALA A 108 13.58 1.48 2.95
C ALA A 108 13.14 0.50 1.87
N TYR A 109 11.86 0.29 1.73
CA TYR A 109 11.37 -0.65 0.69
C TYR A 109 11.58 -0.01 -0.69
N PHE A 110 11.79 1.28 -0.71
CA PHE A 110 12.01 1.98 -2.01
C PHE A 110 13.47 2.39 -2.13
N LYS A 111 14.28 1.57 -2.75
CA LYS A 111 15.71 1.93 -2.91
C LYS A 111 15.90 2.79 -4.16
N GLN A 112 15.29 3.94 -4.19
CA GLN A 112 15.43 4.82 -5.39
C GLN A 112 14.98 6.24 -5.04
N GLY A 113 13.70 6.48 -5.00
CA GLY A 113 13.20 7.84 -4.67
C GLY A 113 11.67 7.85 -4.70
N LEU A 114 11.06 8.38 -3.67
CA LEU A 114 9.57 8.40 -3.64
C LEU A 114 9.05 9.76 -4.13
N ILE A 115 8.48 9.80 -5.30
CA ILE A 115 7.95 11.10 -5.82
C ILE A 115 6.59 11.35 -5.17
N TYR A 116 6.10 12.56 -5.25
CA TYR A 116 4.78 12.85 -4.63
C TYR A 116 3.93 13.72 -5.56
N LYS A 117 2.69 13.36 -5.75
CA LYS A 117 1.81 14.17 -6.65
C LYS A 117 0.65 14.75 -5.82
N GLN A 118 -0.32 15.34 -6.47
CA GLN A 118 -1.47 15.92 -5.71
C GLN A 118 -2.58 14.88 -5.56
N GLY A 119 -3.05 14.67 -4.36
CA GLY A 119 -4.14 13.68 -4.14
C GLY A 119 -5.37 14.08 -4.98
N GLY A 120 -6.53 13.66 -4.56
CA GLY A 120 -7.76 14.01 -5.34
C GLY A 120 -7.60 13.54 -6.79
N VAL A 121 -7.80 12.28 -7.04
CA VAL A 121 -7.66 11.76 -8.43
C VAL A 121 -8.98 11.95 -9.18
N ALA A 122 -9.88 12.68 -8.61
CA ALA A 122 -11.18 12.91 -9.27
C ALA A 122 -11.04 13.98 -10.35
N SER A 123 -10.96 15.23 -9.96
CA SER A 123 -10.81 16.32 -10.96
C SER A 123 -11.05 17.67 -10.28
N GLY A 124 -11.87 17.69 -9.25
CA GLY A 124 -12.14 18.98 -8.55
C GLY A 124 -12.43 18.70 -7.08
N MET A 125 -13.54 18.08 -6.78
CA MET A 125 -13.88 17.78 -5.36
C MET A 125 -14.07 16.27 -5.18
N LYS A 126 -14.89 15.88 -4.25
CA LYS A 126 -15.12 14.42 -4.04
C LYS A 126 -15.29 13.72 -5.39
N VAL A 1 -11.69 -0.53 -5.03
CA VAL A 1 -13.04 -1.15 -4.90
C VAL A 1 -12.90 -2.67 -4.80
N GLU A 2 -13.69 -3.28 -3.96
CA GLU A 2 -13.61 -4.76 -3.80
C GLU A 2 -12.15 -5.21 -3.83
N LEU A 3 -11.32 -4.59 -3.04
CA LEU A 3 -9.87 -4.97 -3.02
C LEU A 3 -9.76 -6.50 -3.02
N SER A 4 -10.74 -7.17 -2.48
CA SER A 4 -10.68 -8.66 -2.45
C SER A 4 -10.51 -9.22 -3.86
N LYS A 5 -9.75 -10.27 -4.01
CA LYS A 5 -9.53 -10.88 -5.35
C LYS A 5 -8.60 -9.98 -6.18
N LYS A 6 -9.11 -8.92 -6.75
CA LYS A 6 -8.24 -8.03 -7.56
C LYS A 6 -6.95 -7.77 -6.79
N VAL A 7 -7.00 -7.84 -5.50
CA VAL A 7 -5.78 -7.61 -4.67
C VAL A 7 -5.29 -8.96 -4.12
N THR A 8 -6.20 -9.83 -3.82
CA THR A 8 -5.80 -11.17 -3.29
C THR A 8 -5.55 -12.12 -4.46
N GLY A 9 -5.72 -13.40 -4.25
CA GLY A 9 -5.48 -14.37 -5.35
C GLY A 9 -3.99 -14.71 -5.42
N LYS A 10 -3.14 -13.71 -5.34
CA LYS A 10 -1.67 -13.98 -5.40
C LYS A 10 -0.93 -12.71 -4.98
N LEU A 11 -1.14 -12.26 -3.77
CA LEU A 11 -0.44 -11.03 -3.29
C LEU A 11 1.02 -11.05 -3.75
N ASP A 12 1.82 -11.90 -3.17
CA ASP A 12 3.25 -11.97 -3.58
C ASP A 12 3.74 -13.41 -3.48
N LYS A 13 3.36 -14.24 -4.42
CA LYS A 13 3.81 -15.66 -4.38
C LYS A 13 5.11 -15.81 -5.17
N THR A 14 6.12 -16.35 -4.55
CA THR A 14 7.43 -16.53 -5.25
C THR A 14 7.81 -15.22 -5.94
N THR A 15 7.91 -14.16 -5.19
CA THR A 15 8.30 -12.86 -5.79
C THR A 15 8.76 -11.91 -4.68
N PRO A 16 10.06 -11.72 -4.60
CA PRO A 16 10.66 -10.82 -3.59
C PRO A 16 10.47 -9.36 -3.97
N GLY A 17 9.99 -8.56 -3.06
CA GLY A 17 9.78 -7.11 -3.37
C GLY A 17 8.42 -6.69 -2.81
N ILE A 18 8.10 -5.43 -2.85
CA ILE A 18 6.78 -5.00 -2.30
C ILE A 18 6.00 -4.21 -3.34
N GLN A 19 4.70 -4.37 -3.33
CA GLN A 19 3.85 -3.62 -4.28
C GLN A 19 3.02 -2.64 -3.45
N ILE A 20 2.37 -1.68 -4.05
CA ILE A 20 1.57 -0.75 -3.22
C ILE A 20 0.18 -0.58 -3.81
N TRP A 21 -0.75 -0.11 -3.02
CA TRP A 21 -2.12 0.13 -3.55
C TRP A 21 -2.44 1.61 -3.36
N ARG A 22 -2.76 2.30 -4.42
CA ARG A 22 -3.04 3.75 -4.27
C ARG A 22 -4.45 3.98 -3.75
N ILE A 23 -4.56 4.79 -2.73
CA ILE A 23 -5.89 5.11 -2.14
C ILE A 23 -6.40 6.40 -2.79
N GLU A 24 -5.94 6.67 -3.98
CA GLU A 24 -6.35 7.91 -4.70
C GLU A 24 -7.87 7.95 -4.83
N ASN A 25 -8.42 9.08 -5.19
CA ASN A 25 -9.90 9.19 -5.33
C ASN A 25 -10.56 8.47 -4.17
N MET A 26 -9.88 8.41 -3.05
CA MET A 26 -10.46 7.73 -1.86
C MET A 26 -10.90 6.31 -2.24
N GLU A 27 -10.00 5.53 -2.78
CA GLU A 27 -10.36 4.14 -3.17
C GLU A 27 -9.09 3.30 -3.30
N MET A 28 -9.15 2.04 -2.94
CA MET A 28 -7.94 1.18 -3.05
C MET A 28 -7.72 0.78 -4.50
N VAL A 29 -6.48 0.85 -4.93
CA VAL A 29 -6.16 0.49 -6.34
C VAL A 29 -4.76 -0.15 -6.37
N PRO A 30 -4.54 -1.01 -7.33
CA PRO A 30 -3.24 -1.70 -7.47
C PRO A 30 -2.15 -0.75 -8.00
N VAL A 31 -0.99 -0.80 -7.38
CA VAL A 31 0.15 0.06 -7.82
C VAL A 31 1.31 -0.84 -8.22
N PRO A 32 1.54 -0.97 -9.50
CA PRO A 32 2.63 -1.80 -10.04
C PRO A 32 3.98 -1.09 -9.90
N THR A 33 4.94 -1.46 -10.69
CA THR A 33 6.28 -0.80 -10.60
C THR A 33 6.22 0.56 -11.29
N LYS A 34 5.33 0.71 -12.24
CA LYS A 34 5.23 2.00 -12.96
C LYS A 34 4.28 2.94 -12.21
N SER A 35 4.22 2.84 -10.91
CA SER A 35 3.30 3.73 -10.15
C SER A 35 3.80 3.90 -8.71
N TYR A 36 4.38 2.88 -8.14
CA TYR A 36 4.89 2.99 -6.75
C TYR A 36 5.95 4.09 -6.66
N GLY A 37 6.81 4.18 -7.64
CA GLY A 37 7.86 5.21 -7.62
C GLY A 37 7.24 6.59 -7.38
N ASN A 38 5.98 6.76 -7.71
CA ASN A 38 5.34 8.08 -7.51
C ASN A 38 3.98 7.90 -6.81
N PHE A 39 3.75 8.64 -5.76
CA PHE A 39 2.44 8.53 -5.03
C PHE A 39 2.07 9.88 -4.42
N TYR A 40 0.87 10.35 -4.69
CA TYR A 40 0.44 11.67 -4.16
C TYR A 40 0.77 11.78 -2.67
N GLU A 41 1.21 12.94 -2.24
CA GLU A 41 1.54 13.13 -0.79
C GLU A 41 0.32 13.65 -0.05
N GLY A 42 -0.85 13.31 -0.52
CA GLY A 42 -2.08 13.77 0.17
C GLY A 42 -3.15 12.70 0.04
N ASP A 43 -2.85 11.50 0.45
CA ASP A 43 -3.85 10.40 0.35
C ASP A 43 -3.42 9.23 1.26
N CYS A 44 -3.60 8.01 0.80
CA CYS A 44 -3.21 6.82 1.60
C CYS A 44 -2.74 5.73 0.64
N TYR A 45 -1.98 4.78 1.13
CA TYR A 45 -1.49 3.70 0.24
C TYR A 45 -1.33 2.42 1.06
N VAL A 46 -1.09 1.32 0.40
CA VAL A 46 -0.90 0.03 1.14
C VAL A 46 0.34 -0.64 0.56
N LEU A 47 1.39 -0.75 1.32
CA LEU A 47 2.63 -1.38 0.76
C LEU A 47 2.80 -2.82 1.27
N LEU A 48 2.56 -3.79 0.43
CA LEU A 48 2.72 -5.20 0.85
C LEU A 48 4.12 -5.67 0.46
N SER A 49 4.89 -6.17 1.39
CA SER A 49 6.27 -6.63 1.07
C SER A 49 6.38 -8.13 1.29
N THR A 50 7.00 -8.80 0.36
CA THR A 50 7.13 -10.27 0.49
C THR A 50 8.60 -10.66 0.26
N ARG A 51 9.20 -11.34 1.20
CA ARG A 51 10.62 -11.74 1.03
C ARG A 51 10.76 -13.25 1.27
N LYS A 52 11.52 -13.93 0.46
CA LYS A 52 11.69 -15.39 0.64
C LYS A 52 12.17 -15.68 2.07
N THR A 53 12.07 -16.90 2.50
CA THR A 53 12.52 -17.24 3.89
C THR A 53 12.63 -18.76 4.03
N GLY A 54 12.87 -19.23 5.22
CA GLY A 54 13.00 -20.71 5.42
C GLY A 54 11.60 -21.32 5.54
N SER A 55 10.66 -20.57 6.03
CA SER A 55 9.27 -21.12 6.18
C SER A 55 8.54 -21.00 4.84
N GLY A 56 9.03 -20.18 3.95
CA GLY A 56 8.36 -20.02 2.62
C GLY A 56 8.42 -18.56 2.19
N PHE A 57 7.71 -17.70 2.86
CA PHE A 57 7.72 -16.26 2.49
C PHE A 57 7.23 -15.42 3.67
N SER A 58 7.61 -14.16 3.71
CA SER A 58 7.17 -13.29 4.83
C SER A 58 6.48 -12.05 4.25
N TYR A 59 5.19 -11.92 4.46
CA TYR A 59 4.47 -10.73 3.91
C TYR A 59 4.45 -9.61 4.95
N ASN A 60 4.34 -8.39 4.50
CA ASN A 60 4.32 -7.24 5.45
C ASN A 60 3.45 -6.14 4.86
N ILE A 61 2.20 -6.10 5.22
CA ILE A 61 1.29 -5.05 4.66
C ILE A 61 1.43 -3.74 5.44
N HIS A 62 1.61 -2.66 4.73
CA HIS A 62 1.75 -1.33 5.39
C HIS A 62 0.58 -0.45 5.00
N TYR A 63 0.36 0.61 5.71
CA TYR A 63 -0.74 1.52 5.31
C TYR A 63 -0.27 2.98 5.44
N TRP A 64 0.16 3.54 4.34
CA TRP A 64 0.64 4.95 4.32
C TRP A 64 -0.55 5.89 4.47
N LEU A 65 -0.39 6.96 5.20
CA LEU A 65 -1.54 7.89 5.38
C LEU A 65 -1.16 9.32 4.98
N GLY A 66 -0.87 9.55 3.73
CA GLY A 66 -0.51 10.94 3.29
C GLY A 66 -1.58 11.90 3.83
N LYS A 67 -1.35 12.42 5.01
CA LYS A 67 -2.31 13.33 5.70
C LYS A 67 -2.99 14.30 4.75
N ASN A 68 -4.11 13.92 4.22
CA ASN A 68 -4.88 14.82 3.31
C ASN A 68 -6.31 14.31 3.21
N SER A 69 -6.47 13.02 3.10
CA SER A 69 -7.84 12.44 2.99
C SER A 69 -8.62 12.73 4.27
N SER A 70 -9.54 11.89 4.63
CA SER A 70 -10.33 12.11 5.87
C SER A 70 -10.16 10.91 6.81
N GLN A 71 -10.72 10.98 7.98
CA GLN A 71 -10.59 9.84 8.93
C GLN A 71 -11.08 8.55 8.26
N ASP A 72 -12.16 8.61 7.53
CA ASP A 72 -12.67 7.39 6.85
C ASP A 72 -11.61 6.85 5.90
N GLU A 73 -10.97 7.70 5.15
CA GLU A 73 -9.92 7.21 4.22
C GLU A 73 -8.89 6.43 5.03
N GLN A 74 -8.61 6.87 6.22
CA GLN A 74 -7.63 6.14 7.07
C GLN A 74 -8.20 4.74 7.34
N GLY A 75 -9.49 4.65 7.51
CA GLY A 75 -10.11 3.32 7.76
C GLY A 75 -10.26 2.58 6.42
N ALA A 76 -10.10 3.27 5.33
CA ALA A 76 -10.23 2.60 4.01
C ALA A 76 -8.93 1.85 3.70
N ALA A 77 -7.82 2.53 3.75
CA ALA A 77 -6.53 1.84 3.47
C ALA A 77 -6.17 0.93 4.64
N ALA A 78 -6.65 1.23 5.82
CA ALA A 78 -6.33 0.37 7.00
C ALA A 78 -7.18 -0.91 6.94
N ILE A 79 -8.46 -0.77 6.70
CA ILE A 79 -9.32 -1.99 6.64
C ILE A 79 -8.92 -2.82 5.43
N TYR A 80 -8.61 -2.19 4.32
CA TYR A 80 -8.19 -2.98 3.12
C TYR A 80 -6.93 -3.77 3.48
N THR A 81 -6.04 -3.16 4.21
CA THR A 81 -4.78 -3.86 4.61
C THR A 81 -5.15 -5.00 5.57
N THR A 82 -6.26 -4.89 6.24
CA THR A 82 -6.68 -5.96 7.19
C THR A 82 -7.25 -7.14 6.40
N GLN A 83 -7.95 -6.87 5.33
CA GLN A 83 -8.54 -7.98 4.53
C GLN A 83 -7.41 -8.78 3.87
N MET A 84 -6.37 -8.12 3.45
CA MET A 84 -5.23 -8.84 2.81
C MET A 84 -4.47 -9.66 3.86
N ASP A 85 -4.36 -9.14 5.04
CA ASP A 85 -3.64 -9.88 6.12
C ASP A 85 -4.27 -11.25 6.33
N GLU A 86 -5.53 -11.29 6.67
CA GLU A 86 -6.22 -12.59 6.90
C GLU A 86 -6.27 -13.38 5.58
N TYR A 87 -6.39 -12.70 4.48
CA TYR A 87 -6.45 -13.42 3.17
C TYR A 87 -5.07 -13.95 2.81
N LEU A 88 -4.05 -13.54 3.53
CA LEU A 88 -2.68 -14.02 3.22
C LEU A 88 -2.40 -15.31 4.01
N GLY A 89 -2.96 -15.44 5.17
CA GLY A 89 -2.73 -16.68 5.98
C GLY A 89 -2.13 -16.30 7.33
N SER A 90 -2.21 -15.05 7.70
CA SER A 90 -1.64 -14.63 9.01
C SER A 90 -0.11 -14.56 8.91
N VAL A 91 0.43 -14.87 7.77
CA VAL A 91 1.91 -14.81 7.62
C VAL A 91 2.34 -13.37 7.31
N ALA A 92 1.39 -12.51 7.05
CA ALA A 92 1.75 -11.10 6.74
C ALA A 92 1.75 -10.28 8.03
N VAL A 93 2.11 -9.03 7.95
CA VAL A 93 2.14 -8.17 9.17
C VAL A 93 1.45 -6.84 8.86
N GLN A 94 1.33 -5.98 9.83
CA GLN A 94 0.68 -4.67 9.59
C GLN A 94 1.62 -3.55 10.02
N HIS A 95 1.76 -2.54 9.21
CA HIS A 95 2.68 -1.42 9.58
C HIS A 95 1.97 -0.09 9.35
N ARG A 96 2.29 0.92 10.13
CA ARG A 96 1.62 2.24 9.95
C ARG A 96 2.61 3.27 9.42
N GLU A 97 2.17 4.06 8.47
CA GLU A 97 3.07 5.10 7.90
C GLU A 97 2.25 6.36 7.62
N VAL A 98 2.89 7.48 7.41
CA VAL A 98 2.14 8.74 7.16
C VAL A 98 3.06 9.73 6.43
N GLN A 99 2.68 10.98 6.38
CA GLN A 99 3.55 11.99 5.70
C GLN A 99 4.70 12.35 6.64
N GLY A 100 5.66 11.49 6.76
CA GLY A 100 6.81 11.74 7.67
C GLY A 100 7.06 10.45 8.47
N HIS A 101 6.14 9.53 8.41
CA HIS A 101 6.30 8.25 9.16
C HIS A 101 6.82 7.17 8.20
N GLU A 102 6.78 7.44 6.92
CA GLU A 102 7.27 6.45 5.93
C GLU A 102 8.76 6.69 5.66
N SER A 103 9.47 7.18 6.65
CA SER A 103 10.92 7.49 6.50
C SER A 103 11.72 6.29 5.95
N GLU A 104 12.92 6.08 6.44
CA GLU A 104 13.76 4.95 5.94
C GLU A 104 12.92 3.71 5.67
N THR A 105 11.80 3.55 6.31
CA THR A 105 10.97 2.34 6.07
C THR A 105 10.40 2.38 4.65
N PHE A 106 9.67 3.40 4.30
CA PHE A 106 9.09 3.46 2.93
C PHE A 106 10.25 3.60 1.94
N ARG A 107 11.19 4.45 2.22
CA ARG A 107 12.35 4.62 1.32
C ARG A 107 13.16 3.33 1.34
N ALA A 108 12.96 2.51 2.33
CA ALA A 108 13.71 1.22 2.40
C ALA A 108 13.19 0.29 1.30
N TYR A 109 11.90 0.20 1.16
CA TYR A 109 11.32 -0.69 0.11
C TYR A 109 11.46 -0.01 -1.25
N PHE A 110 11.69 1.28 -1.28
CA PHE A 110 11.84 1.99 -2.59
C PHE A 110 13.28 2.46 -2.74
N LYS A 111 14.10 1.70 -3.43
CA LYS A 111 15.51 2.11 -3.62
C LYS A 111 15.57 3.36 -4.51
N GLN A 112 15.45 4.52 -3.94
CA GLN A 112 15.50 5.77 -4.75
C GLN A 112 14.20 5.91 -5.55
N GLY A 113 13.13 6.26 -4.91
CA GLY A 113 11.83 6.42 -5.64
C GLY A 113 10.74 6.88 -4.68
N LEU A 114 10.89 8.04 -4.10
CA LEU A 114 9.86 8.54 -3.16
C LEU A 114 9.30 9.87 -3.66
N ILE A 115 8.66 9.87 -4.80
CA ILE A 115 8.11 11.14 -5.34
C ILE A 115 6.71 11.37 -4.75
N TYR A 116 6.23 12.58 -4.79
CA TYR A 116 4.87 12.86 -4.25
C TYR A 116 4.15 13.83 -5.18
N LYS A 117 2.86 13.94 -5.02
CA LYS A 117 2.07 14.87 -5.87
C LYS A 117 0.90 15.43 -5.06
N GLN A 118 -0.14 15.87 -5.71
CA GLN A 118 -1.31 16.42 -4.97
C GLN A 118 -2.32 15.30 -4.68
N GLY A 119 -3.29 15.57 -3.86
CA GLY A 119 -4.32 14.52 -3.54
C GLY A 119 -5.56 14.75 -4.38
N GLY A 120 -6.63 14.06 -4.09
CA GLY A 120 -7.89 14.24 -4.88
C GLY A 120 -7.55 14.22 -6.37
N VAL A 121 -7.69 13.08 -7.00
CA VAL A 121 -7.38 12.99 -8.45
C VAL A 121 -8.64 13.29 -9.24
N ALA A 122 -8.70 14.45 -9.80
CA ALA A 122 -9.89 14.85 -10.61
C ALA A 122 -10.35 13.67 -11.46
N SER A 123 -9.71 13.44 -12.58
CA SER A 123 -10.13 12.31 -13.44
C SER A 123 -11.64 12.31 -13.60
N GLY A 124 -12.26 13.45 -13.46
CA GLY A 124 -13.75 13.51 -13.60
C GLY A 124 -14.11 14.22 -14.91
N MET A 125 -14.11 15.53 -14.91
CA MET A 125 -14.45 16.27 -16.14
C MET A 125 -13.17 16.70 -16.86
N LYS A 126 -13.23 16.89 -18.14
CA LYS A 126 -12.00 17.30 -18.89
C LYS A 126 -10.86 16.33 -18.59
N VAL A 1 -11.82 -0.66 -5.38
CA VAL A 1 -12.86 -0.57 -4.32
C VAL A 1 -13.12 -1.97 -3.75
N GLU A 2 -12.09 -2.75 -3.57
CA GLU A 2 -12.30 -4.12 -3.01
C GLU A 2 -10.96 -4.86 -3.01
N LEU A 3 -10.25 -4.83 -1.91
CA LEU A 3 -8.94 -5.53 -1.84
C LEU A 3 -9.15 -7.05 -1.75
N SER A 4 -10.36 -7.51 -1.81
CA SER A 4 -10.61 -8.98 -1.71
C SER A 4 -10.65 -9.60 -3.13
N LYS A 5 -10.29 -10.84 -3.23
CA LYS A 5 -10.32 -11.55 -4.55
C LYS A 5 -9.69 -10.68 -5.65
N LYS A 6 -10.46 -9.82 -6.25
CA LYS A 6 -9.94 -8.95 -7.34
C LYS A 6 -8.53 -8.45 -6.98
N VAL A 7 -8.22 -8.34 -5.72
CA VAL A 7 -6.87 -7.86 -5.33
C VAL A 7 -6.07 -9.02 -4.74
N THR A 8 -6.72 -9.94 -4.09
CA THR A 8 -5.99 -11.09 -3.49
C THR A 8 -5.52 -12.03 -4.61
N GLY A 9 -5.87 -11.75 -5.83
CA GLY A 9 -5.44 -12.61 -6.96
C GLY A 9 -3.94 -12.45 -7.17
N LYS A 10 -3.15 -13.19 -6.44
CA LYS A 10 -1.67 -13.09 -6.59
C LYS A 10 -1.16 -11.86 -5.81
N LEU A 11 -1.12 -11.96 -4.51
CA LEU A 11 -0.63 -10.81 -3.69
C LEU A 11 0.88 -10.94 -3.51
N ASP A 12 1.57 -11.48 -4.48
CA ASP A 12 3.05 -11.65 -4.36
C ASP A 12 3.35 -12.85 -3.47
N LYS A 13 2.94 -14.03 -3.89
CA LYS A 13 3.20 -15.25 -3.07
C LYS A 13 4.62 -15.75 -3.34
N THR A 14 5.27 -15.21 -4.33
CA THR A 14 6.67 -15.65 -4.63
C THR A 14 7.40 -14.55 -5.41
N THR A 15 7.66 -13.45 -4.77
CA THR A 15 8.37 -12.35 -5.46
C THR A 15 8.95 -11.38 -4.42
N PRO A 16 10.25 -11.24 -4.40
CA PRO A 16 10.94 -10.36 -3.46
C PRO A 16 10.80 -8.89 -3.90
N GLY A 17 9.74 -8.24 -3.49
CA GLY A 17 9.55 -6.82 -3.88
C GLY A 17 8.38 -6.23 -3.08
N ILE A 18 7.61 -5.36 -3.68
CA ILE A 18 6.47 -4.77 -2.93
C ILE A 18 5.41 -4.25 -3.91
N GLN A 19 4.16 -4.41 -3.56
CA GLN A 19 3.07 -3.91 -4.44
C GLN A 19 2.23 -2.93 -3.62
N ILE A 20 2.17 -1.69 -3.99
CA ILE A 20 1.39 -0.72 -3.18
C ILE A 20 -0.06 -0.65 -3.67
N TRP A 21 -0.86 0.14 -3.00
CA TRP A 21 -2.27 0.33 -3.40
C TRP A 21 -2.56 1.82 -3.27
N ARG A 22 -2.95 2.47 -4.35
CA ARG A 22 -3.18 3.94 -4.27
C ARG A 22 -4.58 4.27 -3.73
N ILE A 23 -4.62 5.11 -2.73
CA ILE A 23 -5.92 5.54 -2.15
C ILE A 23 -6.12 7.03 -2.50
N GLU A 24 -5.97 7.36 -3.75
CA GLU A 24 -6.11 8.78 -4.18
C GLU A 24 -7.56 9.06 -4.62
N ASN A 25 -8.17 8.14 -5.30
CA ASN A 25 -9.57 8.37 -5.73
C ASN A 25 -10.50 7.89 -4.62
N MET A 26 -10.18 8.21 -3.39
CA MET A 26 -11.03 7.78 -2.26
C MET A 26 -11.28 6.28 -2.37
N GLU A 27 -10.40 5.60 -3.05
CA GLU A 27 -10.55 4.13 -3.21
C GLU A 27 -9.15 3.54 -3.38
N MET A 28 -8.95 2.30 -3.03
CA MET A 28 -7.59 1.73 -3.17
C MET A 28 -7.46 0.93 -4.46
N VAL A 29 -6.39 1.16 -5.18
CA VAL A 29 -6.15 0.44 -6.46
C VAL A 29 -4.82 -0.32 -6.32
N PRO A 30 -4.72 -1.42 -7.00
CA PRO A 30 -3.50 -2.27 -6.94
C PRO A 30 -2.32 -1.64 -7.67
N VAL A 31 -1.55 -0.82 -6.98
CA VAL A 31 -0.36 -0.17 -7.60
C VAL A 31 0.75 -1.22 -7.78
N PRO A 32 1.05 -1.53 -9.01
CA PRO A 32 2.11 -2.51 -9.34
C PRO A 32 3.50 -1.87 -9.21
N THR A 33 4.49 -2.44 -9.84
CA THR A 33 5.85 -1.85 -9.75
C THR A 33 6.02 -0.81 -10.84
N LYS A 34 5.23 -0.88 -11.87
CA LYS A 34 5.35 0.10 -12.98
C LYS A 34 4.67 1.41 -12.58
N SER A 35 4.20 1.50 -11.36
CA SER A 35 3.53 2.77 -10.93
C SER A 35 4.15 3.25 -9.62
N TYR A 36 4.51 2.35 -8.74
CA TYR A 36 5.11 2.75 -7.44
C TYR A 36 6.13 3.88 -7.68
N GLY A 37 6.48 4.61 -6.66
CA GLY A 37 7.46 5.72 -6.83
C GLY A 37 6.75 7.05 -6.65
N ASN A 38 5.80 7.36 -7.50
CA ASN A 38 5.07 8.64 -7.38
C ASN A 38 3.69 8.40 -6.77
N PHE A 39 3.49 8.77 -5.54
CA PHE A 39 2.16 8.54 -4.91
C PHE A 39 1.67 9.84 -4.23
N TYR A 40 0.44 10.20 -4.48
CA TYR A 40 -0.12 11.45 -3.89
C TYR A 40 0.33 11.64 -2.44
N GLU A 41 0.81 12.80 -2.10
CA GLU A 41 1.21 13.06 -0.70
C GLU A 41 -0.01 13.64 0.03
N GLY A 42 -0.55 12.90 0.95
CA GLY A 42 -1.75 13.40 1.67
C GLY A 42 -2.94 12.49 1.34
N ASP A 43 -2.72 11.20 1.40
CA ASP A 43 -3.80 10.24 1.09
C ASP A 43 -3.48 8.91 1.79
N CYS A 44 -3.62 7.80 1.12
CA CYS A 44 -3.31 6.49 1.75
C CYS A 44 -2.74 5.54 0.71
N TYR A 45 -1.71 4.82 1.06
CA TYR A 45 -1.11 3.87 0.10
C TYR A 45 -0.72 2.58 0.82
N VAL A 46 -1.44 1.51 0.59
CA VAL A 46 -1.10 0.24 1.27
C VAL A 46 0.09 -0.40 0.54
N LEU A 47 1.13 -0.74 1.26
CA LEU A 47 2.31 -1.34 0.59
C LEU A 47 2.55 -2.76 1.11
N LEU A 48 2.46 -3.73 0.24
CA LEU A 48 2.68 -5.15 0.66
C LEU A 48 4.09 -5.58 0.30
N SER A 49 4.92 -5.83 1.28
CA SER A 49 6.31 -6.26 0.99
C SER A 49 6.44 -7.77 1.19
N THR A 50 7.00 -8.44 0.23
CA THR A 50 7.15 -9.91 0.33
C THR A 50 8.64 -10.26 0.23
N ARG A 51 9.07 -11.24 0.98
CA ARG A 51 10.50 -11.65 0.93
C ARG A 51 10.60 -13.17 0.96
N LYS A 52 11.80 -13.70 1.06
CA LYS A 52 11.97 -15.18 1.09
C LYS A 52 12.41 -15.61 2.48
N THR A 53 12.39 -16.89 2.76
CA THR A 53 12.80 -17.38 4.10
C THR A 53 13.10 -18.88 4.04
N GLY A 54 13.30 -19.50 5.16
CA GLY A 54 13.60 -20.96 5.15
C GLY A 54 12.28 -21.74 5.08
N SER A 55 11.19 -21.12 5.38
CA SER A 55 9.88 -21.83 5.32
C SER A 55 9.13 -21.43 4.04
N GLY A 56 9.12 -20.17 3.73
CA GLY A 56 8.42 -19.71 2.49
C GLY A 56 8.66 -18.22 2.28
N PHE A 57 7.61 -17.45 2.10
CA PHE A 57 7.78 -15.99 1.89
C PHE A 57 7.23 -15.23 3.09
N SER A 58 7.78 -14.08 3.39
CA SER A 58 7.29 -13.30 4.55
C SER A 58 6.59 -12.04 4.03
N TYR A 59 5.32 -11.91 4.24
CA TYR A 59 4.60 -10.71 3.75
C TYR A 59 4.58 -9.64 4.83
N ASN A 60 4.45 -8.40 4.43
CA ASN A 60 4.43 -7.28 5.42
C ASN A 60 3.51 -6.19 4.88
N ILE A 61 2.26 -6.22 5.25
CA ILE A 61 1.31 -5.19 4.74
C ILE A 61 1.49 -3.88 5.49
N HIS A 62 1.53 -2.80 4.77
CA HIS A 62 1.71 -1.46 5.41
C HIS A 62 0.53 -0.58 5.06
N TYR A 63 0.33 0.48 5.80
CA TYR A 63 -0.76 1.40 5.44
C TYR A 63 -0.28 2.84 5.56
N TRP A 64 0.10 3.40 4.45
CA TRP A 64 0.61 4.80 4.42
C TRP A 64 -0.57 5.75 4.58
N LEU A 65 -0.42 6.77 5.38
CA LEU A 65 -1.57 7.70 5.60
C LEU A 65 -1.16 9.15 5.32
N GLY A 66 -0.83 9.48 4.10
CA GLY A 66 -0.48 10.90 3.81
C GLY A 66 -1.58 11.78 4.41
N LYS A 67 -1.35 12.29 5.60
CA LYS A 67 -2.37 13.10 6.32
C LYS A 67 -2.88 14.30 5.52
N ASN A 68 -3.92 14.09 4.77
CA ASN A 68 -4.53 15.21 4.00
C ASN A 68 -5.96 14.81 3.61
N SER A 69 -6.16 13.55 3.27
CA SER A 69 -7.52 13.10 2.89
C SER A 69 -8.45 13.15 4.11
N SER A 70 -9.37 12.24 4.22
CA SER A 70 -10.30 12.24 5.38
C SER A 70 -10.06 10.99 6.24
N GLN A 71 -10.45 11.02 7.48
CA GLN A 71 -10.26 9.84 8.37
C GLN A 71 -10.82 8.60 7.67
N ASP A 72 -11.87 8.75 6.93
CA ASP A 72 -12.45 7.56 6.24
C ASP A 72 -11.39 6.94 5.33
N GLU A 73 -10.70 7.76 4.57
CA GLU A 73 -9.63 7.20 3.69
C GLU A 73 -8.65 6.43 4.56
N GLN A 74 -8.40 6.92 5.74
CA GLN A 74 -7.47 6.19 6.65
C GLN A 74 -8.09 4.83 6.96
N GLY A 75 -9.39 4.78 7.09
CA GLY A 75 -10.05 3.47 7.38
C GLY A 75 -10.21 2.69 6.07
N ALA A 76 -9.99 3.34 4.96
CA ALA A 76 -10.12 2.63 3.64
C ALA A 76 -8.88 1.79 3.40
N ALA A 77 -7.72 2.40 3.47
CA ALA A 77 -6.46 1.62 3.24
C ALA A 77 -6.19 0.72 4.44
N ALA A 78 -6.53 1.19 5.62
CA ALA A 78 -6.28 0.37 6.84
C ALA A 78 -7.27 -0.80 6.88
N ILE A 79 -8.51 -0.57 6.55
CA ILE A 79 -9.51 -1.68 6.59
C ILE A 79 -9.19 -2.68 5.47
N TYR A 80 -8.92 -2.22 4.28
CA TYR A 80 -8.61 -3.19 3.19
C TYR A 80 -7.27 -3.86 3.51
N THR A 81 -6.42 -3.15 4.21
CA THR A 81 -5.10 -3.74 4.58
C THR A 81 -5.35 -4.82 5.63
N THR A 82 -6.45 -4.72 6.34
CA THR A 82 -6.78 -5.73 7.37
C THR A 82 -7.20 -7.03 6.67
N GLN A 83 -8.09 -6.94 5.72
CA GLN A 83 -8.55 -8.17 5.01
C GLN A 83 -7.34 -8.85 4.35
N MET A 84 -6.49 -8.08 3.74
CA MET A 84 -5.29 -8.67 3.07
C MET A 84 -4.51 -9.51 4.08
N ASP A 85 -4.42 -9.06 5.30
CA ASP A 85 -3.68 -9.83 6.34
C ASP A 85 -4.35 -11.20 6.54
N GLU A 86 -5.65 -11.21 6.59
CA GLU A 86 -6.38 -12.51 6.79
C GLU A 86 -6.66 -13.15 5.44
N TYR A 87 -6.19 -12.57 4.37
CA TYR A 87 -6.45 -13.16 3.03
C TYR A 87 -5.16 -13.77 2.48
N LEU A 88 -4.04 -13.46 3.08
CA LEU A 88 -2.76 -14.03 2.60
C LEU A 88 -2.51 -15.39 3.26
N GLY A 89 -2.29 -15.40 4.55
CA GLY A 89 -2.05 -16.68 5.25
C GLY A 89 -1.62 -16.42 6.69
N SER A 90 -2.20 -15.41 7.31
CA SER A 90 -1.82 -15.10 8.72
C SER A 90 -0.29 -15.03 8.83
N VAL A 91 0.39 -14.79 7.74
CA VAL A 91 1.88 -14.70 7.80
C VAL A 91 2.30 -13.26 7.55
N ALA A 92 1.50 -12.50 6.85
CA ALA A 92 1.86 -11.08 6.57
C ALA A 92 1.89 -10.30 7.89
N VAL A 93 2.35 -9.07 7.83
CA VAL A 93 2.41 -8.25 9.07
C VAL A 93 1.67 -6.93 8.84
N GLN A 94 1.59 -6.10 9.84
CA GLN A 94 0.89 -4.80 9.65
C GLN A 94 1.85 -3.66 10.06
N HIS A 95 1.97 -2.65 9.25
CA HIS A 95 2.89 -1.53 9.58
C HIS A 95 2.13 -0.21 9.46
N ARG A 96 2.55 0.79 10.20
CA ARG A 96 1.83 2.10 10.12
C ARG A 96 2.77 3.18 9.54
N GLU A 97 2.29 3.95 8.61
CA GLU A 97 3.13 5.02 8.02
C GLU A 97 2.28 6.27 7.80
N VAL A 98 2.90 7.40 7.57
CA VAL A 98 2.12 8.65 7.37
C VAL A 98 2.96 9.64 6.56
N GLN A 99 2.62 10.91 6.59
CA GLN A 99 3.41 11.91 5.82
C GLN A 99 4.64 12.31 6.66
N GLY A 100 5.59 11.42 6.73
CA GLY A 100 6.82 11.68 7.53
C GLY A 100 7.15 10.41 8.32
N HIS A 101 6.17 9.56 8.48
CA HIS A 101 6.39 8.28 9.21
C HIS A 101 6.91 7.23 8.24
N GLU A 102 6.65 7.42 6.97
CA GLU A 102 7.12 6.45 5.94
C GLU A 102 8.52 6.86 5.46
N SER A 103 9.23 7.61 6.25
CA SER A 103 10.59 8.08 5.85
C SER A 103 11.51 6.90 5.53
N GLU A 104 12.36 6.52 6.46
CA GLU A 104 13.32 5.41 6.19
C GLU A 104 12.58 4.09 5.95
N THR A 105 11.34 4.00 6.34
CA THR A 105 10.58 2.72 6.12
C THR A 105 10.10 2.64 4.67
N PHE A 106 9.27 3.54 4.26
CA PHE A 106 8.77 3.50 2.87
C PHE A 106 9.96 3.56 1.92
N ARG A 107 10.77 4.58 2.05
CA ARG A 107 11.97 4.70 1.18
C ARG A 107 12.83 3.44 1.34
N ALA A 108 12.83 2.85 2.51
CA ALA A 108 13.65 1.62 2.70
C ALA A 108 13.32 0.64 1.60
N TYR A 109 12.06 0.32 1.43
CA TYR A 109 11.66 -0.61 0.34
C TYR A 109 11.98 0.04 -1.00
N PHE A 110 12.05 1.35 -1.03
CA PHE A 110 12.37 2.07 -2.29
C PHE A 110 13.82 2.53 -2.25
N LYS A 111 14.71 1.75 -2.77
CA LYS A 111 16.16 2.15 -2.77
C LYS A 111 16.43 3.08 -3.95
N GLN A 112 16.27 4.36 -3.74
CA GLN A 112 16.52 5.33 -4.84
C GLN A 112 15.99 6.70 -4.40
N GLY A 113 14.70 6.88 -4.41
CA GLY A 113 14.11 8.18 -4.00
C GLY A 113 12.65 7.94 -3.61
N LEU A 114 11.79 8.86 -3.93
CA LEU A 114 10.34 8.69 -3.60
C LEU A 114 9.59 9.97 -3.99
N ILE A 115 8.80 9.93 -5.02
CA ILE A 115 8.04 11.14 -5.45
C ILE A 115 6.65 11.11 -4.80
N TYR A 116 5.97 12.22 -4.82
CA TYR A 116 4.60 12.27 -4.24
C TYR A 116 3.74 13.18 -5.12
N LYS A 117 2.77 12.63 -5.79
CA LYS A 117 1.90 13.45 -6.68
C LYS A 117 0.86 14.20 -5.84
N GLN A 118 -0.12 14.79 -6.47
CA GLN A 118 -1.16 15.54 -5.69
C GLN A 118 -2.35 14.63 -5.37
N GLY A 119 -2.99 14.85 -4.25
CA GLY A 119 -4.17 14.02 -3.88
C GLY A 119 -5.32 14.28 -4.87
N GLY A 120 -6.48 13.74 -4.62
CA GLY A 120 -7.62 13.98 -5.56
C GLY A 120 -7.24 13.48 -6.95
N VAL A 121 -7.94 12.51 -7.46
CA VAL A 121 -7.63 11.98 -8.81
C VAL A 121 -8.45 12.75 -9.85
N ALA A 122 -8.94 12.09 -10.85
CA ALA A 122 -9.74 12.78 -11.90
C ALA A 122 -11.20 12.89 -11.43
N SER A 123 -11.91 11.80 -11.40
CA SER A 123 -13.33 11.85 -10.95
C SER A 123 -14.19 12.45 -12.06
N GLY A 124 -13.67 12.55 -13.25
CA GLY A 124 -14.47 13.12 -14.37
C GLY A 124 -14.99 14.50 -13.96
N MET A 125 -14.11 15.38 -13.56
CA MET A 125 -14.57 16.74 -13.15
C MET A 125 -13.63 17.79 -13.76
N LYS A 126 -12.41 17.85 -13.31
CA LYS A 126 -11.46 18.85 -13.85
C LYS A 126 -10.32 18.13 -14.59
N VAL A 1 -11.11 -0.58 -6.31
CA VAL A 1 -11.97 -0.74 -5.11
C VAL A 1 -12.05 -2.22 -4.74
N GLU A 2 -12.61 -2.52 -3.59
CA GLU A 2 -12.72 -3.94 -3.15
C GLU A 2 -11.46 -4.71 -3.53
N LEU A 3 -10.44 -4.63 -2.72
CA LEU A 3 -9.18 -5.37 -3.04
C LEU A 3 -9.28 -6.80 -2.52
N SER A 4 -10.45 -7.25 -2.19
CA SER A 4 -10.58 -8.63 -1.66
C SER A 4 -10.87 -9.60 -2.82
N LYS A 5 -10.83 -9.13 -4.04
CA LYS A 5 -11.10 -10.03 -5.19
C LYS A 5 -10.05 -9.78 -6.28
N LYS A 6 -9.82 -8.55 -6.63
CA LYS A 6 -8.81 -8.25 -7.67
C LYS A 6 -7.44 -8.07 -7.01
N VAL A 7 -7.17 -8.82 -5.98
CA VAL A 7 -5.86 -8.68 -5.28
C VAL A 7 -5.56 -9.95 -4.49
N THR A 8 -6.51 -10.41 -3.71
CA THR A 8 -6.28 -11.63 -2.90
C THR A 8 -6.00 -12.83 -3.80
N GLY A 9 -6.58 -12.85 -4.98
CA GLY A 9 -6.32 -14.01 -5.90
C GLY A 9 -4.82 -14.30 -5.90
N LYS A 10 -4.02 -13.31 -5.63
CA LYS A 10 -2.54 -13.50 -5.59
C LYS A 10 -1.88 -12.15 -5.35
N LEU A 11 -2.00 -11.63 -4.16
CA LEU A 11 -1.38 -10.31 -3.85
C LEU A 11 0.07 -10.49 -3.40
N ASP A 12 0.66 -11.61 -3.73
CA ASP A 12 2.08 -11.86 -3.35
C ASP A 12 2.34 -13.38 -3.33
N LYS A 13 3.06 -13.88 -4.30
CA LYS A 13 3.34 -15.34 -4.34
C LYS A 13 4.58 -15.60 -5.19
N THR A 14 5.57 -16.23 -4.63
CA THR A 14 6.81 -16.52 -5.41
C THR A 14 7.27 -15.25 -6.13
N THR A 15 7.50 -14.19 -5.38
CA THR A 15 7.96 -12.93 -6.01
C THR A 15 8.46 -11.98 -4.92
N PRO A 16 9.77 -11.82 -4.85
CA PRO A 16 10.40 -10.94 -3.84
C PRO A 16 10.26 -9.48 -4.26
N GLY A 17 9.76 -8.65 -3.38
CA GLY A 17 9.58 -7.21 -3.72
C GLY A 17 8.32 -6.69 -3.03
N ILE A 18 8.13 -5.39 -3.01
CA ILE A 18 6.92 -4.84 -2.35
C ILE A 18 6.13 -3.98 -3.34
N GLN A 19 4.84 -4.03 -3.26
CA GLN A 19 3.98 -3.22 -4.16
C GLN A 19 3.12 -2.29 -3.31
N ILE A 20 2.15 -1.62 -3.88
CA ILE A 20 1.30 -0.72 -3.06
C ILE A 20 -0.12 -0.68 -3.61
N TRP A 21 -0.97 0.06 -2.96
CA TRP A 21 -2.36 0.21 -3.44
C TRP A 21 -2.70 1.69 -3.34
N ARG A 22 -3.08 2.30 -4.43
CA ARG A 22 -3.34 3.75 -4.40
C ARG A 22 -4.75 4.07 -3.89
N ILE A 23 -4.81 4.98 -2.95
CA ILE A 23 -6.11 5.45 -2.39
C ILE A 23 -6.14 6.97 -2.63
N GLU A 24 -5.40 7.38 -3.63
CA GLU A 24 -5.31 8.83 -3.99
C GLU A 24 -6.67 9.35 -4.43
N ASN A 25 -7.32 8.66 -5.33
CA ASN A 25 -8.65 9.11 -5.79
C ASN A 25 -9.71 8.58 -4.81
N MET A 26 -9.43 8.65 -3.54
CA MET A 26 -10.40 8.13 -2.55
C MET A 26 -10.83 6.74 -2.99
N GLU A 27 -9.94 5.99 -3.59
CA GLU A 27 -10.29 4.62 -4.04
C GLU A 27 -9.03 3.75 -4.03
N MET A 28 -9.11 2.58 -3.46
CA MET A 28 -7.91 1.71 -3.41
C MET A 28 -7.74 0.97 -4.74
N VAL A 29 -6.52 0.87 -5.18
CA VAL A 29 -6.23 0.16 -6.46
C VAL A 29 -4.90 -0.56 -6.31
N PRO A 30 -4.77 -1.69 -6.96
CA PRO A 30 -3.54 -2.50 -6.89
C PRO A 30 -2.38 -1.86 -7.65
N VAL A 31 -1.63 -1.01 -6.97
CA VAL A 31 -0.47 -0.35 -7.63
C VAL A 31 0.60 -1.40 -7.95
N PRO A 32 0.80 -1.64 -9.22
CA PRO A 32 1.80 -2.63 -9.68
C PRO A 32 3.20 -2.04 -9.63
N THR A 33 4.12 -2.60 -10.37
CA THR A 33 5.51 -2.07 -10.36
C THR A 33 5.63 -0.96 -11.40
N LYS A 34 4.66 -0.83 -12.26
CA LYS A 34 4.73 0.23 -13.30
C LYS A 34 4.15 1.54 -12.76
N SER A 35 4.20 1.74 -11.46
CA SER A 35 3.65 2.99 -10.88
C SER A 35 4.26 3.23 -9.50
N TYR A 36 4.46 2.19 -8.74
CA TYR A 36 5.03 2.35 -7.37
C TYR A 36 6.20 3.36 -7.43
N GLY A 37 6.21 4.32 -6.55
CA GLY A 37 7.31 5.32 -6.55
C GLY A 37 6.74 6.71 -6.32
N ASN A 38 6.07 7.27 -7.29
CA ASN A 38 5.50 8.63 -7.13
C ASN A 38 4.05 8.51 -6.67
N PHE A 39 3.81 8.63 -5.39
CA PHE A 39 2.41 8.53 -4.87
C PHE A 39 2.03 9.85 -4.22
N TYR A 40 0.90 10.40 -4.59
CA TYR A 40 0.46 11.70 -3.99
C TYR A 40 0.78 11.74 -2.50
N GLU A 41 0.97 12.91 -1.96
CA GLU A 41 1.29 13.02 -0.51
C GLU A 41 0.02 13.17 0.32
N GLY A 42 -0.98 13.81 -0.23
CA GLY A 42 -2.24 13.99 0.53
C GLY A 42 -3.20 12.84 0.24
N ASP A 43 -2.84 11.64 0.61
CA ASP A 43 -3.75 10.48 0.36
C ASP A 43 -3.34 9.29 1.24
N CYS A 44 -3.48 8.09 0.71
CA CYS A 44 -3.11 6.87 1.48
C CYS A 44 -2.65 5.79 0.50
N TYR A 45 -1.67 5.01 0.86
CA TYR A 45 -1.18 3.95 -0.07
C TYR A 45 -0.85 2.70 0.74
N VAL A 46 -1.60 1.64 0.55
CA VAL A 46 -1.31 0.39 1.32
C VAL A 46 -0.14 -0.33 0.63
N LEU A 47 0.88 -0.66 1.37
CA LEU A 47 2.05 -1.34 0.75
C LEU A 47 2.09 -2.81 1.16
N LEU A 48 2.83 -3.62 0.45
CA LEU A 48 2.90 -5.07 0.80
C LEU A 48 4.26 -5.62 0.36
N SER A 49 5.08 -6.04 1.29
CA SER A 49 6.42 -6.57 0.92
C SER A 49 6.48 -8.07 1.16
N THR A 50 6.96 -8.77 0.18
CA THR A 50 7.07 -10.25 0.31
C THR A 50 8.51 -10.68 0.03
N ARG A 51 9.15 -11.32 0.97
CA ARG A 51 10.56 -11.75 0.75
C ARG A 51 10.67 -13.25 1.01
N LYS A 52 11.67 -13.89 0.46
CA LYS A 52 11.84 -15.36 0.69
C LYS A 52 12.35 -15.59 2.11
N THR A 53 12.05 -16.72 2.69
CA THR A 53 12.52 -17.00 4.07
C THR A 53 13.00 -18.45 4.15
N GLY A 54 13.30 -18.92 5.33
CA GLY A 54 13.77 -20.33 5.48
C GLY A 54 12.57 -21.26 5.55
N SER A 55 11.39 -20.73 5.72
CA SER A 55 10.18 -21.58 5.80
C SER A 55 9.35 -21.42 4.53
N GLY A 56 9.31 -20.24 3.99
CA GLY A 56 8.52 -20.01 2.75
C GLY A 56 8.59 -18.53 2.36
N PHE A 57 7.56 -17.78 2.66
CA PHE A 57 7.57 -16.32 2.31
C PHE A 57 7.15 -15.51 3.53
N SER A 58 7.57 -14.27 3.60
CA SER A 58 7.19 -13.41 4.75
C SER A 58 6.56 -12.12 4.21
N TYR A 59 5.29 -11.92 4.45
CA TYR A 59 4.63 -10.69 3.92
C TYR A 59 4.67 -9.58 4.98
N ASN A 60 4.63 -8.36 4.53
CA ASN A 60 4.65 -7.20 5.46
C ASN A 60 3.68 -6.16 4.94
N ILE A 61 2.50 -6.12 5.48
CA ILE A 61 1.48 -5.14 4.97
C ILE A 61 1.59 -3.82 5.73
N HIS A 62 1.88 -2.77 5.01
CA HIS A 62 1.98 -1.43 5.64
C HIS A 62 0.81 -0.59 5.22
N TYR A 63 0.55 0.50 5.89
CA TYR A 63 -0.56 1.36 5.45
C TYR A 63 -0.14 2.82 5.55
N TRP A 64 0.15 3.39 4.41
CA TRP A 64 0.58 4.82 4.35
C TRP A 64 -0.65 5.71 4.44
N LEU A 65 -0.61 6.68 5.31
CA LEU A 65 -1.79 7.57 5.47
C LEU A 65 -1.41 9.03 5.23
N GLY A 66 -1.03 9.38 4.02
CA GLY A 66 -0.68 10.80 3.73
C GLY A 66 -1.83 11.69 4.23
N LYS A 67 -1.73 12.11 5.47
CA LYS A 67 -2.78 12.95 6.12
C LYS A 67 -3.37 13.99 5.17
N ASN A 68 -4.43 13.63 4.53
CA ASN A 68 -5.10 14.57 3.60
C ASN A 68 -6.53 14.09 3.34
N SER A 69 -6.69 12.82 3.11
CA SER A 69 -8.06 12.28 2.85
C SER A 69 -8.91 12.48 4.11
N SER A 70 -9.83 11.58 4.36
CA SER A 70 -10.70 11.73 5.56
C SER A 70 -10.55 10.49 6.45
N GLN A 71 -11.05 10.54 7.65
CA GLN A 71 -10.94 9.37 8.55
C GLN A 71 -11.38 8.10 7.81
N ASP A 72 -12.26 8.25 6.85
CA ASP A 72 -12.73 7.05 6.08
C ASP A 72 -11.58 6.52 5.23
N GLU A 73 -10.86 7.39 4.57
CA GLU A 73 -9.73 6.90 3.73
C GLU A 73 -8.78 6.11 4.63
N GLN A 74 -8.61 6.55 5.85
CA GLN A 74 -7.72 5.80 6.78
C GLN A 74 -8.34 4.42 7.01
N GLY A 75 -9.64 4.35 7.03
CA GLY A 75 -10.31 3.03 7.24
C GLY A 75 -10.33 2.28 5.91
N ALA A 76 -10.04 2.96 4.83
CA ALA A 76 -10.04 2.29 3.50
C ALA A 76 -8.71 1.53 3.33
N ALA A 77 -7.61 2.20 3.48
CA ALA A 77 -6.29 1.52 3.33
C ALA A 77 -6.03 0.66 4.57
N ALA A 78 -6.37 1.17 5.73
CA ALA A 78 -6.15 0.38 6.98
C ALA A 78 -6.98 -0.90 6.93
N ILE A 79 -8.25 -0.78 6.61
CA ILE A 79 -9.11 -1.99 6.54
C ILE A 79 -8.60 -2.92 5.43
N TYR A 80 -8.29 -2.36 4.29
CA TYR A 80 -7.78 -3.22 3.18
C TYR A 80 -6.47 -3.87 3.60
N THR A 81 -5.77 -3.27 4.52
CA THR A 81 -4.48 -3.86 4.99
C THR A 81 -4.80 -4.97 5.99
N THR A 82 -5.95 -4.91 6.60
CA THR A 82 -6.35 -5.95 7.59
C THR A 82 -7.05 -7.10 6.86
N GLN A 83 -7.59 -6.84 5.70
CA GLN A 83 -8.29 -7.91 4.95
C GLN A 83 -7.27 -8.75 4.18
N MET A 84 -6.27 -8.12 3.64
CA MET A 84 -5.23 -8.88 2.87
C MET A 84 -4.32 -9.63 3.85
N ASP A 85 -4.15 -9.09 5.03
CA ASP A 85 -3.27 -9.77 6.03
C ASP A 85 -3.83 -11.15 6.36
N GLU A 86 -5.03 -11.21 6.86
CA GLU A 86 -5.63 -12.53 7.21
C GLU A 86 -5.81 -13.36 5.94
N TYR A 87 -6.09 -12.73 4.83
CA TYR A 87 -6.26 -13.48 3.56
C TYR A 87 -4.91 -14.04 3.10
N LEU A 88 -3.84 -13.53 3.64
CA LEU A 88 -2.49 -14.03 3.23
C LEU A 88 -2.04 -15.13 4.18
N GLY A 89 -2.95 -15.77 4.85
CA GLY A 89 -2.57 -16.86 5.79
C GLY A 89 -2.23 -16.26 7.17
N SER A 90 -2.33 -14.97 7.30
CA SER A 90 -2.03 -14.33 8.61
C SER A 90 -0.51 -14.27 8.81
N VAL A 91 0.24 -14.62 7.80
CA VAL A 91 1.73 -14.58 7.94
C VAL A 91 2.22 -13.16 7.68
N ALA A 92 1.42 -12.36 7.04
CA ALA A 92 1.85 -10.96 6.75
C ALA A 92 1.92 -10.17 8.06
N VAL A 93 2.53 -9.02 8.03
CA VAL A 93 2.64 -8.20 9.26
C VAL A 93 1.89 -6.88 9.05
N GLN A 94 1.92 -6.00 10.01
CA GLN A 94 1.22 -4.71 9.84
C GLN A 94 2.18 -3.58 10.23
N HIS A 95 2.19 -2.51 9.48
CA HIS A 95 3.12 -1.40 9.81
C HIS A 95 2.39 -0.06 9.72
N ARG A 96 2.71 0.86 10.60
CA ARG A 96 2.04 2.19 10.60
C ARG A 96 2.87 3.19 9.79
N GLU A 97 2.32 3.71 8.71
CA GLU A 97 3.08 4.70 7.91
C GLU A 97 2.22 5.95 7.70
N VAL A 98 2.84 7.07 7.41
CA VAL A 98 2.07 8.33 7.22
C VAL A 98 2.87 9.28 6.32
N GLN A 99 2.39 10.48 6.12
CA GLN A 99 3.14 11.44 5.27
C GLN A 99 4.42 11.89 5.96
N GLY A 100 4.63 11.42 7.16
CA GLY A 100 5.86 11.80 7.91
C GLY A 100 6.29 10.60 8.75
N HIS A 101 5.78 9.43 8.44
CA HIS A 101 6.15 8.22 9.22
C HIS A 101 6.77 7.19 8.28
N GLU A 102 6.60 7.35 7.00
CA GLU A 102 7.17 6.39 6.02
C GLU A 102 8.58 6.85 5.62
N SER A 103 9.19 7.65 6.45
CA SER A 103 10.56 8.19 6.14
C SER A 103 11.48 7.12 5.55
N GLU A 104 12.43 6.63 6.31
CA GLU A 104 13.39 5.61 5.77
C GLU A 104 12.69 4.29 5.47
N THR A 105 11.69 3.95 6.21
CA THR A 105 10.99 2.65 5.95
C THR A 105 10.45 2.61 4.53
N PHE A 106 9.59 3.53 4.18
CA PHE A 106 9.02 3.52 2.80
C PHE A 106 10.17 3.64 1.80
N ARG A 107 10.98 4.66 1.94
CA ARG A 107 12.12 4.82 1.01
C ARG A 107 12.95 3.53 1.02
N ALA A 108 12.81 2.75 2.06
CA ALA A 108 13.57 1.48 2.13
C ALA A 108 13.07 0.56 1.02
N TYR A 109 11.79 0.37 0.94
CA TYR A 109 11.23 -0.50 -0.13
C TYR A 109 11.49 0.17 -1.48
N PHE A 110 11.79 1.45 -1.48
CA PHE A 110 12.06 2.15 -2.77
C PHE A 110 13.46 2.75 -2.74
N LYS A 111 14.40 2.11 -3.38
CA LYS A 111 15.79 2.65 -3.39
C LYS A 111 15.90 3.73 -4.47
N GLN A 112 15.33 4.88 -4.22
CA GLN A 112 15.41 5.98 -5.22
C GLN A 112 15.18 7.33 -4.54
N GLY A 113 14.09 7.49 -3.83
CA GLY A 113 13.82 8.78 -3.14
C GLY A 113 12.32 8.93 -2.89
N LEU A 114 11.50 8.21 -3.62
CA LEU A 114 10.03 8.31 -3.42
C LEU A 114 9.56 9.72 -3.75
N ILE A 115 8.49 9.84 -4.50
CA ILE A 115 7.97 11.18 -4.86
C ILE A 115 6.57 11.36 -4.26
N TYR A 116 6.09 12.56 -4.20
CA TYR A 116 4.73 12.80 -3.64
C TYR A 116 4.02 13.87 -4.46
N LYS A 117 3.12 13.47 -5.32
CA LYS A 117 2.38 14.46 -6.17
C LYS A 117 1.26 15.10 -5.34
N GLN A 118 0.37 15.82 -5.98
CA GLN A 118 -0.74 16.47 -5.23
C GLN A 118 -1.96 15.55 -5.16
N GLY A 119 -2.44 15.27 -3.98
CA GLY A 119 -3.63 14.38 -3.84
C GLY A 119 -4.80 14.96 -4.64
N GLY A 120 -6.00 14.53 -4.35
CA GLY A 120 -7.17 15.06 -5.11
C GLY A 120 -7.08 14.58 -6.56
N VAL A 121 -7.23 13.30 -6.77
CA VAL A 121 -7.15 12.76 -8.15
C VAL A 121 -8.53 12.75 -8.79
N ALA A 122 -8.78 13.69 -9.63
CA ALA A 122 -10.10 13.78 -10.31
C ALA A 122 -10.57 12.37 -10.72
N SER A 123 -10.04 11.86 -11.79
CA SER A 123 -10.45 10.49 -12.25
C SER A 123 -9.83 10.21 -13.62
N GLY A 124 -9.61 11.23 -14.40
CA GLY A 124 -9.01 11.03 -15.75
C GLY A 124 -10.10 11.15 -16.82
N MET A 125 -11.27 10.65 -16.55
CA MET A 125 -12.37 10.73 -17.54
C MET A 125 -13.57 9.92 -17.05
N LYS A 126 -13.52 8.62 -17.22
CA LYS A 126 -14.66 7.77 -16.76
C LYS A 126 -15.98 8.43 -17.15
N VAL A 1 -10.64 -0.71 -4.51
CA VAL A 1 -12.04 -1.21 -4.68
C VAL A 1 -12.08 -2.71 -4.34
N GLU A 2 -12.69 -3.05 -3.24
CA GLU A 2 -12.78 -4.49 -2.83
C GLU A 2 -11.50 -5.23 -3.20
N LEU A 3 -10.36 -4.70 -2.81
CA LEU A 3 -9.08 -5.38 -3.14
C LEU A 3 -9.21 -6.89 -2.90
N SER A 4 -10.03 -7.27 -1.96
CA SER A 4 -10.21 -8.72 -1.67
C SER A 4 -10.81 -9.43 -2.89
N LYS A 5 -9.97 -9.87 -3.79
CA LYS A 5 -10.47 -10.58 -5.00
C LYS A 5 -9.31 -10.73 -5.99
N LYS A 6 -9.14 -9.78 -6.87
CA LYS A 6 -8.02 -9.86 -7.84
C LYS A 6 -6.71 -9.54 -7.12
N VAL A 7 -6.79 -9.13 -5.89
CA VAL A 7 -5.56 -8.80 -5.12
C VAL A 7 -5.29 -9.90 -4.09
N THR A 8 -6.08 -9.94 -3.04
CA THR A 8 -5.86 -10.98 -1.99
C THR A 8 -5.69 -12.36 -2.66
N GLY A 9 -6.31 -12.56 -3.80
CA GLY A 9 -6.17 -13.88 -4.49
C GLY A 9 -4.73 -14.36 -4.41
N LYS A 10 -3.79 -13.51 -4.71
CA LYS A 10 -2.36 -13.92 -4.65
C LYS A 10 -1.52 -12.76 -4.11
N LEU A 11 -1.62 -11.61 -4.72
CA LEU A 11 -0.83 -10.42 -4.26
C LEU A 11 0.59 -10.48 -4.84
N ASP A 12 1.20 -11.63 -4.83
CA ASP A 12 2.59 -11.74 -5.37
C ASP A 12 2.99 -13.21 -5.44
N LYS A 13 3.46 -13.77 -4.36
CA LYS A 13 3.87 -15.21 -4.38
C LYS A 13 5.20 -15.34 -5.12
N THR A 14 6.18 -15.91 -4.49
CA THR A 14 7.50 -16.08 -5.15
C THR A 14 7.92 -14.75 -5.78
N THR A 15 8.01 -13.72 -4.98
CA THR A 15 8.42 -12.40 -5.52
C THR A 15 8.98 -11.54 -4.37
N PRO A 16 10.28 -11.46 -4.30
CA PRO A 16 10.97 -10.67 -3.26
C PRO A 16 10.90 -9.18 -3.58
N GLY A 17 9.82 -8.53 -3.22
CA GLY A 17 9.68 -7.08 -3.49
C GLY A 17 8.50 -6.53 -2.70
N ILE A 18 7.79 -5.57 -3.23
CA ILE A 18 6.62 -5.03 -2.50
C ILE A 18 5.68 -4.32 -3.48
N GLN A 19 4.40 -4.39 -3.23
CA GLN A 19 3.41 -3.73 -4.12
C GLN A 19 2.58 -2.76 -3.27
N ILE A 20 2.21 -1.64 -3.81
CA ILE A 20 1.39 -0.69 -3.00
C ILE A 20 0.01 -0.54 -3.62
N TRP A 21 -0.87 0.19 -2.98
CA TRP A 21 -2.23 0.38 -3.53
C TRP A 21 -2.59 1.85 -3.41
N ARG A 22 -2.81 2.51 -4.52
CA ARG A 22 -3.13 3.96 -4.45
C ARG A 22 -4.61 4.15 -4.10
N ILE A 23 -4.87 4.96 -3.10
CA ILE A 23 -6.26 5.23 -2.68
C ILE A 23 -6.66 6.60 -3.25
N GLU A 24 -6.11 6.92 -4.39
CA GLU A 24 -6.40 8.22 -5.05
C GLU A 24 -7.91 8.37 -5.23
N ASN A 25 -8.36 9.54 -5.59
CA ASN A 25 -9.82 9.76 -5.77
C ASN A 25 -10.57 9.06 -4.63
N MET A 26 -9.93 8.93 -3.50
CA MET A 26 -10.57 8.26 -2.34
C MET A 26 -11.16 6.92 -2.78
N GLU A 27 -10.36 6.05 -3.33
CA GLU A 27 -10.91 4.73 -3.76
C GLU A 27 -9.92 3.60 -3.41
N MET A 28 -9.14 3.16 -4.37
CA MET A 28 -8.18 2.06 -4.09
C MET A 28 -7.71 1.45 -5.41
N VAL A 29 -6.47 1.12 -5.53
CA VAL A 29 -5.96 0.52 -6.80
C VAL A 29 -4.66 -0.24 -6.53
N PRO A 30 -4.47 -1.30 -7.27
CA PRO A 30 -3.27 -2.17 -7.14
C PRO A 30 -2.05 -1.53 -7.81
N VAL A 31 -1.33 -0.71 -7.09
CA VAL A 31 -0.10 -0.09 -7.66
C VAL A 31 0.97 -1.17 -7.85
N PRO A 32 1.31 -1.46 -9.08
CA PRO A 32 2.31 -2.49 -9.42
C PRO A 32 3.72 -1.95 -9.19
N THR A 33 4.70 -2.57 -9.79
CA THR A 33 6.11 -2.10 -9.60
C THR A 33 6.43 -1.02 -10.64
N LYS A 34 5.63 -0.93 -11.66
CA LYS A 34 5.91 0.09 -12.72
C LYS A 34 5.20 1.39 -12.38
N SER A 35 4.78 1.58 -11.15
CA SER A 35 4.07 2.83 -10.80
C SER A 35 4.46 3.29 -9.38
N TYR A 36 5.39 2.62 -8.75
CA TYR A 36 5.79 3.04 -7.37
C TYR A 36 6.94 4.04 -7.46
N GLY A 37 6.99 4.97 -6.54
CA GLY A 37 8.08 5.98 -6.57
C GLY A 37 7.51 7.38 -6.31
N ASN A 38 6.27 7.59 -6.64
CA ASN A 38 5.66 8.93 -6.41
C ASN A 38 4.22 8.75 -5.90
N PHE A 39 3.99 8.99 -4.64
CA PHE A 39 2.61 8.84 -4.11
C PHE A 39 2.12 10.17 -3.55
N TYR A 40 0.97 10.62 -3.99
CA TYR A 40 0.43 11.93 -3.49
C TYR A 40 0.50 11.96 -1.97
N GLU A 41 1.18 12.93 -1.41
CA GLU A 41 1.29 13.03 0.07
C GLU A 41 -0.08 13.27 0.69
N GLY A 42 -1.08 13.52 -0.11
CA GLY A 42 -2.43 13.79 0.46
C GLY A 42 -3.38 12.64 0.11
N ASP A 43 -3.05 11.43 0.49
CA ASP A 43 -3.95 10.28 0.20
C ASP A 43 -3.60 9.07 1.08
N CYS A 44 -3.71 7.88 0.55
CA CYS A 44 -3.38 6.66 1.33
C CYS A 44 -2.77 5.61 0.39
N TYR A 45 -1.76 4.92 0.82
CA TYR A 45 -1.12 3.90 -0.07
C TYR A 45 -0.82 2.63 0.72
N VAL A 46 -1.58 1.58 0.51
CA VAL A 46 -1.31 0.32 1.24
C VAL A 46 -0.13 -0.40 0.59
N LEU A 47 0.86 -0.79 1.36
CA LEU A 47 2.04 -1.47 0.77
C LEU A 47 2.02 -2.96 1.12
N LEU A 48 2.74 -3.79 0.40
CA LEU A 48 2.76 -5.25 0.70
C LEU A 48 4.10 -5.85 0.27
N SER A 49 5.04 -5.91 1.17
CA SER A 49 6.38 -6.48 0.80
C SER A 49 6.45 -7.94 1.20
N THR A 50 6.87 -8.77 0.30
CA THR A 50 6.99 -10.23 0.59
C THR A 50 8.46 -10.59 0.74
N ARG A 51 8.77 -11.61 1.49
CA ARG A 51 10.20 -12.00 1.67
C ARG A 51 10.32 -13.53 1.60
N LYS A 52 11.32 -14.03 0.92
CA LYS A 52 11.50 -15.50 0.84
C LYS A 52 12.09 -16.02 2.13
N THR A 53 12.01 -17.31 2.36
CA THR A 53 12.57 -17.88 3.61
C THR A 53 12.84 -19.37 3.43
N GLY A 54 13.30 -20.04 4.45
CA GLY A 54 13.58 -21.50 4.33
C GLY A 54 12.31 -22.29 4.64
N SER A 55 11.17 -21.67 4.57
CA SER A 55 9.91 -22.38 4.88
C SER A 55 8.81 -21.92 3.92
N GLY A 56 8.63 -20.64 3.78
CA GLY A 56 7.58 -20.13 2.85
C GLY A 56 7.93 -18.70 2.42
N PHE A 57 7.28 -17.72 3.00
CA PHE A 57 7.58 -16.32 2.62
C PHE A 57 7.27 -15.39 3.81
N SER A 58 7.33 -14.10 3.60
CA SER A 58 7.03 -13.15 4.71
C SER A 58 6.42 -11.88 4.12
N TYR A 59 5.13 -11.72 4.24
CA TYR A 59 4.48 -10.51 3.68
C TYR A 59 4.56 -9.36 4.69
N ASN A 60 4.42 -8.15 4.20
CA ASN A 60 4.47 -6.97 5.10
C ASN A 60 3.43 -5.96 4.62
N ILE A 61 2.30 -5.90 5.27
CA ILE A 61 1.24 -4.96 4.83
C ILE A 61 1.37 -3.64 5.58
N HIS A 62 1.69 -2.59 4.89
CA HIS A 62 1.82 -1.26 5.55
C HIS A 62 0.65 -0.38 5.16
N TYR A 63 0.49 0.75 5.79
CA TYR A 63 -0.62 1.64 5.37
C TYR A 63 -0.15 3.10 5.44
N TRP A 64 0.06 3.68 4.29
CA TRP A 64 0.51 5.09 4.20
C TRP A 64 -0.70 6.01 4.33
N LEU A 65 -0.58 7.05 5.10
CA LEU A 65 -1.74 7.94 5.29
C LEU A 65 -1.41 9.38 4.91
N GLY A 66 -1.09 9.66 3.67
CA GLY A 66 -0.79 11.06 3.26
C GLY A 66 -1.89 11.97 3.85
N LYS A 67 -1.63 12.51 5.02
CA LYS A 67 -2.62 13.36 5.75
C LYS A 67 -3.41 14.29 4.84
N ASN A 68 -4.47 13.78 4.27
CA ASN A 68 -5.36 14.62 3.42
C ASN A 68 -6.68 13.88 3.26
N SER A 69 -6.61 12.60 3.04
CA SER A 69 -7.86 11.80 2.88
C SER A 69 -8.81 12.09 4.03
N SER A 70 -9.95 11.45 4.06
CA SER A 70 -10.91 11.70 5.17
C SER A 70 -10.73 10.63 6.25
N GLN A 71 -11.64 10.57 7.20
CA GLN A 71 -11.50 9.56 8.28
C GLN A 71 -11.75 8.15 7.73
N ASP A 72 -12.71 8.00 6.84
CA ASP A 72 -12.99 6.66 6.28
C ASP A 72 -11.89 6.30 5.28
N GLU A 73 -11.25 7.27 4.72
CA GLU A 73 -10.16 6.97 3.75
C GLU A 73 -8.99 6.35 4.52
N GLN A 74 -8.68 6.90 5.66
CA GLN A 74 -7.57 6.30 6.46
C GLN A 74 -8.04 4.93 6.92
N GLY A 75 -9.32 4.78 7.11
CA GLY A 75 -9.87 3.45 7.54
C GLY A 75 -10.06 2.58 6.30
N ALA A 76 -9.98 3.16 5.12
CA ALA A 76 -10.15 2.36 3.89
C ALA A 76 -8.80 1.73 3.53
N ALA A 77 -7.73 2.47 3.67
CA ALA A 77 -6.40 1.90 3.36
C ALA A 77 -6.01 0.91 4.46
N ALA A 78 -6.11 1.32 5.69
CA ALA A 78 -5.76 0.41 6.81
C ALA A 78 -6.65 -0.82 6.75
N ILE A 79 -7.91 -0.64 6.45
CA ILE A 79 -8.82 -1.81 6.36
C ILE A 79 -8.35 -2.72 5.23
N TYR A 80 -7.97 -2.17 4.10
CA TYR A 80 -7.49 -3.01 2.99
C TYR A 80 -6.24 -3.74 3.46
N THR A 81 -5.57 -3.19 4.43
CA THR A 81 -4.35 -3.84 4.98
C THR A 81 -4.78 -4.91 5.99
N THR A 82 -5.93 -4.73 6.58
CA THR A 82 -6.42 -5.72 7.57
C THR A 82 -6.81 -7.00 6.85
N GLN A 83 -7.54 -6.88 5.76
CA GLN A 83 -7.94 -8.10 5.00
C GLN A 83 -6.72 -8.73 4.35
N MET A 84 -5.86 -7.92 3.78
CA MET A 84 -4.64 -8.49 3.13
C MET A 84 -3.87 -9.35 4.14
N ASP A 85 -3.86 -8.95 5.38
CA ASP A 85 -3.14 -9.74 6.41
C ASP A 85 -3.96 -10.97 6.79
N GLU A 86 -5.26 -10.83 6.85
CA GLU A 86 -6.13 -11.99 7.21
C GLU A 86 -6.44 -12.80 5.95
N TYR A 87 -5.85 -12.46 4.85
CA TYR A 87 -6.12 -13.22 3.58
C TYR A 87 -4.81 -13.80 3.05
N LEU A 88 -3.70 -13.31 3.50
CA LEU A 88 -2.40 -13.85 3.00
C LEU A 88 -1.98 -15.04 3.86
N GLY A 89 -2.81 -15.47 4.77
CA GLY A 89 -2.46 -16.64 5.63
C GLY A 89 -1.89 -16.14 6.96
N SER A 90 -2.38 -15.03 7.44
CA SER A 90 -1.86 -14.50 8.74
C SER A 90 -0.33 -14.53 8.74
N VAL A 91 0.28 -14.51 7.58
CA VAL A 91 1.76 -14.54 7.51
C VAL A 91 2.28 -13.12 7.26
N ALA A 92 1.42 -12.24 6.84
CA ALA A 92 1.87 -10.85 6.56
C ALA A 92 1.96 -10.07 7.87
N VAL A 93 2.57 -8.91 7.84
CA VAL A 93 2.69 -8.10 9.08
C VAL A 93 1.91 -6.79 8.90
N GLN A 94 1.97 -5.91 9.87
CA GLN A 94 1.24 -4.63 9.73
C GLN A 94 2.19 -3.49 10.06
N HIS A 95 2.10 -2.39 9.36
CA HIS A 95 3.01 -1.25 9.62
C HIS A 95 2.26 0.07 9.45
N ARG A 96 2.66 1.09 10.17
CA ARG A 96 1.98 2.41 10.05
C ARG A 96 2.87 3.40 9.33
N GLU A 97 2.30 4.19 8.45
CA GLU A 97 3.12 5.20 7.72
C GLU A 97 2.26 6.45 7.47
N VAL A 98 2.88 7.56 7.18
CA VAL A 98 2.12 8.82 6.95
C VAL A 98 2.97 9.77 6.09
N GLN A 99 2.60 11.03 6.01
CA GLN A 99 3.41 11.97 5.18
C GLN A 99 4.72 12.31 5.91
N GLY A 100 4.93 11.73 7.04
CA GLY A 100 6.18 11.98 7.81
C GLY A 100 6.53 10.71 8.59
N HIS A 101 5.99 9.60 8.17
CA HIS A 101 6.25 8.31 8.86
C HIS A 101 6.81 7.30 7.86
N GLU A 102 6.77 7.62 6.60
CA GLU A 102 7.28 6.70 5.54
C GLU A 102 8.77 6.97 5.29
N SER A 103 9.39 7.69 6.18
CA SER A 103 10.84 8.05 6.03
C SER A 103 11.68 6.89 5.47
N GLU A 104 12.54 6.31 6.28
CA GLU A 104 13.42 5.21 5.77
C GLU A 104 12.64 3.91 5.59
N THR A 105 11.57 3.72 6.32
CA THR A 105 10.80 2.46 6.17
C THR A 105 10.23 2.37 4.75
N PHE A 106 9.59 3.42 4.30
CA PHE A 106 9.03 3.37 2.92
C PHE A 106 10.19 3.33 1.95
N ARG A 107 11.07 4.30 2.00
CA ARG A 107 12.24 4.29 1.09
C ARG A 107 12.83 2.87 1.12
N ALA A 108 12.65 2.18 2.22
CA ALA A 108 13.16 0.79 2.30
C ALA A 108 12.47 -0.02 1.22
N TYR A 109 11.17 -0.01 1.23
CA TYR A 109 10.41 -0.75 0.18
C TYR A 109 10.50 0.02 -1.14
N PHE A 110 11.12 1.18 -1.13
CA PHE A 110 11.25 1.97 -2.38
C PHE A 110 12.72 2.17 -2.73
N LYS A 111 13.27 1.28 -3.52
CA LYS A 111 14.71 1.41 -3.90
C LYS A 111 14.82 2.22 -5.19
N GLN A 112 13.96 3.19 -5.38
CA GLN A 112 14.04 4.01 -6.61
C GLN A 112 14.03 5.50 -6.24
N GLY A 113 12.91 6.01 -5.80
CA GLY A 113 12.85 7.45 -5.43
C GLY A 113 11.50 7.76 -4.78
N LEU A 114 11.52 8.33 -3.61
CA LEU A 114 10.23 8.67 -2.92
C LEU A 114 9.79 10.09 -3.28
N ILE A 115 8.60 10.22 -3.78
CA ILE A 115 8.08 11.57 -4.14
C ILE A 115 6.70 11.74 -3.50
N TYR A 116 6.19 12.94 -3.47
CA TYR A 116 4.85 13.15 -2.85
C TYR A 116 4.14 14.31 -3.54
N LYS A 117 3.08 14.02 -4.25
CA LYS A 117 2.34 15.10 -4.96
C LYS A 117 1.16 15.57 -4.11
N GLN A 118 0.18 16.19 -4.72
CA GLN A 118 -1.00 16.66 -3.94
C GLN A 118 -2.07 15.57 -3.93
N GLY A 119 -3.07 15.72 -3.09
CA GLY A 119 -4.14 14.70 -3.02
C GLY A 119 -5.15 14.92 -4.15
N GLY A 120 -6.31 14.34 -4.06
CA GLY A 120 -7.32 14.51 -5.14
C GLY A 120 -6.77 13.96 -6.45
N VAL A 121 -7.60 13.30 -7.21
CA VAL A 121 -7.14 12.73 -8.50
C VAL A 121 -7.37 13.77 -9.60
N ALA A 122 -7.68 13.34 -10.79
CA ALA A 122 -7.91 14.31 -11.90
C ALA A 122 -8.81 15.46 -11.40
N SER A 123 -10.09 15.29 -11.48
CA SER A 123 -11.02 16.36 -11.01
C SER A 123 -12.43 16.08 -11.53
N GLY A 124 -12.54 15.66 -12.77
CA GLY A 124 -13.89 15.39 -13.33
C GLY A 124 -14.04 13.88 -13.58
N MET A 125 -13.17 13.32 -14.37
CA MET A 125 -13.26 11.85 -14.63
C MET A 125 -13.40 11.09 -13.33
N LYS A 126 -14.16 10.02 -13.32
CA LYS A 126 -14.34 9.23 -12.07
C LYS A 126 -14.95 7.87 -12.41
N VAL A 1 -11.07 -0.04 -4.99
CA VAL A 1 -12.13 -0.41 -4.01
C VAL A 1 -11.70 -1.69 -3.28
N GLU A 2 -12.65 -2.51 -2.88
CA GLU A 2 -12.30 -3.76 -2.16
C GLU A 2 -11.12 -4.45 -2.87
N LEU A 3 -10.08 -4.74 -2.14
CA LEU A 3 -8.90 -5.41 -2.77
C LEU A 3 -9.12 -6.93 -2.80
N SER A 4 -10.33 -7.36 -2.59
CA SER A 4 -10.59 -8.83 -2.61
C SER A 4 -11.01 -9.27 -4.01
N LYS A 5 -10.74 -10.50 -4.37
CA LYS A 5 -11.15 -11.01 -5.71
C LYS A 5 -10.15 -10.57 -6.78
N LYS A 6 -10.11 -9.29 -7.10
CA LYS A 6 -9.17 -8.82 -8.15
C LYS A 6 -7.77 -8.61 -7.58
N VAL A 7 -7.49 -9.16 -6.42
CA VAL A 7 -6.13 -8.98 -5.84
C VAL A 7 -5.87 -10.09 -4.81
N THR A 8 -6.67 -10.18 -3.79
CA THR A 8 -6.45 -11.24 -2.77
C THR A 8 -6.54 -12.62 -3.42
N GLY A 9 -7.03 -12.69 -4.63
CA GLY A 9 -7.13 -14.02 -5.30
C GLY A 9 -5.77 -14.73 -5.25
N LYS A 10 -4.72 -13.99 -5.05
CA LYS A 10 -3.37 -14.62 -4.99
C LYS A 10 -2.34 -13.59 -4.52
N LEU A 11 -2.51 -12.34 -4.88
CA LEU A 11 -1.55 -11.28 -4.46
C LEU A 11 -0.21 -11.47 -5.19
N ASP A 12 -0.11 -12.48 -6.02
CA ASP A 12 1.17 -12.71 -6.77
C ASP A 12 2.33 -12.90 -5.79
N LYS A 13 3.17 -13.86 -6.03
CA LYS A 13 4.33 -14.08 -5.11
C LYS A 13 5.15 -12.79 -5.04
N THR A 14 4.97 -11.92 -6.01
CA THR A 14 5.68 -10.61 -6.03
C THR A 14 7.16 -10.78 -5.70
N THR A 15 7.70 -11.95 -5.81
CA THR A 15 9.16 -12.12 -5.50
C THR A 15 9.47 -11.43 -4.17
N PRO A 16 10.72 -11.42 -3.76
CA PRO A 16 11.12 -10.80 -2.49
C PRO A 16 11.26 -9.29 -2.67
N GLY A 17 10.20 -8.55 -2.44
CA GLY A 17 10.26 -7.07 -2.59
C GLY A 17 9.04 -6.45 -1.91
N ILE A 18 8.23 -5.73 -2.63
CA ILE A 18 7.02 -5.13 -2.01
C ILE A 18 6.00 -4.75 -3.08
N GLN A 19 5.04 -3.96 -2.69
CA GLN A 19 3.99 -3.50 -3.65
C GLN A 19 3.18 -2.42 -2.95
N ILE A 20 2.28 -1.77 -3.62
CA ILE A 20 1.50 -0.71 -2.91
C ILE A 20 0.08 -0.66 -3.46
N TRP A 21 -0.79 0.05 -2.79
CA TRP A 21 -2.18 0.18 -3.28
C TRP A 21 -2.58 1.65 -3.18
N ARG A 22 -2.88 2.26 -4.28
CA ARG A 22 -3.23 3.72 -4.24
C ARG A 22 -4.67 3.91 -3.77
N ILE A 23 -4.84 4.64 -2.69
CA ILE A 23 -6.19 4.93 -2.18
C ILE A 23 -6.54 6.37 -2.61
N GLU A 24 -5.95 6.79 -3.69
CA GLU A 24 -6.19 8.15 -4.22
C GLU A 24 -7.67 8.33 -4.51
N ASN A 25 -8.06 9.49 -4.97
CA ASN A 25 -9.51 9.74 -5.24
C ASN A 25 -10.33 9.15 -4.10
N MET A 26 -9.76 9.07 -2.93
CA MET A 26 -10.48 8.50 -1.78
C MET A 26 -11.01 7.11 -2.12
N GLU A 27 -10.15 6.21 -2.54
CA GLU A 27 -10.60 4.84 -2.88
C GLU A 27 -9.45 3.84 -2.70
N MET A 28 -9.23 2.96 -3.64
CA MET A 28 -8.11 1.98 -3.49
C MET A 28 -7.75 1.42 -4.86
N VAL A 29 -6.51 1.06 -5.06
CA VAL A 29 -6.10 0.51 -6.38
C VAL A 29 -4.79 -0.28 -6.23
N PRO A 30 -4.64 -1.28 -7.07
CA PRO A 30 -3.45 -2.13 -7.05
C PRO A 30 -2.25 -1.42 -7.71
N VAL A 31 -1.16 -1.35 -7.00
CA VAL A 31 0.07 -0.69 -7.55
C VAL A 31 1.14 -1.76 -7.80
N PRO A 32 1.35 -2.09 -9.04
CA PRO A 32 2.36 -3.11 -9.43
C PRO A 32 3.76 -2.53 -9.35
N THR A 33 4.71 -3.11 -10.04
CA THR A 33 6.10 -2.59 -9.99
C THR A 33 6.22 -1.42 -10.96
N LYS A 34 5.31 -1.31 -11.89
CA LYS A 34 5.38 -0.19 -12.87
C LYS A 34 4.65 1.03 -12.31
N SER A 35 4.67 1.22 -11.02
CA SER A 35 3.97 2.38 -10.42
C SER A 35 4.61 2.73 -9.08
N TYR A 36 4.98 1.76 -8.32
CA TYR A 36 5.61 2.03 -6.99
C TYR A 36 6.67 3.13 -7.15
N GLY A 37 6.61 4.15 -6.34
CA GLY A 37 7.62 5.24 -6.45
C GLY A 37 6.91 6.60 -6.42
N ASN A 38 6.31 6.98 -7.52
CA ASN A 38 5.61 8.30 -7.56
C ASN A 38 4.15 8.11 -7.11
N PHE A 39 3.83 8.56 -5.93
CA PHE A 39 2.42 8.43 -5.45
C PHE A 39 1.98 9.74 -4.79
N TYR A 40 0.78 10.18 -5.07
CA TYR A 40 0.30 11.46 -4.48
C TYR A 40 0.71 11.54 -3.01
N GLU A 41 0.89 12.72 -2.49
CA GLU A 41 1.30 12.86 -1.07
C GLU A 41 0.06 12.98 -0.19
N GLY A 42 -0.94 13.66 -0.65
CA GLY A 42 -2.17 13.82 0.17
C GLY A 42 -3.10 12.63 -0.05
N ASP A 43 -2.71 11.45 0.37
CA ASP A 43 -3.61 10.28 0.19
C ASP A 43 -3.17 9.12 1.10
N CYS A 44 -3.41 7.90 0.68
CA CYS A 44 -3.02 6.71 1.47
C CYS A 44 -2.47 5.65 0.52
N TYR A 45 -1.52 4.86 0.97
CA TYR A 45 -0.94 3.83 0.07
C TYR A 45 -0.60 2.57 0.89
N VAL A 46 -1.32 1.50 0.70
CA VAL A 46 -1.02 0.25 1.46
C VAL A 46 0.16 -0.44 0.78
N LEU A 47 1.23 -0.68 1.50
CA LEU A 47 2.42 -1.34 0.88
C LEU A 47 2.55 -2.78 1.38
N LEU A 48 2.57 -3.74 0.50
CA LEU A 48 2.71 -5.16 0.95
C LEU A 48 4.12 -5.66 0.69
N SER A 49 4.96 -5.68 1.69
CA SER A 49 6.34 -6.17 1.51
C SER A 49 6.34 -7.70 1.60
N THR A 50 6.89 -8.34 0.62
CA THR A 50 6.91 -9.82 0.64
C THR A 50 8.35 -10.31 0.52
N ARG A 51 8.86 -10.94 1.54
CA ARG A 51 10.26 -11.43 1.50
C ARG A 51 10.27 -12.95 1.58
N LYS A 52 10.92 -13.61 0.66
CA LYS A 52 10.95 -15.09 0.69
C LYS A 52 11.41 -15.56 2.07
N THR A 53 11.55 -16.84 2.25
CA THR A 53 12.00 -17.35 3.59
C THR A 53 12.13 -18.88 3.53
N GLY A 54 12.97 -19.44 4.36
CA GLY A 54 13.13 -20.91 4.35
C GLY A 54 11.76 -21.58 4.28
N SER A 55 10.74 -20.92 4.76
CA SER A 55 9.38 -21.51 4.72
C SER A 55 8.71 -21.16 3.37
N GLY A 56 8.90 -19.96 2.90
CA GLY A 56 8.28 -19.57 1.60
C GLY A 56 8.29 -18.04 1.46
N PHE A 57 7.49 -17.36 2.23
CA PHE A 57 7.45 -15.88 2.15
C PHE A 57 7.34 -15.24 3.53
N SER A 58 7.39 -13.94 3.55
CA SER A 58 7.27 -13.18 4.82
C SER A 58 6.60 -11.85 4.48
N TYR A 59 5.30 -11.81 4.52
CA TYR A 59 4.58 -10.56 4.15
C TYR A 59 4.61 -9.54 5.28
N ASN A 60 4.44 -8.29 4.92
CA ASN A 60 4.45 -7.19 5.93
C ASN A 60 3.57 -6.07 5.37
N ILE A 61 2.29 -6.13 5.64
CA ILE A 61 1.38 -5.08 5.10
C ILE A 61 1.61 -3.76 5.81
N HIS A 62 1.56 -2.69 5.07
CA HIS A 62 1.78 -1.34 5.66
C HIS A 62 0.59 -0.47 5.29
N TYR A 63 0.38 0.59 6.00
CA TYR A 63 -0.72 1.50 5.60
C TYR A 63 -0.25 2.95 5.65
N TRP A 64 0.14 3.45 4.51
CA TRP A 64 0.63 4.85 4.41
C TRP A 64 -0.58 5.79 4.51
N LEU A 65 -0.49 6.80 5.33
CA LEU A 65 -1.65 7.71 5.49
C LEU A 65 -1.26 9.15 5.15
N GLY A 66 -0.83 9.42 3.95
CA GLY A 66 -0.47 10.82 3.57
C GLY A 66 -1.61 11.74 4.00
N LYS A 67 -1.53 12.25 5.22
CA LYS A 67 -2.58 13.12 5.83
C LYS A 67 -3.20 14.07 4.81
N ASN A 68 -4.27 13.66 4.22
CA ASN A 68 -4.98 14.52 3.25
C ASN A 68 -6.40 13.99 3.05
N SER A 69 -6.51 12.70 2.88
CA SER A 69 -7.87 12.10 2.69
C SER A 69 -8.74 12.41 3.91
N SER A 70 -9.75 11.62 4.14
CA SER A 70 -10.63 11.88 5.32
C SER A 70 -10.41 10.79 6.37
N GLN A 71 -10.78 11.05 7.59
CA GLN A 71 -10.58 10.03 8.66
C GLN A 71 -11.06 8.67 8.15
N ASP A 72 -12.20 8.61 7.54
CA ASP A 72 -12.71 7.31 7.02
C ASP A 72 -11.69 6.72 6.05
N GLU A 73 -11.11 7.52 5.20
CA GLU A 73 -10.10 6.99 4.26
C GLU A 73 -9.04 6.26 5.06
N GLN A 74 -8.65 6.79 6.18
CA GLN A 74 -7.63 6.11 7.01
C GLN A 74 -8.18 4.74 7.40
N GLY A 75 -9.46 4.67 7.67
CA GLY A 75 -10.08 3.37 8.05
C GLY A 75 -10.11 2.47 6.81
N ALA A 76 -10.10 3.06 5.64
CA ALA A 76 -10.13 2.24 4.40
C ALA A 76 -8.75 1.62 4.17
N ALA A 77 -7.76 2.42 3.88
CA ALA A 77 -6.40 1.86 3.65
C ALA A 77 -6.08 0.84 4.74
N ALA A 78 -6.50 1.10 5.95
CA ALA A 78 -6.22 0.14 7.06
C ALA A 78 -7.06 -1.12 6.87
N ILE A 79 -8.30 -0.96 6.46
CA ILE A 79 -9.16 -2.16 6.27
C ILE A 79 -8.55 -3.07 5.21
N TYR A 80 -8.16 -2.53 4.09
CA TYR A 80 -7.55 -3.38 3.03
C TYR A 80 -6.33 -4.10 3.61
N THR A 81 -5.54 -3.41 4.37
CA THR A 81 -4.33 -4.06 4.98
C THR A 81 -4.79 -5.08 6.02
N THR A 82 -5.96 -4.91 6.55
CA THR A 82 -6.47 -5.86 7.58
C THR A 82 -6.98 -7.13 6.88
N GLN A 83 -7.34 -7.03 5.63
CA GLN A 83 -7.84 -8.24 4.92
C GLN A 83 -6.67 -8.97 4.26
N MET A 84 -5.69 -8.24 3.80
CA MET A 84 -4.52 -8.91 3.14
C MET A 84 -3.80 -9.80 4.16
N ASP A 85 -3.55 -9.29 5.33
CA ASP A 85 -2.84 -10.12 6.36
C ASP A 85 -3.54 -11.47 6.50
N GLU A 86 -4.83 -11.47 6.77
CA GLU A 86 -5.56 -12.76 6.93
C GLU A 86 -5.80 -13.38 5.56
N TYR A 87 -5.60 -12.64 4.50
CA TYR A 87 -5.84 -13.19 3.14
C TYR A 87 -4.51 -13.67 2.54
N LEU A 88 -3.43 -13.48 3.25
CA LEU A 88 -2.11 -13.92 2.72
C LEU A 88 -1.63 -15.15 3.51
N GLY A 89 -2.46 -15.68 4.36
CA GLY A 89 -2.04 -16.87 5.16
C GLY A 89 -1.77 -16.45 6.61
N SER A 90 -1.99 -15.21 6.92
CA SER A 90 -1.75 -14.74 8.31
C SER A 90 -0.24 -14.58 8.55
N VAL A 91 0.56 -14.87 7.56
CA VAL A 91 2.03 -14.75 7.72
C VAL A 91 2.46 -13.32 7.40
N ALA A 92 1.53 -12.41 7.34
CA ALA A 92 1.89 -10.99 7.03
C ALA A 92 1.94 -10.18 8.33
N VAL A 93 2.25 -8.92 8.23
CA VAL A 93 2.33 -8.07 9.45
C VAL A 93 1.61 -6.74 9.18
N GLN A 94 1.50 -5.89 10.16
CA GLN A 94 0.83 -4.58 9.94
C GLN A 94 1.76 -3.45 10.36
N HIS A 95 1.91 -2.47 9.51
CA HIS A 95 2.82 -1.32 9.85
C HIS A 95 2.10 -0.01 9.61
N ARG A 96 2.44 1.01 10.36
CA ARG A 96 1.76 2.34 10.19
C ARG A 96 2.75 3.33 9.57
N GLU A 97 2.30 4.10 8.61
CA GLU A 97 3.22 5.09 7.98
C GLU A 97 2.45 6.40 7.73
N VAL A 98 3.15 7.46 7.44
CA VAL A 98 2.48 8.76 7.19
C VAL A 98 3.38 9.64 6.32
N GLN A 99 2.99 10.86 6.05
CA GLN A 99 3.83 11.75 5.20
C GLN A 99 5.13 12.11 5.94
N GLY A 100 5.24 11.69 7.16
CA GLY A 100 6.47 11.98 7.95
C GLY A 100 6.82 10.72 8.77
N HIS A 101 6.23 9.62 8.43
CA HIS A 101 6.50 8.36 9.17
C HIS A 101 7.00 7.28 8.21
N GLU A 102 6.72 7.43 6.94
CA GLU A 102 7.15 6.42 5.94
C GLU A 102 8.54 6.78 5.38
N SER A 103 9.17 7.74 5.97
CA SER A 103 10.52 8.15 5.47
C SER A 103 11.50 6.97 5.45
N GLU A 104 11.80 6.42 6.59
CA GLU A 104 12.79 5.29 6.64
C GLU A 104 12.17 3.97 6.15
N THR A 105 11.09 3.55 6.75
CA THR A 105 10.48 2.26 6.34
C THR A 105 10.05 2.29 4.87
N PHE A 106 9.28 3.27 4.48
CA PHE A 106 8.81 3.33 3.06
C PHE A 106 10.02 3.53 2.15
N ARG A 107 10.79 4.56 2.39
CA ARG A 107 11.99 4.79 1.54
C ARG A 107 12.93 3.59 1.68
N ALA A 108 12.74 2.80 2.69
CA ALA A 108 13.60 1.60 2.87
C ALA A 108 13.34 0.63 1.72
N TYR A 109 12.11 0.18 1.59
CA TYR A 109 11.79 -0.75 0.48
C TYR A 109 12.00 -0.02 -0.85
N PHE A 110 12.09 1.28 -0.80
CA PHE A 110 12.30 2.06 -2.05
C PHE A 110 13.72 2.61 -2.07
N LYS A 111 14.60 1.97 -2.78
CA LYS A 111 16.00 2.46 -2.86
C LYS A 111 16.07 3.70 -3.76
N GLN A 112 14.95 4.14 -4.28
CA GLN A 112 14.96 5.33 -5.18
C GLN A 112 14.82 6.61 -4.34
N GLY A 113 13.63 6.95 -3.96
CA GLY A 113 13.43 8.19 -3.15
C GLY A 113 11.94 8.41 -2.88
N LEU A 114 11.08 7.99 -3.77
CA LEU A 114 9.62 8.16 -3.59
C LEU A 114 9.19 9.57 -4.00
N ILE A 115 8.49 9.69 -5.10
CA ILE A 115 8.02 11.02 -5.53
C ILE A 115 6.63 11.27 -4.93
N TYR A 116 6.10 12.45 -5.06
CA TYR A 116 4.76 12.71 -4.49
C TYR A 116 4.04 13.77 -5.33
N LYS A 117 2.86 13.45 -5.80
CA LYS A 117 2.09 14.43 -6.62
C LYS A 117 0.93 14.99 -5.78
N GLN A 118 -0.02 15.63 -6.41
CA GLN A 118 -1.17 16.19 -5.63
C GLN A 118 -2.30 15.17 -5.55
N GLY A 119 -3.21 15.36 -4.63
CA GLY A 119 -4.36 14.41 -4.49
C GLY A 119 -5.37 14.66 -5.61
N GLY A 120 -6.61 14.34 -5.39
CA GLY A 120 -7.64 14.57 -6.46
C GLY A 120 -7.17 13.93 -7.76
N VAL A 121 -7.70 12.78 -8.09
CA VAL A 121 -7.29 12.09 -9.34
C VAL A 121 -8.20 12.55 -10.48
N ALA A 122 -8.55 11.65 -11.35
CA ALA A 122 -9.44 12.02 -12.50
C ALA A 122 -10.84 12.35 -11.97
N SER A 123 -11.25 11.68 -10.92
CA SER A 123 -12.61 11.96 -10.35
C SER A 123 -12.47 12.78 -9.07
N GLY A 124 -11.53 13.69 -9.05
CA GLY A 124 -11.35 14.53 -7.83
C GLY A 124 -11.83 15.96 -8.11
N MET A 125 -11.31 16.57 -9.13
CA MET A 125 -11.74 17.96 -9.46
C MET A 125 -13.16 17.94 -10.03
N LYS A 126 -13.78 19.08 -10.14
CA LYS A 126 -15.17 19.12 -10.68
C LYS A 126 -15.44 20.51 -11.27
N VAL A 1 -11.02 -0.55 -5.32
CA VAL A 1 -12.29 -0.95 -4.66
C VAL A 1 -12.19 -2.40 -4.17
N GLU A 2 -12.52 -2.63 -2.93
CA GLU A 2 -12.46 -4.01 -2.36
C GLU A 2 -11.30 -4.80 -2.99
N LEU A 3 -10.15 -4.80 -2.37
CA LEU A 3 -8.99 -5.54 -2.94
C LEU A 3 -9.40 -7.00 -3.19
N SER A 4 -10.26 -7.54 -2.37
CA SER A 4 -10.70 -8.95 -2.58
C SER A 4 -10.99 -9.19 -4.06
N LYS A 5 -10.71 -10.37 -4.54
CA LYS A 5 -10.98 -10.68 -5.97
C LYS A 5 -9.84 -10.13 -6.84
N LYS A 6 -9.77 -8.84 -7.00
CA LYS A 6 -8.70 -8.25 -7.85
C LYS A 6 -7.43 -8.06 -7.02
N VAL A 7 -7.34 -8.70 -5.88
CA VAL A 7 -6.12 -8.55 -5.05
C VAL A 7 -5.90 -9.82 -4.23
N THR A 8 -6.78 -10.13 -3.33
CA THR A 8 -6.61 -11.36 -2.51
C THR A 8 -6.33 -12.55 -3.42
N GLY A 9 -6.72 -12.47 -4.66
CA GLY A 9 -6.46 -13.59 -5.60
C GLY A 9 -5.11 -13.39 -6.28
N LYS A 10 -4.17 -12.81 -5.57
CA LYS A 10 -2.82 -12.58 -6.16
C LYS A 10 -2.02 -11.66 -5.25
N LEU A 11 -1.63 -12.16 -4.10
CA LEU A 11 -0.85 -11.33 -3.15
C LEU A 11 0.65 -11.57 -3.37
N ASP A 12 1.20 -11.06 -4.44
CA ASP A 12 2.65 -11.26 -4.70
C ASP A 12 2.93 -12.75 -4.88
N LYS A 13 3.27 -13.44 -3.83
CA LYS A 13 3.54 -14.91 -3.94
C LYS A 13 4.73 -15.13 -4.88
N THR A 14 5.75 -15.81 -4.40
CA THR A 14 6.94 -16.07 -5.25
C THR A 14 7.39 -14.76 -5.91
N THR A 15 7.67 -13.76 -5.12
CA THR A 15 8.12 -12.47 -5.69
C THR A 15 8.68 -11.58 -4.57
N PRO A 16 9.99 -11.50 -4.49
CA PRO A 16 10.67 -10.70 -3.47
C PRO A 16 10.62 -9.22 -3.84
N GLY A 17 9.72 -8.48 -3.26
CA GLY A 17 9.62 -7.03 -3.58
C GLY A 17 8.48 -6.42 -2.76
N ILE A 18 7.70 -5.56 -3.34
CA ILE A 18 6.58 -4.94 -2.58
C ILE A 18 5.51 -4.43 -3.55
N GLN A 19 4.26 -4.57 -3.18
CA GLN A 19 3.16 -4.08 -4.04
C GLN A 19 2.35 -3.07 -3.22
N ILE A 20 2.33 -1.83 -3.61
CA ILE A 20 1.55 -0.84 -2.81
C ILE A 20 0.15 -0.71 -3.38
N TRP A 21 -0.74 -0.14 -2.63
CA TRP A 21 -2.12 0.05 -3.12
C TRP A 21 -2.41 1.55 -3.06
N ARG A 22 -2.83 2.11 -4.15
CA ARG A 22 -3.06 3.58 -4.17
C ARG A 22 -4.40 3.95 -3.53
N ILE A 23 -4.35 4.93 -2.68
CA ILE A 23 -5.57 5.42 -1.99
C ILE A 23 -5.66 6.93 -2.20
N GLU A 24 -5.42 7.39 -3.40
CA GLU A 24 -5.45 8.85 -3.66
C GLU A 24 -6.78 9.25 -4.29
N ASN A 25 -7.28 8.44 -5.19
CA ASN A 25 -8.58 8.77 -5.83
C ASN A 25 -9.70 8.32 -4.91
N MET A 26 -9.37 7.94 -3.70
CA MET A 26 -10.42 7.49 -2.75
C MET A 26 -10.90 6.11 -3.18
N GLU A 27 -10.05 5.35 -3.81
CA GLU A 27 -10.43 3.98 -4.25
C GLU A 27 -9.18 3.10 -4.27
N MET A 28 -9.03 2.25 -3.29
CA MET A 28 -7.83 1.37 -3.24
C MET A 28 -7.52 0.83 -4.63
N VAL A 29 -6.26 0.81 -4.99
CA VAL A 29 -5.85 0.30 -6.32
C VAL A 29 -4.56 -0.53 -6.13
N PRO A 30 -4.38 -1.52 -6.96
CA PRO A 30 -3.20 -2.39 -6.88
C PRO A 30 -1.96 -1.73 -7.50
N VAL A 31 -1.27 -0.90 -6.76
CA VAL A 31 -0.05 -0.23 -7.30
C VAL A 31 1.08 -1.26 -7.45
N PRO A 32 1.45 -1.52 -8.69
CA PRO A 32 2.53 -2.48 -9.00
C PRO A 32 3.89 -1.82 -8.78
N THR A 33 4.92 -2.34 -9.40
CA THR A 33 6.28 -1.75 -9.21
C THR A 33 6.50 -0.67 -10.28
N LYS A 34 5.69 -0.66 -11.31
CA LYS A 34 5.87 0.35 -12.38
C LYS A 34 5.35 1.72 -11.90
N SER A 35 4.50 1.72 -10.90
CA SER A 35 3.96 3.01 -10.39
C SER A 35 4.28 3.17 -8.91
N TYR A 36 5.15 2.34 -8.39
CA TYR A 36 5.50 2.44 -6.94
C TYR A 36 6.60 3.50 -6.74
N GLY A 37 6.42 4.67 -7.29
CA GLY A 37 7.46 5.73 -7.12
C GLY A 37 6.79 7.07 -6.85
N ASN A 38 6.35 7.75 -7.87
CA ASN A 38 5.70 9.08 -7.66
C ASN A 38 4.23 8.87 -7.28
N PHE A 39 3.81 9.40 -6.16
CA PHE A 39 2.38 9.22 -5.75
C PHE A 39 1.99 10.29 -4.73
N TYR A 40 0.79 10.81 -4.82
CA TYR A 40 0.34 11.88 -3.88
C TYR A 40 0.84 11.59 -2.46
N GLU A 41 1.20 12.61 -1.74
CA GLU A 41 1.69 12.42 -0.34
C GLU A 41 0.49 12.51 0.62
N GLY A 42 -0.41 13.41 0.35
CA GLY A 42 -1.59 13.55 1.26
C GLY A 42 -2.65 12.52 0.87
N ASP A 43 -2.39 11.27 1.13
CA ASP A 43 -3.38 10.21 0.78
C ASP A 43 -3.08 8.95 1.62
N CYS A 44 -3.05 7.80 0.99
CA CYS A 44 -2.74 6.55 1.74
C CYS A 44 -2.20 5.50 0.75
N TYR A 45 -1.34 4.64 1.20
CA TYR A 45 -0.76 3.62 0.28
C TYR A 45 -0.48 2.33 1.06
N VAL A 46 -1.21 1.29 0.80
CA VAL A 46 -0.95 0.01 1.52
C VAL A 46 0.25 -0.67 0.87
N LEU A 47 1.36 -0.76 1.55
CA LEU A 47 2.56 -1.40 0.92
C LEU A 47 2.75 -2.82 1.46
N LEU A 48 2.61 -3.80 0.62
CA LEU A 48 2.79 -5.21 1.07
C LEU A 48 4.18 -5.70 0.68
N SER A 49 5.04 -5.88 1.64
CA SER A 49 6.43 -6.35 1.33
C SER A 49 6.51 -7.86 1.52
N THR A 50 7.11 -8.53 0.59
CA THR A 50 7.23 -10.01 0.68
C THR A 50 8.71 -10.39 0.67
N ARG A 51 9.10 -11.29 1.53
CA ARG A 51 10.53 -11.70 1.57
C ARG A 51 10.63 -13.22 1.37
N LYS A 52 11.75 -13.70 0.90
CA LYS A 52 11.92 -15.16 0.67
C LYS A 52 12.51 -15.80 1.92
N THR A 53 12.28 -17.07 2.11
CA THR A 53 12.83 -17.75 3.32
C THR A 53 12.88 -19.26 3.07
N GLY A 54 13.42 -20.00 3.99
CA GLY A 54 13.52 -21.48 3.81
C GLY A 54 12.14 -22.11 4.09
N SER A 55 11.31 -21.44 4.82
CA SER A 55 9.96 -21.99 5.12
C SER A 55 9.00 -21.66 3.97
N GLY A 56 8.90 -20.40 3.62
CA GLY A 56 7.99 -20.01 2.51
C GLY A 56 8.18 -18.53 2.18
N PHE A 57 7.35 -17.68 2.72
CA PHE A 57 7.50 -16.22 2.43
C PHE A 57 7.10 -15.42 3.67
N SER A 58 7.60 -14.22 3.77
CA SER A 58 7.25 -13.37 4.95
C SER A 58 6.61 -12.07 4.47
N TYR A 59 5.30 -12.00 4.50
CA TYR A 59 4.62 -10.77 4.03
C TYR A 59 4.62 -9.70 5.12
N ASN A 60 4.48 -8.46 4.73
CA ASN A 60 4.47 -7.35 5.72
C ASN A 60 3.59 -6.22 5.18
N ILE A 61 2.33 -6.23 5.50
CA ILE A 61 1.42 -5.17 4.98
C ILE A 61 1.62 -3.89 5.77
N HIS A 62 1.70 -2.79 5.08
CA HIS A 62 1.89 -1.48 5.75
C HIS A 62 0.75 -0.56 5.37
N TYR A 63 0.50 0.46 6.13
CA TYR A 63 -0.55 1.41 5.72
C TYR A 63 -0.08 2.85 5.91
N TRP A 64 0.46 3.40 4.86
CA TRP A 64 0.95 4.81 4.87
C TRP A 64 -0.27 5.70 4.84
N LEU A 65 -0.43 6.50 5.84
CA LEU A 65 -1.63 7.37 5.92
C LEU A 65 -1.26 8.84 5.72
N GLY A 66 -1.02 9.23 4.51
CA GLY A 66 -0.71 10.66 4.23
C GLY A 66 -1.95 11.48 4.56
N LYS A 67 -2.07 11.88 5.81
CA LYS A 67 -3.25 12.65 6.30
C LYS A 67 -3.54 13.89 5.46
N ASN A 68 -4.41 13.75 4.51
CA ASN A 68 -4.81 14.91 3.67
C ASN A 68 -6.15 14.60 3.00
N SER A 69 -6.33 13.38 2.58
CA SER A 69 -7.62 13.00 1.93
C SER A 69 -8.72 12.96 2.98
N SER A 70 -9.66 12.05 2.83
CA SER A 70 -10.77 11.97 3.82
C SER A 70 -10.38 11.03 4.96
N GLN A 71 -10.77 11.36 6.17
CA GLN A 71 -10.42 10.50 7.33
C GLN A 71 -10.83 9.05 7.00
N ASP A 72 -12.01 8.86 6.50
CA ASP A 72 -12.45 7.48 6.16
C ASP A 72 -11.44 6.85 5.22
N GLU A 73 -10.90 7.61 4.30
CA GLU A 73 -9.88 7.05 3.37
C GLU A 73 -8.74 6.46 4.20
N GLN A 74 -8.37 7.11 5.26
CA GLN A 74 -7.28 6.57 6.11
C GLN A 74 -7.74 5.22 6.66
N GLY A 75 -9.01 5.10 6.96
CA GLY A 75 -9.55 3.81 7.49
C GLY A 75 -9.77 2.86 6.32
N ALA A 76 -9.75 3.37 5.11
CA ALA A 76 -9.96 2.49 3.94
C ALA A 76 -8.66 1.76 3.62
N ALA A 77 -7.56 2.48 3.65
CA ALA A 77 -6.25 1.83 3.36
C ALA A 77 -5.91 0.88 4.50
N ALA A 78 -6.11 1.28 5.72
CA ALA A 78 -5.80 0.39 6.88
C ALA A 78 -6.73 -0.81 6.85
N ILE A 79 -8.01 -0.59 6.70
CA ILE A 79 -8.97 -1.73 6.67
C ILE A 79 -8.56 -2.71 5.58
N TYR A 80 -8.20 -2.21 4.42
CA TYR A 80 -7.79 -3.14 3.33
C TYR A 80 -6.53 -3.88 3.76
N THR A 81 -5.70 -3.24 4.55
CA THR A 81 -4.46 -3.92 5.03
C THR A 81 -4.86 -5.06 5.96
N THR A 82 -6.01 -4.97 6.56
CA THR A 82 -6.48 -6.03 7.48
C THR A 82 -7.15 -7.14 6.66
N GLN A 83 -7.74 -6.79 5.56
CA GLN A 83 -8.42 -7.82 4.72
C GLN A 83 -7.37 -8.70 4.04
N MET A 84 -6.27 -8.13 3.63
CA MET A 84 -5.21 -8.94 2.96
C MET A 84 -4.35 -9.61 4.04
N ASP A 85 -4.15 -8.97 5.15
CA ASP A 85 -3.33 -9.56 6.23
C ASP A 85 -3.95 -10.90 6.66
N GLU A 86 -5.24 -11.03 6.54
CA GLU A 86 -5.90 -12.29 6.94
C GLU A 86 -5.95 -13.24 5.75
N TYR A 87 -6.16 -12.71 4.57
CA TYR A 87 -6.22 -13.59 3.36
C TYR A 87 -4.83 -14.12 3.03
N LEU A 88 -3.82 -13.62 3.70
CA LEU A 88 -2.44 -14.09 3.43
C LEU A 88 -2.16 -15.35 4.24
N GLY A 89 -2.99 -15.65 5.21
CA GLY A 89 -2.78 -16.88 6.03
C GLY A 89 -2.13 -16.48 7.36
N SER A 90 -2.20 -15.24 7.72
CA SER A 90 -1.60 -14.79 9.01
C SER A 90 -0.07 -14.77 8.87
N VAL A 91 0.43 -14.98 7.68
CA VAL A 91 1.91 -14.95 7.49
C VAL A 91 2.38 -13.51 7.27
N ALA A 92 1.47 -12.62 6.99
CA ALA A 92 1.85 -11.20 6.77
C ALA A 92 1.82 -10.44 8.10
N VAL A 93 2.26 -9.22 8.10
CA VAL A 93 2.25 -8.42 9.36
C VAL A 93 1.58 -7.08 9.11
N GLN A 94 1.41 -6.28 10.13
CA GLN A 94 0.77 -4.95 9.92
C GLN A 94 1.72 -3.87 10.42
N HIS A 95 1.91 -2.83 9.65
CA HIS A 95 2.84 -1.75 10.07
C HIS A 95 2.13 -0.39 10.01
N ARG A 96 2.40 0.47 10.96
CA ARG A 96 1.74 1.80 10.97
C ARG A 96 2.58 2.79 10.17
N GLU A 97 2.02 3.36 9.14
CA GLU A 97 2.77 4.32 8.31
C GLU A 97 1.93 5.62 8.17
N VAL A 98 2.58 6.73 7.90
CA VAL A 98 1.85 8.04 7.80
C VAL A 98 2.71 9.03 7.01
N GLN A 99 2.25 10.24 6.83
CA GLN A 99 3.08 11.23 6.08
C GLN A 99 4.23 11.70 6.97
N GLY A 100 4.26 11.22 8.18
CA GLY A 100 5.35 11.59 9.12
C GLY A 100 5.82 10.33 9.85
N HIS A 101 5.31 9.19 9.47
CA HIS A 101 5.72 7.92 10.14
C HIS A 101 6.58 7.11 9.16
N GLU A 102 5.95 6.28 8.39
CA GLU A 102 6.72 5.45 7.41
C GLU A 102 6.97 6.26 6.15
N SER A 103 7.38 7.49 6.27
CA SER A 103 7.66 8.31 5.05
C SER A 103 9.06 7.95 4.54
N GLU A 104 10.07 8.17 5.33
CA GLU A 104 11.45 7.82 4.90
C GLU A 104 11.53 6.31 4.73
N THR A 105 11.05 5.58 5.69
CA THR A 105 11.06 4.09 5.60
C THR A 105 10.49 3.68 4.25
N PHE A 106 9.39 4.27 3.88
CA PHE A 106 8.77 3.93 2.58
C PHE A 106 9.85 4.04 1.52
N ARG A 107 10.38 5.22 1.30
CA ARG A 107 11.45 5.40 0.30
C ARG A 107 12.46 4.25 0.44
N ALA A 108 12.67 3.79 1.65
CA ALA A 108 13.62 2.67 1.85
C ALA A 108 13.23 1.53 0.91
N TYR A 109 12.01 1.07 1.01
CA TYR A 109 11.57 -0.03 0.10
C TYR A 109 11.78 0.42 -1.35
N PHE A 110 11.72 1.70 -1.59
CA PHE A 110 11.93 2.22 -2.97
C PHE A 110 13.43 2.45 -3.19
N LYS A 111 14.12 1.47 -3.66
CA LYS A 111 15.58 1.63 -3.90
C LYS A 111 15.83 2.50 -5.13
N GLN A 112 14.79 2.95 -5.77
CA GLN A 112 14.97 3.81 -6.98
C GLN A 112 14.86 5.28 -6.59
N GLY A 113 13.68 5.81 -6.54
CA GLY A 113 13.50 7.24 -6.16
C GLY A 113 12.04 7.50 -5.80
N LEU A 114 11.79 7.98 -4.61
CA LEU A 114 10.37 8.23 -4.21
C LEU A 114 9.98 9.67 -4.55
N ILE A 115 8.75 9.87 -4.92
CA ILE A 115 8.26 11.25 -5.24
C ILE A 115 6.85 11.38 -4.68
N TYR A 116 6.31 12.58 -4.67
CA TYR A 116 4.93 12.73 -4.14
C TYR A 116 4.21 13.86 -4.89
N LYS A 117 2.96 13.66 -5.20
CA LYS A 117 2.19 14.70 -5.93
C LYS A 117 1.07 15.23 -5.03
N GLN A 118 0.16 15.98 -5.58
CA GLN A 118 -0.95 16.53 -4.73
C GLN A 118 -2.15 15.57 -4.71
N GLY A 119 -3.04 15.75 -3.77
CA GLY A 119 -4.24 14.85 -3.69
C GLY A 119 -5.41 15.48 -4.45
N GLY A 120 -6.53 14.81 -4.50
CA GLY A 120 -7.71 15.37 -5.23
C GLY A 120 -7.76 14.79 -6.64
N VAL A 121 -7.73 13.49 -6.78
CA VAL A 121 -7.78 12.88 -8.13
C VAL A 121 -9.24 12.63 -8.51
N ALA A 122 -10.16 13.15 -7.73
CA ALA A 122 -11.60 12.95 -8.04
C ALA A 122 -12.08 14.10 -8.95
N SER A 123 -11.42 15.21 -8.91
CA SER A 123 -11.84 16.36 -9.76
C SER A 123 -10.70 16.74 -10.72
N GLY A 124 -9.93 15.77 -11.14
CA GLY A 124 -8.81 16.07 -12.07
C GLY A 124 -9.27 15.86 -13.52
N MET A 125 -9.31 14.65 -13.97
CA MET A 125 -9.76 14.39 -15.37
C MET A 125 -11.28 14.30 -15.41
N LYS A 126 -11.89 14.78 -16.47
CA LYS A 126 -13.37 14.73 -16.56
C LYS A 126 -13.99 15.31 -15.29
N VAL A 1 -11.57 0.13 -5.73
CA VAL A 1 -12.72 -0.47 -5.01
C VAL A 1 -12.19 -1.48 -3.98
N GLU A 2 -13.06 -1.98 -3.13
CA GLU A 2 -12.61 -2.97 -2.11
C GLU A 2 -11.68 -3.98 -2.75
N LEU A 3 -10.49 -4.13 -2.24
CA LEU A 3 -9.55 -5.13 -2.83
C LEU A 3 -10.30 -6.43 -3.11
N SER A 4 -10.12 -7.00 -4.27
CA SER A 4 -10.84 -8.26 -4.60
C SER A 4 -10.02 -9.47 -4.15
N LYS A 5 -10.49 -10.65 -4.44
CA LYS A 5 -9.74 -11.88 -4.04
C LYS A 5 -8.49 -12.02 -4.91
N LYS A 6 -8.56 -11.56 -6.14
CA LYS A 6 -7.36 -11.65 -7.03
C LYS A 6 -6.38 -10.56 -6.62
N VAL A 7 -6.89 -9.48 -6.10
CA VAL A 7 -6.01 -8.36 -5.67
C VAL A 7 -5.24 -8.81 -4.42
N THR A 8 -5.93 -9.09 -3.35
CA THR A 8 -5.24 -9.53 -2.11
C THR A 8 -5.12 -11.05 -2.11
N GLY A 9 -5.35 -11.68 -3.23
CA GLY A 9 -5.25 -13.17 -3.29
C GLY A 9 -3.78 -13.57 -3.20
N LYS A 10 -3.20 -13.98 -4.29
CA LYS A 10 -1.77 -14.39 -4.27
C LYS A 10 -0.89 -13.18 -3.93
N LEU A 11 -1.33 -12.00 -4.29
CA LEU A 11 -0.52 -10.79 -3.99
C LEU A 11 0.95 -11.06 -4.33
N ASP A 12 1.23 -11.43 -5.55
CA ASP A 12 2.64 -11.70 -5.94
C ASP A 12 3.11 -12.97 -5.23
N LYS A 13 3.81 -13.83 -5.92
CA LYS A 13 4.30 -15.07 -5.28
C LYS A 13 5.70 -15.41 -5.80
N THR A 14 6.50 -16.04 -4.99
CA THR A 14 7.88 -16.40 -5.43
C THR A 14 8.57 -15.17 -6.03
N THR A 15 8.68 -14.13 -5.26
CA THR A 15 9.35 -12.90 -5.76
C THR A 15 9.52 -11.91 -4.61
N PRO A 16 10.76 -11.54 -4.33
CA PRO A 16 11.07 -10.61 -3.24
C PRO A 16 10.76 -9.17 -3.66
N GLY A 17 10.01 -8.46 -2.87
CA GLY A 17 9.65 -7.05 -3.23
C GLY A 17 8.26 -6.75 -2.69
N ILE A 18 7.85 -5.51 -2.72
CA ILE A 18 6.49 -5.18 -2.20
C ILE A 18 5.67 -4.47 -3.27
N GLN A 19 4.38 -4.55 -3.17
CA GLN A 19 3.50 -3.87 -4.16
C GLN A 19 2.71 -2.80 -3.40
N ILE A 20 2.20 -1.80 -4.06
CA ILE A 20 1.45 -0.75 -3.32
C ILE A 20 0.09 -0.51 -3.97
N TRP A 21 -0.86 -0.07 -3.22
CA TRP A 21 -2.19 0.25 -3.79
C TRP A 21 -2.40 1.75 -3.63
N ARG A 22 -2.81 2.43 -4.65
CA ARG A 22 -2.96 3.90 -4.52
C ARG A 22 -4.35 4.29 -4.06
N ILE A 23 -4.40 5.09 -3.03
CA ILE A 23 -5.69 5.60 -2.50
C ILE A 23 -5.84 7.01 -3.06
N GLU A 24 -5.78 7.13 -4.37
CA GLU A 24 -5.87 8.47 -5.03
C GLU A 24 -7.04 9.26 -4.47
N ASN A 25 -8.10 9.40 -5.22
CA ASN A 25 -9.26 10.18 -4.70
C ASN A 25 -9.53 9.73 -3.27
N MET A 26 -10.16 8.60 -3.11
CA MET A 26 -10.44 8.08 -1.74
C MET A 26 -10.79 6.59 -1.86
N GLU A 27 -10.12 5.90 -2.74
CA GLU A 27 -10.42 4.44 -2.90
C GLU A 27 -9.11 3.69 -3.15
N MET A 28 -9.01 2.48 -2.66
CA MET A 28 -7.76 1.70 -2.85
C MET A 28 -7.66 1.22 -4.30
N VAL A 29 -6.48 1.28 -4.86
CA VAL A 29 -6.27 0.84 -6.26
C VAL A 29 -4.96 0.06 -6.31
N PRO A 30 -4.83 -0.81 -7.27
CA PRO A 30 -3.62 -1.63 -7.44
C PRO A 30 -2.47 -0.83 -8.08
N VAL A 31 -1.33 -0.80 -7.43
CA VAL A 31 -0.15 -0.07 -7.99
C VAL A 31 0.98 -1.06 -8.23
N PRO A 32 1.09 -1.50 -9.46
CA PRO A 32 2.14 -2.47 -9.87
C PRO A 32 3.49 -1.75 -10.03
N THR A 33 4.37 -2.28 -10.83
CA THR A 33 5.69 -1.61 -11.01
C THR A 33 5.53 -0.42 -11.96
N LYS A 34 4.33 -0.13 -12.37
CA LYS A 34 4.11 1.01 -13.30
C LYS A 34 4.45 2.33 -12.59
N SER A 35 4.17 2.44 -11.33
CA SER A 35 4.46 3.72 -10.62
C SER A 35 4.52 3.49 -9.11
N TYR A 36 5.51 2.78 -8.64
CA TYR A 36 5.61 2.53 -7.17
C TYR A 36 6.45 3.64 -6.51
N GLY A 37 6.28 4.86 -6.93
CA GLY A 37 7.09 5.96 -6.33
C GLY A 37 6.25 7.25 -6.24
N ASN A 38 5.63 7.64 -7.33
CA ASN A 38 4.81 8.89 -7.29
C ASN A 38 3.44 8.59 -6.66
N PHE A 39 3.32 8.80 -5.38
CA PHE A 39 2.02 8.53 -4.71
C PHE A 39 1.60 9.75 -3.88
N TYR A 40 0.39 10.22 -4.07
CA TYR A 40 -0.08 11.41 -3.32
C TYR A 40 0.41 11.37 -1.87
N GLU A 41 1.09 12.41 -1.44
CA GLU A 41 1.59 12.44 -0.02
C GLU A 41 0.45 12.85 0.90
N GLY A 42 -0.71 13.10 0.35
CA GLY A 42 -1.86 13.51 1.22
C GLY A 42 -3.02 12.56 0.97
N ASP A 43 -2.81 11.29 1.13
CA ASP A 43 -3.92 10.31 0.91
C ASP A 43 -3.57 8.98 1.61
N CYS A 44 -3.55 7.89 0.89
CA CYS A 44 -3.24 6.59 1.54
C CYS A 44 -2.64 5.63 0.50
N TYR A 45 -1.87 4.67 0.92
CA TYR A 45 -1.26 3.71 -0.04
C TYR A 45 -0.95 2.40 0.68
N VAL A 46 -1.57 1.32 0.28
CA VAL A 46 -1.27 0.02 0.95
C VAL A 46 0.06 -0.50 0.41
N LEU A 47 0.70 -1.39 1.10
CA LEU A 47 2.01 -1.89 0.58
C LEU A 47 2.28 -3.30 1.13
N LEU A 48 2.15 -4.29 0.29
CA LEU A 48 2.40 -5.68 0.75
C LEU A 48 3.84 -6.09 0.41
N SER A 49 4.67 -6.21 1.40
CA SER A 49 6.08 -6.60 1.15
C SER A 49 6.26 -8.08 1.41
N THR A 50 6.91 -8.76 0.51
CA THR A 50 7.12 -10.22 0.68
C THR A 50 8.62 -10.52 0.67
N ARG A 51 9.06 -11.45 1.48
CA ARG A 51 10.51 -11.79 1.51
C ARG A 51 10.68 -13.30 1.71
N LYS A 52 11.71 -13.87 1.16
CA LYS A 52 11.93 -15.33 1.32
C LYS A 52 12.58 -15.61 2.68
N THR A 53 12.54 -16.84 3.12
CA THR A 53 13.16 -17.18 4.44
C THR A 53 13.47 -18.67 4.49
N GLY A 54 13.80 -19.18 5.64
CA GLY A 54 14.13 -20.63 5.75
C GLY A 54 12.83 -21.45 5.69
N SER A 55 11.80 -20.99 6.35
CA SER A 55 10.51 -21.76 6.32
C SER A 55 9.77 -21.47 5.02
N GLY A 56 9.47 -20.23 4.76
CA GLY A 56 8.75 -19.89 3.50
C GLY A 56 8.99 -18.42 3.16
N PHE A 57 7.95 -17.68 2.89
CA PHE A 57 8.13 -16.23 2.56
C PHE A 57 7.77 -15.38 3.77
N SER A 58 7.67 -14.10 3.60
CA SER A 58 7.32 -13.21 4.74
C SER A 58 6.56 -11.99 4.22
N TYR A 59 5.28 -11.93 4.46
CA TYR A 59 4.49 -10.76 3.96
C TYR A 59 4.50 -9.65 5.02
N ASN A 60 4.25 -8.45 4.60
CA ASN A 60 4.24 -7.30 5.55
C ASN A 60 3.36 -6.20 4.97
N ILE A 61 2.10 -6.18 5.33
CA ILE A 61 1.18 -5.15 4.78
C ILE A 61 1.33 -3.83 5.53
N HIS A 62 1.45 -2.75 4.81
CA HIS A 62 1.60 -1.42 5.44
C HIS A 62 0.44 -0.54 5.02
N TYR A 63 0.21 0.54 5.72
CA TYR A 63 -0.87 1.44 5.28
C TYR A 63 -0.40 2.89 5.40
N TRP A 64 0.11 3.40 4.31
CA TRP A 64 0.61 4.80 4.25
C TRP A 64 -0.59 5.73 4.31
N LEU A 65 -0.49 6.82 5.01
CA LEU A 65 -1.66 7.73 5.09
C LEU A 65 -1.24 9.17 4.98
N GLY A 66 -0.95 9.58 3.82
CA GLY A 66 -0.57 11.00 3.59
C GLY A 66 -1.69 11.86 4.15
N LYS A 67 -1.59 12.21 5.42
CA LYS A 67 -2.66 12.99 6.10
C LYS A 67 -3.05 14.24 5.33
N ASN A 68 -4.12 14.12 4.60
CA ASN A 68 -4.66 15.27 3.83
C ASN A 68 -6.13 14.96 3.52
N SER A 69 -6.42 13.74 3.18
CA SER A 69 -7.83 13.36 2.90
C SER A 69 -8.65 13.44 4.19
N SER A 70 -9.58 12.55 4.38
CA SER A 70 -10.40 12.58 5.62
C SER A 70 -10.17 11.32 6.44
N GLN A 71 -10.52 11.33 7.69
CA GLN A 71 -10.31 10.13 8.55
C GLN A 71 -10.87 8.90 7.83
N ASP A 72 -11.90 9.07 7.04
CA ASP A 72 -12.48 7.91 6.31
C ASP A 72 -11.42 7.33 5.39
N GLU A 73 -10.72 8.15 4.67
CA GLU A 73 -9.65 7.61 3.77
C GLU A 73 -8.68 6.81 4.63
N GLN A 74 -8.43 7.26 5.82
CA GLN A 74 -7.51 6.50 6.71
C GLN A 74 -8.13 5.12 6.97
N GLY A 75 -9.44 5.07 7.09
CA GLY A 75 -10.11 3.77 7.33
C GLY A 75 -10.27 3.03 6.00
N ALA A 76 -10.06 3.72 4.90
CA ALA A 76 -10.18 3.06 3.58
C ALA A 76 -8.94 2.22 3.32
N ALA A 77 -7.78 2.80 3.44
CA ALA A 77 -6.53 2.03 3.21
C ALA A 77 -6.26 1.13 4.41
N ALA A 78 -6.53 1.63 5.59
CA ALA A 78 -6.29 0.80 6.81
C ALA A 78 -7.23 -0.40 6.79
N ILE A 79 -8.44 -0.22 6.37
CA ILE A 79 -9.40 -1.35 6.33
C ILE A 79 -9.00 -2.30 5.19
N TYR A 80 -8.66 -1.77 4.05
CA TYR A 80 -8.26 -2.66 2.92
C TYR A 80 -7.08 -3.51 3.35
N THR A 81 -6.20 -2.96 4.15
CA THR A 81 -5.02 -3.73 4.63
C THR A 81 -5.51 -4.84 5.56
N THR A 82 -6.49 -4.57 6.37
CA THR A 82 -7.02 -5.61 7.29
C THR A 82 -7.54 -6.79 6.46
N GLN A 83 -8.23 -6.51 5.39
CA GLN A 83 -8.76 -7.62 4.54
C GLN A 83 -7.60 -8.34 3.88
N MET A 84 -6.51 -7.65 3.65
CA MET A 84 -5.34 -8.31 3.01
C MET A 84 -4.81 -9.42 3.92
N ASP A 85 -4.69 -9.14 5.19
CA ASP A 85 -4.20 -10.19 6.13
C ASP A 85 -5.15 -11.37 6.10
N GLU A 86 -6.33 -11.19 5.56
CA GLU A 86 -7.31 -12.30 5.50
C GLU A 86 -7.07 -13.10 4.22
N TYR A 87 -7.25 -12.49 3.09
CA TYR A 87 -7.02 -13.23 1.81
C TYR A 87 -5.62 -13.83 1.82
N LEU A 88 -4.75 -13.31 2.66
CA LEU A 88 -3.37 -13.84 2.73
C LEU A 88 -3.31 -14.96 3.78
N GLY A 89 -3.58 -14.64 5.01
CA GLY A 89 -3.55 -15.68 6.09
C GLY A 89 -2.17 -16.35 6.11
N SER A 90 -1.15 -15.59 6.40
CA SER A 90 0.22 -16.17 6.44
C SER A 90 1.01 -15.50 7.56
N VAL A 91 2.28 -15.29 7.35
CA VAL A 91 3.10 -14.62 8.39
C VAL A 91 3.09 -13.12 8.11
N ALA A 92 2.16 -12.69 7.29
CA ALA A 92 2.07 -11.25 6.95
C ALA A 92 2.03 -10.42 8.23
N VAL A 93 2.09 -9.12 8.10
CA VAL A 93 2.06 -8.25 9.32
C VAL A 93 1.36 -6.93 8.97
N GLN A 94 1.20 -6.06 9.95
CA GLN A 94 0.53 -4.76 9.67
C GLN A 94 1.46 -3.63 10.11
N HIS A 95 1.59 -2.61 9.30
CA HIS A 95 2.50 -1.49 9.68
C HIS A 95 1.77 -0.15 9.49
N ARG A 96 2.13 0.84 10.27
CA ARG A 96 1.47 2.17 10.13
C ARG A 96 2.44 3.17 9.52
N GLU A 97 2.07 3.81 8.44
CA GLU A 97 2.98 4.80 7.81
C GLU A 97 2.20 6.09 7.51
N VAL A 98 2.91 7.16 7.27
CA VAL A 98 2.24 8.45 6.98
C VAL A 98 3.19 9.35 6.18
N GLN A 99 2.80 10.56 5.89
CA GLN A 99 3.70 11.47 5.11
C GLN A 99 4.95 11.80 5.92
N GLY A 100 4.98 11.39 7.15
CA GLY A 100 6.16 11.66 8.02
C GLY A 100 6.47 10.38 8.82
N HIS A 101 5.92 9.27 8.41
CA HIS A 101 6.16 8.00 9.13
C HIS A 101 6.77 6.96 8.17
N GLU A 102 6.62 7.17 6.89
CA GLU A 102 7.16 6.20 5.90
C GLU A 102 8.59 6.61 5.53
N SER A 103 9.25 7.33 6.39
CA SER A 103 10.63 7.82 6.10
C SER A 103 11.51 6.70 5.51
N GLU A 104 12.43 6.16 6.28
CA GLU A 104 13.34 5.11 5.74
C GLU A 104 12.59 3.79 5.52
N THR A 105 11.46 3.63 6.14
CA THR A 105 10.70 2.34 5.97
C THR A 105 10.14 2.28 4.53
N PHE A 106 9.47 3.30 4.11
CA PHE A 106 8.91 3.28 2.73
C PHE A 106 10.09 3.33 1.75
N ARG A 107 10.91 4.34 1.85
CA ARG A 107 12.07 4.43 0.94
C ARG A 107 12.89 3.13 1.05
N ALA A 108 12.78 2.46 2.16
CA ALA A 108 13.53 1.19 2.34
C ALA A 108 13.07 0.19 1.27
N TYR A 109 11.80 -0.11 1.25
CA TYR A 109 11.28 -1.07 0.22
C TYR A 109 11.37 -0.42 -1.16
N PHE A 110 11.69 0.85 -1.21
CA PHE A 110 11.77 1.53 -2.53
C PHE A 110 13.23 1.93 -2.80
N LYS A 111 13.94 1.15 -3.54
CA LYS A 111 15.37 1.48 -3.84
C LYS A 111 15.43 2.35 -5.10
N GLN A 112 14.82 3.50 -5.08
CA GLN A 112 14.85 4.39 -6.28
C GLN A 112 14.67 5.84 -5.85
N GLY A 113 13.45 6.29 -5.73
CA GLY A 113 13.20 7.70 -5.31
C GLY A 113 12.04 7.73 -4.33
N LEU A 114 10.93 8.34 -4.73
CA LEU A 114 9.71 8.43 -3.87
C LEU A 114 9.06 9.81 -4.06
N ILE A 115 8.22 9.94 -5.05
CA ILE A 115 7.55 11.26 -5.30
C ILE A 115 6.19 11.26 -4.60
N TYR A 116 5.53 12.39 -4.56
CA TYR A 116 4.20 12.45 -3.91
C TYR A 116 3.37 13.57 -4.55
N LYS A 117 2.16 13.27 -4.95
CA LYS A 117 1.30 14.30 -5.57
C LYS A 117 0.30 14.84 -4.54
N GLN A 118 -0.37 15.92 -4.86
CA GLN A 118 -1.34 16.52 -3.87
C GLN A 118 -2.77 15.97 -4.09
N GLY A 119 -3.56 15.95 -3.05
CA GLY A 119 -4.98 15.47 -3.16
C GLY A 119 -5.04 14.09 -3.82
N GLY A 120 -6.16 13.42 -3.71
CA GLY A 120 -6.28 12.07 -4.32
C GLY A 120 -6.09 12.19 -5.84
N VAL A 121 -7.05 11.74 -6.60
CA VAL A 121 -6.93 11.83 -8.09
C VAL A 121 -7.52 13.16 -8.56
N ALA A 122 -7.77 14.05 -7.65
CA ALA A 122 -8.35 15.37 -8.04
C ALA A 122 -7.27 16.24 -8.66
N SER A 123 -6.07 15.74 -8.77
CA SER A 123 -4.97 16.55 -9.38
C SER A 123 -5.43 17.11 -10.72
N GLY A 124 -6.42 16.51 -11.32
CA GLY A 124 -6.91 17.00 -12.63
C GLY A 124 -7.01 18.52 -12.59
N MET A 125 -7.53 19.07 -11.53
CA MET A 125 -7.65 20.56 -11.44
C MET A 125 -6.29 21.16 -11.07
N LYS A 126 -6.25 22.44 -10.83
CA LYS A 126 -4.96 23.09 -10.47
C LYS A 126 -4.27 22.28 -9.36
N VAL A 1 -11.09 0.11 -4.91
CA VAL A 1 -12.17 -0.39 -4.02
C VAL A 1 -12.14 -1.92 -3.99
N GLU A 2 -12.59 -2.52 -2.93
CA GLU A 2 -12.59 -4.01 -2.83
C GLU A 2 -11.26 -4.55 -3.36
N LEU A 3 -10.17 -4.15 -2.77
CA LEU A 3 -8.84 -4.64 -3.23
C LEU A 3 -8.75 -6.15 -3.03
N SER A 4 -9.65 -6.72 -2.27
CA SER A 4 -9.60 -8.19 -2.03
C SER A 4 -10.17 -8.93 -3.23
N LYS A 5 -9.99 -10.23 -3.28
CA LYS A 5 -10.52 -11.03 -4.42
C LYS A 5 -9.56 -10.93 -5.61
N LYS A 6 -9.46 -9.78 -6.23
CA LYS A 6 -8.56 -9.64 -7.40
C LYS A 6 -7.14 -9.34 -6.93
N VAL A 7 -6.87 -9.52 -5.66
CA VAL A 7 -5.49 -9.24 -5.16
C VAL A 7 -5.15 -10.22 -4.03
N THR A 8 -5.67 -9.99 -2.84
CA THR A 8 -5.38 -10.89 -1.69
C THR A 8 -5.38 -12.36 -2.17
N GLY A 9 -6.13 -12.65 -3.20
CA GLY A 9 -6.18 -14.05 -3.70
C GLY A 9 -4.78 -14.66 -3.70
N LYS A 10 -3.86 -14.06 -4.43
CA LYS A 10 -2.48 -14.63 -4.47
C LYS A 10 -1.45 -13.51 -4.25
N LEU A 11 -1.76 -12.30 -4.64
CA LEU A 11 -0.79 -11.19 -4.47
C LEU A 11 0.43 -11.44 -5.36
N ASP A 12 0.34 -12.42 -6.23
CA ASP A 12 1.48 -12.72 -7.15
C ASP A 12 2.72 -13.15 -6.36
N LYS A 13 3.30 -14.26 -6.73
CA LYS A 13 4.54 -14.73 -6.03
C LYS A 13 5.74 -14.28 -6.84
N THR A 14 6.93 -14.39 -6.31
CA THR A 14 8.12 -13.93 -7.09
C THR A 14 9.39 -14.01 -6.26
N THR A 15 9.61 -13.00 -5.49
CA THR A 15 10.83 -12.92 -4.65
C THR A 15 10.57 -11.86 -3.55
N PRO A 16 11.57 -11.55 -2.75
CA PRO A 16 11.41 -10.58 -1.66
C PRO A 16 11.42 -9.14 -2.19
N GLY A 17 10.30 -8.49 -2.15
CA GLY A 17 10.20 -7.08 -2.64
C GLY A 17 8.94 -6.44 -2.04
N ILE A 18 8.39 -5.44 -2.67
CA ILE A 18 7.16 -4.82 -2.11
C ILE A 18 6.42 -4.02 -3.18
N GLN A 19 5.13 -3.86 -3.01
CA GLN A 19 4.32 -3.07 -3.97
C GLN A 19 3.42 -2.14 -3.15
N ILE A 20 2.45 -1.52 -3.76
CA ILE A 20 1.56 -0.62 -2.98
C ILE A 20 0.21 -0.46 -3.67
N TRP A 21 -0.75 0.03 -2.95
CA TRP A 21 -2.09 0.26 -3.57
C TRP A 21 -2.44 1.73 -3.36
N ARG A 22 -2.60 2.47 -4.42
CA ARG A 22 -2.88 3.93 -4.28
C ARG A 22 -4.34 4.22 -3.94
N ILE A 23 -4.59 4.63 -2.73
CA ILE A 23 -5.99 5.01 -2.36
C ILE A 23 -6.15 6.47 -2.75
N GLU A 24 -6.66 6.73 -3.92
CA GLU A 24 -6.82 8.15 -4.39
C GLU A 24 -7.68 8.91 -3.38
N ASN A 25 -7.09 9.35 -2.30
CA ASN A 25 -7.85 10.09 -1.25
C ASN A 25 -9.23 9.47 -1.00
N MET A 26 -9.50 8.28 -1.47
CA MET A 26 -10.86 7.69 -1.22
C MET A 26 -10.82 6.16 -1.34
N GLU A 27 -10.79 5.63 -2.54
CA GLU A 27 -10.80 4.14 -2.72
C GLU A 27 -9.39 3.58 -2.72
N MET A 28 -9.15 2.53 -3.47
CA MET A 28 -7.79 1.91 -3.51
C MET A 28 -7.49 1.41 -4.91
N VAL A 29 -6.25 1.47 -5.31
CA VAL A 29 -5.86 1.01 -6.66
C VAL A 29 -4.52 0.27 -6.56
N PRO A 30 -4.24 -0.55 -7.53
CA PRO A 30 -2.99 -1.34 -7.57
C PRO A 30 -1.80 -0.45 -7.97
N VAL A 31 -0.69 -0.61 -7.31
CA VAL A 31 0.53 0.19 -7.63
C VAL A 31 1.68 -0.77 -7.95
N PRO A 32 1.91 -0.98 -9.22
CA PRO A 32 2.99 -1.87 -9.71
C PRO A 32 4.35 -1.17 -9.56
N THR A 33 5.32 -1.59 -10.32
CA THR A 33 6.66 -0.95 -10.23
C THR A 33 6.67 0.32 -11.09
N LYS A 34 5.79 0.39 -12.05
CA LYS A 34 5.76 1.59 -12.93
C LYS A 34 4.89 2.68 -12.29
N SER A 35 4.36 2.42 -11.12
CA SER A 35 3.49 3.45 -10.47
C SER A 35 3.92 3.65 -9.01
N TYR A 36 4.52 2.66 -8.40
CA TYR A 36 4.94 2.82 -6.98
C TYR A 36 6.08 3.83 -6.88
N GLY A 37 6.58 4.29 -8.00
CA GLY A 37 7.69 5.28 -7.96
C GLY A 37 7.12 6.69 -7.82
N ASN A 38 5.83 6.82 -7.85
CA ASN A 38 5.21 8.17 -7.72
C ASN A 38 3.80 8.04 -7.13
N PHE A 39 3.64 8.33 -5.87
CA PHE A 39 2.28 8.23 -5.25
C PHE A 39 1.89 9.58 -4.66
N TYR A 40 0.70 10.04 -4.94
CA TYR A 40 0.23 11.35 -4.41
C TYR A 40 0.70 11.53 -2.96
N GLU A 41 0.88 12.75 -2.53
CA GLU A 41 1.32 12.99 -1.13
C GLU A 41 0.11 13.11 -0.23
N GLY A 42 -0.87 13.85 -0.65
CA GLY A 42 -2.09 14.02 0.18
C GLY A 42 -3.01 12.82 -0.05
N ASP A 43 -2.64 11.67 0.41
CA ASP A 43 -3.53 10.48 0.20
C ASP A 43 -3.13 9.32 1.11
N CYS A 44 -3.65 8.14 0.83
CA CYS A 44 -3.31 6.93 1.64
C CYS A 44 -2.83 5.83 0.69
N TYR A 45 -2.08 4.89 1.19
CA TYR A 45 -1.59 3.80 0.31
C TYR A 45 -1.49 2.50 1.12
N VAL A 46 -1.30 1.40 0.46
CA VAL A 46 -1.17 0.11 1.20
C VAL A 46 0.04 -0.65 0.67
N LEU A 47 1.05 -0.81 1.47
CA LEU A 47 2.28 -1.52 0.99
C LEU A 47 2.16 -3.02 1.26
N LEU A 48 2.86 -3.82 0.51
CA LEU A 48 2.82 -5.29 0.73
C LEU A 48 4.20 -5.87 0.39
N SER A 49 5.10 -5.87 1.33
CA SER A 49 6.46 -6.39 1.07
C SER A 49 6.49 -7.89 1.33
N THR A 50 6.76 -8.63 0.30
CA THR A 50 6.82 -10.10 0.41
C THR A 50 8.29 -10.51 0.56
N ARG A 51 8.55 -11.68 1.09
CA ARG A 51 9.96 -12.12 1.26
C ARG A 51 10.03 -13.64 1.44
N LYS A 52 10.66 -14.33 0.53
CA LYS A 52 10.76 -15.80 0.65
C LYS A 52 11.16 -16.17 2.09
N THR A 53 11.15 -17.43 2.41
CA THR A 53 11.52 -17.85 3.80
C THR A 53 11.72 -19.36 3.83
N GLY A 54 12.19 -19.88 4.93
CA GLY A 54 12.40 -21.35 5.04
C GLY A 54 11.07 -22.08 4.80
N SER A 55 9.98 -21.38 4.94
CA SER A 55 8.66 -22.02 4.72
C SER A 55 8.15 -21.68 3.33
N GLY A 56 8.12 -20.43 2.98
CA GLY A 56 7.64 -20.02 1.63
C GLY A 56 7.80 -18.51 1.45
N PHE A 57 6.74 -17.77 1.61
CA PHE A 57 6.83 -16.29 1.45
C PHE A 57 6.46 -15.60 2.76
N SER A 58 6.90 -14.39 2.92
CA SER A 58 6.59 -13.61 4.16
C SER A 58 6.07 -12.24 3.74
N TYR A 59 4.89 -11.87 4.17
CA TYR A 59 4.33 -10.55 3.73
C TYR A 59 4.41 -9.51 4.85
N ASN A 60 4.46 -8.27 4.46
CA ASN A 60 4.52 -7.14 5.42
C ASN A 60 3.59 -6.05 4.92
N ILE A 61 2.38 -6.02 5.39
CA ILE A 61 1.40 -5.00 4.89
C ILE A 61 1.51 -3.70 5.69
N HIS A 62 1.77 -2.61 5.02
CA HIS A 62 1.86 -1.30 5.71
C HIS A 62 0.68 -0.44 5.31
N TYR A 63 0.49 0.65 5.99
CA TYR A 63 -0.62 1.55 5.59
C TYR A 63 -0.14 3.00 5.70
N TRP A 64 0.03 3.62 4.55
CA TRP A 64 0.53 5.03 4.52
C TRP A 64 -0.65 5.98 4.67
N LEU A 65 -0.51 7.00 5.48
CA LEU A 65 -1.62 7.95 5.68
C LEU A 65 -1.21 9.37 5.28
N GLY A 66 -0.88 9.58 4.04
CA GLY A 66 -0.51 10.97 3.60
C GLY A 66 -1.63 11.92 4.03
N LYS A 67 -1.51 12.45 5.23
CA LYS A 67 -2.54 13.34 5.83
C LYS A 67 -3.16 14.29 4.81
N ASN A 68 -4.23 13.87 4.22
CA ASN A 68 -4.94 14.72 3.23
C ASN A 68 -6.35 14.17 3.03
N SER A 69 -6.46 12.88 2.87
CA SER A 69 -7.81 12.28 2.68
C SER A 69 -8.67 12.56 3.92
N SER A 70 -9.68 11.76 4.14
CA SER A 70 -10.55 11.98 5.33
C SER A 70 -10.26 10.91 6.39
N GLN A 71 -10.65 11.17 7.61
CA GLN A 71 -10.39 10.16 8.69
C GLN A 71 -10.87 8.79 8.23
N ASP A 72 -12.08 8.70 7.74
CA ASP A 72 -12.58 7.37 7.27
C ASP A 72 -11.61 6.80 6.25
N GLU A 73 -11.07 7.62 5.40
CA GLU A 73 -10.10 7.11 4.40
C GLU A 73 -8.98 6.40 5.14
N GLN A 74 -8.56 6.93 6.26
CA GLN A 74 -7.49 6.25 7.04
C GLN A 74 -8.00 4.86 7.41
N GLY A 75 -9.27 4.76 7.74
CA GLY A 75 -9.83 3.43 8.10
C GLY A 75 -9.89 2.56 6.84
N ALA A 76 -9.95 3.17 5.69
CA ALA A 76 -10.00 2.37 4.43
C ALA A 76 -8.63 1.77 4.16
N ALA A 77 -7.61 2.59 4.02
CA ALA A 77 -6.25 2.05 3.77
C ALA A 77 -5.96 0.95 4.79
N ALA A 78 -6.40 1.12 6.00
CA ALA A 78 -6.15 0.08 7.04
C ALA A 78 -7.04 -1.13 6.76
N ILE A 79 -8.23 -0.92 6.26
CA ILE A 79 -9.13 -2.07 5.97
C ILE A 79 -8.49 -2.95 4.89
N TYR A 80 -8.03 -2.36 3.81
CA TYR A 80 -7.40 -3.19 2.73
C TYR A 80 -6.21 -3.94 3.34
N THR A 81 -5.45 -3.27 4.17
CA THR A 81 -4.28 -3.94 4.80
C THR A 81 -4.79 -4.99 5.80
N THR A 82 -6.00 -4.84 6.26
CA THR A 82 -6.57 -5.81 7.22
C THR A 82 -7.21 -6.98 6.46
N GLN A 83 -7.49 -6.79 5.19
CA GLN A 83 -8.10 -7.88 4.40
C GLN A 83 -7.01 -8.74 3.77
N MET A 84 -5.92 -8.14 3.37
CA MET A 84 -4.82 -8.92 2.75
C MET A 84 -3.97 -9.56 3.85
N ASP A 85 -4.15 -9.14 5.06
CA ASP A 85 -3.35 -9.73 6.17
C ASP A 85 -3.95 -11.07 6.58
N GLU A 86 -5.25 -11.18 6.57
CA GLU A 86 -5.90 -12.46 6.95
C GLU A 86 -6.06 -13.34 5.70
N TYR A 87 -6.20 -12.72 4.56
CA TYR A 87 -6.35 -13.51 3.29
C TYR A 87 -5.00 -14.07 2.89
N LEU A 88 -3.93 -13.39 3.21
CA LEU A 88 -2.59 -13.87 2.84
C LEU A 88 -2.21 -15.09 3.68
N GLY A 89 -3.06 -15.46 4.61
CA GLY A 89 -2.75 -16.65 5.47
C GLY A 89 -2.28 -16.17 6.85
N SER A 90 -2.68 -14.99 7.24
CA SER A 90 -2.25 -14.47 8.56
C SER A 90 -0.72 -14.49 8.65
N VAL A 91 -0.06 -14.57 7.53
CA VAL A 91 1.43 -14.58 7.54
C VAL A 91 1.95 -13.17 7.28
N ALA A 92 1.10 -12.30 6.81
CA ALA A 92 1.54 -10.90 6.53
C ALA A 92 1.65 -10.13 7.84
N VAL A 93 2.30 -9.01 7.81
CA VAL A 93 2.46 -8.19 9.05
C VAL A 93 1.69 -6.89 8.89
N GLN A 94 1.73 -6.03 9.87
CA GLN A 94 1.02 -4.74 9.76
C GLN A 94 1.96 -3.61 10.19
N HIS A 95 1.98 -2.53 9.45
CA HIS A 95 2.88 -1.41 9.83
C HIS A 95 2.14 -0.08 9.66
N ARG A 96 2.53 0.93 10.39
CA ARG A 96 1.83 2.24 10.27
C ARG A 96 2.75 3.29 9.64
N GLU A 97 2.19 4.17 8.85
CA GLU A 97 3.02 5.23 8.21
C GLU A 97 2.13 6.47 7.97
N VAL A 98 2.73 7.59 7.73
CA VAL A 98 1.94 8.83 7.50
C VAL A 98 2.75 9.81 6.64
N GLN A 99 2.31 11.03 6.51
CA GLN A 99 3.07 12.01 5.67
C GLN A 99 4.36 12.43 6.40
N GLY A 100 4.59 11.89 7.55
CA GLY A 100 5.82 12.23 8.31
C GLY A 100 6.21 11.01 9.15
N HIS A 101 5.72 9.85 8.77
CA HIS A 101 6.03 8.61 9.53
C HIS A 101 6.60 7.56 8.58
N GLU A 102 6.47 7.76 7.30
CA GLU A 102 7.01 6.77 6.32
C GLU A 102 8.45 7.14 5.95
N SER A 103 9.17 7.75 6.86
CA SER A 103 10.57 8.16 6.56
C SER A 103 11.43 6.95 6.13
N GLU A 104 12.59 6.79 6.71
CA GLU A 104 13.47 5.65 6.33
C GLU A 104 12.66 4.38 6.09
N THR A 105 11.50 4.25 6.69
CA THR A 105 10.70 3.01 6.50
C THR A 105 10.21 2.90 5.05
N PHE A 106 9.39 3.82 4.61
CA PHE A 106 8.89 3.74 3.20
C PHE A 106 10.09 3.71 2.26
N ARG A 107 11.03 4.59 2.47
CA ARG A 107 12.24 4.61 1.60
C ARG A 107 12.94 3.25 1.72
N ALA A 108 12.79 2.60 2.84
CA ALA A 108 13.43 1.27 3.01
C ALA A 108 12.89 0.34 1.93
N TYR A 109 11.60 0.37 1.71
CA TYR A 109 11.00 -0.50 0.67
C TYR A 109 11.28 0.12 -0.70
N PHE A 110 11.73 1.34 -0.74
CA PHE A 110 12.02 2.00 -2.04
C PHE A 110 13.46 2.53 -2.04
N LYS A 111 14.34 1.88 -2.73
CA LYS A 111 15.75 2.33 -2.76
C LYS A 111 15.95 3.31 -3.94
N GLN A 112 14.93 4.00 -4.35
CA GLN A 112 15.09 4.96 -5.48
C GLN A 112 13.72 5.37 -6.04
N GLY A 113 13.07 6.33 -5.43
CA GLY A 113 11.75 6.77 -5.94
C GLY A 113 11.06 7.65 -4.89
N LEU A 114 9.88 7.27 -4.47
CA LEU A 114 9.15 8.06 -3.44
C LEU A 114 8.77 9.44 -3.97
N ILE A 115 8.18 9.50 -5.14
CA ILE A 115 7.75 10.81 -5.68
C ILE A 115 6.34 11.08 -5.14
N TYR A 116 5.84 12.29 -5.26
CA TYR A 116 4.49 12.56 -4.74
C TYR A 116 3.76 13.54 -5.66
N LYS A 117 2.61 13.14 -6.15
CA LYS A 117 1.83 14.04 -7.04
C LYS A 117 0.67 14.65 -6.24
N GLN A 118 -0.31 15.20 -6.91
CA GLN A 118 -1.44 15.82 -6.16
C GLN A 118 -2.55 14.78 -5.93
N GLY A 119 -3.43 15.03 -5.00
CA GLY A 119 -4.53 14.06 -4.72
C GLY A 119 -5.50 14.02 -5.91
N GLY A 120 -6.69 13.52 -5.70
CA GLY A 120 -7.66 13.45 -6.83
C GLY A 120 -7.06 12.62 -7.97
N VAL A 121 -7.62 11.47 -8.24
CA VAL A 121 -7.09 10.62 -9.31
C VAL A 121 -7.82 10.98 -10.63
N ALA A 122 -8.03 10.03 -11.49
CA ALA A 122 -8.71 10.34 -12.78
C ALA A 122 -10.22 10.46 -12.55
N SER A 123 -10.66 10.38 -11.32
CA SER A 123 -12.12 10.50 -11.03
C SER A 123 -12.70 11.67 -11.83
N GLY A 124 -12.07 12.81 -11.75
CA GLY A 124 -12.60 13.99 -12.50
C GLY A 124 -12.40 15.26 -11.67
N MET A 125 -13.00 15.32 -10.51
CA MET A 125 -12.85 16.52 -9.65
C MET A 125 -13.18 17.77 -10.46
N LYS A 126 -12.20 18.36 -11.09
CA LYS A 126 -12.47 19.59 -11.90
C LYS A 126 -11.73 19.49 -13.24
#